data_6JPL
#
_entry.id   6JPL
#
_cell.length_a   253.558
_cell.length_b   110.671
_cell.length_c   133.559
_cell.angle_alpha   90.000
_cell.angle_beta   90.010
_cell.angle_gamma   90.000
#
_symmetry.space_group_name_H-M   'C 1 2 1'
#
loop_
_entity.id
_entity.type
_entity.pdbx_description
1 polymer "tRNA (guanosine(34)-2'-O)-methyltransferase non-catalytic subunit TRM734"
2 polymer "tRNA (cytidine(34)/guanosine(34)-2'-O)-methyltransferase"
3 non-polymer '4-(2-HYDROXYETHYL)-1-PIPERAZINE ETHANESULFONIC ACID'
4 non-polymer 'SULFATE ION'
5 non-polymer S-ADENOSYLMETHIONINE
6 water water
#
loop_
_entity_poly.entity_id
_entity_poly.type
_entity_poly.pdbx_seq_one_letter_code
_entity_poly.pdbx_strand_id
1 'polypeptide(L)'
;MKDLSHYGPALCVKFYNDYVLAGYGPFIHVYDYHSATLINKCRLFHYNKVHGLSLSSEGKILAYGARSVTIVELEDVLKK
ESLVDFERINSDWITGATFSFDNLQIYLLTCYNKVLICDLNCEVLFRKSLGGERSILYSGIIKVFGPDKVYVNAGTVMGG
VIIWDLFSETKIHNLLGHEGSIFYVNLSNNGRYVASCSDDRSIRLWDLETGKQLSVGWSHTARIWNLMFFDNDSKLISVS
EDCTCRVWNIIESRENVAELSISNVYEVHLIKSIWGVDVKDDEMIAVTSGNDGRLKLIDLLQLKRHGDEETSFSLDDIAK
QCGDIFEKNESIKGFQWFSFGVIAITSLGKILKYSDVTKQWKLLLTNEKFNSYPITNGIQTQNIAVFSNNKSDILLIKFS
KDSADIIETEEFHLDELSKTNNCLVTEYDDDSFLLTLQSPNPREKFVCLEISLQNLKIKSKHCFNKPENFSSSCLTSFRN
HILVGSRFSTLVIYNLLDESEEPFIIRRLSPGDTTTSIEFVEDKDNSAVFSVTNRDGYYVFIELTKNSLEEGPYRLSYKV
LHSNKMMKGFLEGAFFNSKGEYITYGFKSSLFYLYNETNCYELASEVCGGSHRLWNLAKITDGHVLMYIKASRFHLRKIY
NSIVPETLENGVHGREIRDISICPVSNTNTNDNFKDGHIFCTASEDTTIKLGYFNNRTGKVQNFWTQRKHVSGLQRCQFI
NHKLMISSSAREELFLWELNDKYNKRPYMTIRQALPVSTNNSDLRIMDFDVKFISQSGDFLLVTVYSDSTIKIWHYRENQ
NKFDLIMQGRYKTCCLFNVVFIALKEELLVVISPTDGHLVVYNITEYVPFSVDPISGDLVDHKLDATISNLPAPVAQLPV
HQSGVKSLDYVANATRTSATILTGGDDNGLGLSNLKLDDSNKVTLKTSDFIAAAASSTITSGMLINGGKEVITTSVDQVI
RAWEITAGKLSLVDKKRTTVADTGSLEIISNDEDADSEKTLLIGGVGLSIWKKLEVLFQGPSHHHHHH
;
A,C
2 'polypeptide(L)'
;MGKSSKDKRDLYYRKAKEQGYRARSAFKLLQLNDQFHFLDDPNLKRVVDLCAAPGSWSQVLSRKLFDESPSSDKEDRKIV
SVDLQPMSPIPHVTTLQADITHPKTLARILKLFGNEKADFVCSDGAPDVTGLHDLDEYVQQQLIMSALQLTACILKKGGT
FVAKIFRGRDIDMLYSQLGYLFDKIVCAKPRSSRGTSLEAFIVCLGYNPPSNWTPKLDVNTSVDEFFQGCFLNKLCISDK
LSHWNEEERNIAEFMACGSLQSFDSDATYHDLPSSVAGTSSSLDPVQSPTNPPYKKALELKRSGKLTRSVLEVLFQGPSH
HHHHH
;
B,D
#
# COMPACT_ATOMS: atom_id res chain seq x y z
N MET A 1 -26.79 35.71 -10.14
CA MET A 1 -25.37 35.54 -9.84
C MET A 1 -24.53 35.83 -11.08
N LYS A 2 -23.31 36.33 -10.92
CA LYS A 2 -22.47 36.60 -12.07
C LYS A 2 -21.14 35.87 -11.94
N ASP A 3 -20.73 35.22 -13.02
CA ASP A 3 -19.46 34.51 -13.06
C ASP A 3 -18.35 35.50 -13.31
N LEU A 4 -17.26 35.39 -12.55
CA LEU A 4 -16.15 36.34 -12.55
C LEU A 4 -14.89 35.76 -13.15
N SER A 5 -14.36 34.66 -12.60
CA SER A 5 -13.21 33.98 -13.16
C SER A 5 -13.41 32.47 -13.09
N HIS A 6 -12.59 31.78 -13.89
CA HIS A 6 -12.58 30.33 -13.90
C HIS A 6 -11.17 29.84 -14.19
N TYR A 7 -10.71 28.88 -13.38
CA TYR A 7 -9.47 28.16 -13.66
C TYR A 7 -9.79 26.67 -13.68
N GLY A 8 -9.54 26.02 -14.82
CA GLY A 8 -9.91 24.64 -14.97
C GLY A 8 -9.55 24.09 -16.32
N PRO A 9 -10.04 22.89 -16.63
CA PRO A 9 -9.64 22.20 -17.85
C PRO A 9 -9.68 23.09 -19.09
N ALA A 10 -8.57 23.16 -19.81
CA ALA A 10 -8.42 23.94 -21.03
C ALA A 10 -8.10 22.96 -22.16
N LEU A 11 -9.07 22.74 -23.05
CA LEU A 11 -8.99 21.56 -23.89
C LEU A 11 -8.18 21.76 -25.18
N CYS A 12 -7.96 22.99 -25.64
CA CYS A 12 -7.25 23.19 -26.90
C CYS A 12 -6.55 24.54 -26.89
N VAL A 13 -5.53 24.66 -27.74
CA VAL A 13 -4.80 25.90 -27.92
C VAL A 13 -4.35 26.01 -29.37
N LYS A 14 -4.33 27.24 -29.88
CA LYS A 14 -3.87 27.51 -31.23
C LYS A 14 -2.99 28.75 -31.23
N PHE A 15 -1.85 28.67 -31.91
CA PHE A 15 -1.08 29.85 -32.26
C PHE A 15 -1.72 30.56 -33.46
N TYR A 16 -1.77 31.89 -33.41
CA TYR A 16 -2.32 32.67 -34.53
C TYR A 16 -1.63 34.04 -34.56
N ASN A 17 -0.55 34.15 -35.35
CA ASN A 17 0.13 35.42 -35.58
C ASN A 17 0.30 36.24 -34.30
N ASP A 18 1.10 35.75 -33.36
CA ASP A 18 1.41 36.46 -32.11
C ASP A 18 0.29 36.36 -31.09
N TYR A 19 -0.83 35.74 -31.41
CA TYR A 19 -1.81 35.38 -30.40
C TYR A 19 -1.71 33.90 -30.07
N VAL A 20 -2.08 33.56 -28.84
CA VAL A 20 -2.52 32.22 -28.49
C VAL A 20 -4.01 32.32 -28.21
N LEU A 21 -4.79 31.49 -28.89
CA LEU A 21 -6.21 31.32 -28.56
C LEU A 21 -6.36 29.99 -27.83
N ALA A 22 -6.94 30.03 -26.64
CA ALA A 22 -7.06 28.85 -25.83
C ALA A 22 -8.52 28.59 -25.56
N GLY A 23 -8.96 27.37 -25.87
CA GLY A 23 -10.23 26.88 -25.35
C GLY A 23 -10.07 26.70 -23.85
N TYR A 24 -10.90 27.37 -23.08
CA TYR A 24 -10.66 27.48 -21.64
C TYR A 24 -12.02 27.35 -20.98
N GLY A 25 -12.38 26.14 -20.57
CA GLY A 25 -13.75 25.92 -20.18
C GLY A 25 -14.66 26.25 -21.35
N PRO A 26 -15.76 26.93 -21.11
CA PRO A 26 -16.63 27.36 -22.20
C PRO A 26 -16.19 28.66 -22.87
N PHE A 27 -15.00 29.18 -22.54
CA PHE A 27 -14.52 30.43 -23.12
C PHE A 27 -13.41 30.17 -24.13
N ILE A 28 -13.13 31.20 -24.93
CA ILE A 28 -11.84 31.35 -25.60
C ILE A 28 -11.12 32.49 -24.88
N HIS A 29 -9.85 32.24 -24.54
CA HIS A 29 -8.92 33.24 -24.05
C HIS A 29 -8.00 33.63 -25.19
N VAL A 30 -7.79 34.93 -25.39
CA VAL A 30 -6.83 35.41 -26.39
C VAL A 30 -5.68 36.05 -25.64
N TYR A 31 -4.48 35.53 -25.86
CA TYR A 31 -3.28 36.04 -25.22
C TYR A 31 -2.33 36.62 -26.25
N ASP A 32 -1.66 37.71 -25.88
CA ASP A 32 -0.45 38.12 -26.57
C ASP A 32 0.69 37.33 -25.93
N TYR A 33 1.19 36.32 -26.63
CA TYR A 33 2.00 35.32 -25.92
C TYR A 33 3.43 35.78 -25.65
N HIS A 34 3.96 36.76 -26.40
CA HIS A 34 5.30 37.23 -26.06
C HIS A 34 5.33 37.97 -24.73
N SER A 35 4.27 38.70 -24.41
CA SER A 35 4.19 39.39 -23.11
C SER A 35 3.33 38.65 -22.10
N ALA A 36 2.66 37.55 -22.50
CA ALA A 36 1.78 36.80 -21.62
C ALA A 36 0.62 37.64 -21.13
N THR A 37 0.10 38.53 -21.96
CA THR A 37 -0.99 39.37 -21.51
C THR A 37 -2.31 38.80 -22.01
N LEU A 38 -3.29 38.69 -21.11
CA LEU A 38 -4.61 38.23 -21.48
C LEU A 38 -5.36 39.39 -22.10
N ILE A 39 -5.60 39.31 -23.40
CA ILE A 39 -6.28 40.39 -24.09
C ILE A 39 -7.77 40.38 -23.80
N ASN A 40 -8.41 39.21 -23.89
CA ASN A 40 -9.84 39.13 -23.60
C ASN A 40 -10.23 37.69 -23.31
N LYS A 41 -11.32 37.54 -22.56
CA LYS A 41 -11.99 36.28 -22.28
C LYS A 41 -13.38 36.39 -22.87
N CYS A 42 -13.72 35.51 -23.80
CA CYS A 42 -15.04 35.57 -24.42
C CYS A 42 -15.73 34.22 -24.26
N ARG A 43 -16.89 34.21 -23.64
CA ARG A 43 -17.65 32.97 -23.48
C ARG A 43 -18.29 32.59 -24.82
N LEU A 44 -17.96 31.40 -25.34
CA LEU A 44 -18.57 30.94 -26.58
C LEU A 44 -19.79 30.05 -26.37
N PHE A 45 -19.83 29.22 -25.32
CA PHE A 45 -20.89 28.24 -25.13
C PHE A 45 -21.58 28.46 -23.79
N HIS A 46 -22.86 28.10 -23.71
CA HIS A 46 -23.60 28.30 -22.46
C HIS A 46 -22.98 27.47 -21.33
N TYR A 47 -22.73 26.18 -21.57
CA TYR A 47 -22.13 25.34 -20.55
C TYR A 47 -21.03 24.41 -21.07
N ASN A 48 -21.03 24.02 -22.34
CA ASN A 48 -20.05 23.06 -22.84
C ASN A 48 -18.65 23.68 -22.91
N LYS A 49 -17.65 22.86 -22.66
CA LYS A 49 -16.29 23.33 -22.83
C LYS A 49 -15.96 23.34 -24.34
N VAL A 50 -14.99 24.17 -24.71
CA VAL A 50 -14.49 24.24 -26.08
C VAL A 50 -13.45 23.12 -26.22
N HIS A 51 -13.79 22.09 -26.98
CA HIS A 51 -12.85 20.99 -27.26
C HIS A 51 -11.89 21.28 -28.40
N GLY A 52 -12.29 22.09 -29.36
CA GLY A 52 -11.45 22.36 -30.52
C GLY A 52 -11.79 23.71 -31.12
N LEU A 53 -10.80 24.30 -31.77
CA LEU A 53 -11.02 25.59 -32.43
C LEU A 53 -10.04 25.67 -33.58
N SER A 54 -10.43 26.38 -34.63
CA SER A 54 -9.51 26.72 -35.72
C SER A 54 -9.91 28.05 -36.33
N LEU A 55 -8.94 28.70 -36.98
CA LEU A 55 -9.12 30.03 -37.53
C LEU A 55 -9.00 30.00 -39.05
N SER A 56 -9.91 30.68 -39.73
CA SER A 56 -9.68 30.94 -41.13
C SER A 56 -8.63 32.04 -41.28
N SER A 57 -8.06 32.12 -42.49
CA SER A 57 -7.09 33.18 -42.80
C SER A 57 -7.67 34.57 -42.56
N GLU A 58 -8.98 34.73 -42.75
CA GLU A 58 -9.65 36.02 -42.63
C GLU A 58 -10.23 36.27 -41.24
N GLY A 59 -9.79 35.53 -40.22
CA GLY A 59 -10.19 35.84 -38.85
C GLY A 59 -11.49 35.23 -38.36
N LYS A 60 -12.11 34.31 -39.09
CA LYS A 60 -13.24 33.60 -38.53
C LYS A 60 -12.76 32.45 -37.65
N ILE A 61 -13.43 32.24 -36.52
CA ILE A 61 -13.10 31.16 -35.60
C ILE A 61 -14.22 30.11 -35.65
N LEU A 62 -13.85 28.88 -35.98
CA LEU A 62 -14.74 27.73 -35.84
C LEU A 62 -14.40 26.98 -34.54
N ALA A 63 -15.37 26.88 -33.63
CA ALA A 63 -15.17 26.20 -32.36
C ALA A 63 -16.27 25.19 -32.13
N TYR A 64 -15.92 24.07 -31.50
CA TYR A 64 -16.86 23.00 -31.18
C TYR A 64 -16.52 22.42 -29.81
N GLY A 65 -17.48 21.70 -29.23
CA GLY A 65 -17.26 21.02 -27.97
C GLY A 65 -18.49 20.23 -27.57
N ALA A 66 -18.35 18.90 -27.46
CA ALA A 66 -19.48 18.00 -27.18
C ALA A 66 -20.49 18.21 -28.31
N ARG A 67 -21.71 18.65 -28.05
CA ARG A 67 -22.63 18.85 -29.17
C ARG A 67 -22.70 20.31 -29.63
N SER A 68 -21.85 21.18 -29.08
CA SER A 68 -21.90 22.58 -29.46
C SER A 68 -20.93 22.90 -30.59
N VAL A 69 -21.33 23.83 -31.45
CA VAL A 69 -20.46 24.36 -32.49
C VAL A 69 -20.81 25.83 -32.67
N THR A 70 -19.80 26.63 -33.02
CA THR A 70 -20.08 28.02 -33.31
C THR A 70 -19.07 28.52 -34.34
N ILE A 71 -19.49 29.53 -35.09
CA ILE A 71 -18.61 30.29 -35.96
C ILE A 71 -18.67 31.74 -35.52
N VAL A 72 -17.51 32.31 -35.25
CA VAL A 72 -17.45 33.58 -34.55
C VAL A 72 -16.28 34.38 -35.11
N GLU A 73 -16.37 35.69 -35.03
CA GLU A 73 -15.38 36.59 -35.58
C GLU A 73 -14.29 36.90 -34.55
N LEU A 74 -13.03 36.78 -34.96
CA LEU A 74 -11.92 37.06 -34.05
C LEU A 74 -12.03 38.47 -33.48
N GLU A 75 -12.49 39.42 -34.29
CA GLU A 75 -12.61 40.78 -33.80
C GLU A 75 -13.67 40.88 -32.71
N ASP A 76 -14.73 40.09 -32.79
CA ASP A 76 -15.72 40.12 -31.70
C ASP A 76 -15.16 39.45 -30.45
N VAL A 77 -14.48 38.31 -30.63
CA VAL A 77 -13.90 37.59 -29.50
C VAL A 77 -12.88 38.47 -28.78
N LEU A 78 -12.20 39.35 -29.52
CA LEU A 78 -11.25 40.28 -28.91
C LEU A 78 -11.92 41.29 -27.97
N LYS A 79 -13.20 41.63 -28.18
CA LYS A 79 -13.78 42.72 -27.40
C LYS A 79 -15.08 42.42 -26.67
N LYS A 80 -15.76 41.33 -26.97
CA LYS A 80 -17.03 41.06 -26.32
C LYS A 80 -16.85 40.08 -25.16
N GLU A 81 -17.66 40.28 -24.12
CA GLU A 81 -17.70 39.37 -22.98
C GLU A 81 -18.25 38.00 -23.37
N SER A 82 -19.27 37.96 -24.22
CA SER A 82 -19.94 36.69 -24.51
C SER A 82 -20.51 36.73 -25.92
N LEU A 83 -20.50 35.56 -26.56
CA LEU A 83 -21.07 35.34 -27.89
C LEU A 83 -21.90 34.05 -27.91
N VAL A 84 -22.51 33.71 -26.77
CA VAL A 84 -23.25 32.48 -26.64
C VAL A 84 -24.48 32.40 -27.53
N ASP A 85 -24.96 33.53 -28.06
CA ASP A 85 -26.13 33.47 -28.93
C ASP A 85 -25.81 32.78 -30.26
N PHE A 86 -24.54 32.75 -30.64
CA PHE A 86 -24.16 32.10 -31.88
C PHE A 86 -23.94 30.60 -31.69
N GLU A 87 -24.02 30.12 -30.46
CA GLU A 87 -23.88 28.69 -30.21
C GLU A 87 -25.00 27.91 -30.86
N ARG A 88 -24.65 26.83 -31.56
CA ARG A 88 -25.62 25.88 -32.09
C ARG A 88 -25.35 24.50 -31.50
N ILE A 89 -26.41 23.72 -31.35
CA ILE A 89 -26.35 22.38 -30.76
C ILE A 89 -26.60 21.35 -31.86
N ASN A 90 -25.64 20.46 -32.08
CA ASN A 90 -25.86 19.35 -32.99
C ASN A 90 -26.47 18.17 -32.25
N SER A 91 -27.18 17.31 -32.98
CA SER A 91 -27.83 16.18 -32.34
C SER A 91 -26.82 15.15 -31.80
N ASP A 92 -25.66 15.00 -32.45
CA ASP A 92 -24.61 14.07 -32.05
C ASP A 92 -23.37 14.81 -31.56
N TRP A 93 -22.58 14.13 -30.73
CA TRP A 93 -21.28 14.64 -30.32
C TRP A 93 -20.42 14.99 -31.54
N ILE A 94 -19.78 16.15 -31.49
CA ILE A 94 -18.91 16.63 -32.56
C ILE A 94 -17.48 16.27 -32.22
N THR A 95 -16.90 15.38 -33.00
CA THR A 95 -15.53 14.94 -32.80
C THR A 95 -14.50 15.89 -33.40
N GLY A 96 -14.81 16.49 -34.56
CA GLY A 96 -13.90 17.45 -35.16
C GLY A 96 -14.62 18.44 -36.03
N ALA A 97 -13.92 19.51 -36.39
CA ALA A 97 -14.44 20.56 -37.25
C ALA A 97 -13.28 21.22 -37.98
N THR A 98 -13.44 21.45 -39.29
CA THR A 98 -12.50 22.18 -40.14
C THR A 98 -13.27 23.08 -41.08
N PHE A 99 -12.67 24.21 -41.42
CA PHE A 99 -13.15 25.00 -42.53
C PHE A 99 -12.91 24.27 -43.84
N SER A 100 -13.80 24.47 -44.79
CA SER A 100 -13.50 24.06 -46.16
C SER A 100 -12.31 24.86 -46.65
N PHE A 101 -11.70 24.37 -47.73
CA PHE A 101 -10.50 24.98 -48.28
C PHE A 101 -10.69 26.48 -48.52
N ASP A 102 -11.84 26.88 -49.05
CA ASP A 102 -12.08 28.29 -49.30
C ASP A 102 -12.77 29.01 -48.14
N ASN A 103 -12.99 28.31 -47.02
CA ASN A 103 -13.58 28.90 -45.81
C ASN A 103 -15.02 29.34 -46.04
N LEU A 104 -15.67 28.80 -47.05
CA LEU A 104 -17.08 29.12 -47.31
C LEU A 104 -18.04 28.12 -46.68
N GLN A 105 -17.61 26.89 -46.44
CA GLN A 105 -18.34 25.91 -45.66
C GLN A 105 -17.50 25.49 -44.45
N ILE A 106 -18.15 24.76 -43.52
CA ILE A 106 -17.45 24.03 -42.47
C ILE A 106 -17.80 22.55 -42.60
N TYR A 107 -16.88 21.70 -42.16
CA TYR A 107 -17.07 20.25 -42.15
C TYR A 107 -17.05 19.79 -40.70
N LEU A 108 -18.13 19.12 -40.26
CA LEU A 108 -18.25 18.64 -38.90
C LEU A 108 -18.18 17.12 -38.90
N LEU A 109 -17.21 16.56 -38.19
CA LEU A 109 -17.10 15.11 -38.01
C LEU A 109 -17.83 14.73 -36.73
N THR A 110 -18.86 13.88 -36.83
CA THR A 110 -19.54 13.41 -35.64
C THR A 110 -18.83 12.19 -35.08
N CYS A 111 -19.23 11.79 -33.87
CA CYS A 111 -18.66 10.62 -33.22
C CYS A 111 -19.05 9.32 -33.91
N TYR A 112 -19.98 9.37 -34.85
CA TYR A 112 -20.34 8.18 -35.61
C TYR A 112 -19.75 8.20 -37.01
N ASN A 113 -18.71 9.01 -37.22
CA ASN A 113 -17.95 9.03 -38.47
C ASN A 113 -18.81 9.49 -39.65
N LYS A 114 -19.76 10.39 -39.42
CA LYS A 114 -20.48 11.10 -40.48
C LYS A 114 -19.94 12.51 -40.53
N VAL A 115 -19.83 13.07 -41.74
CA VAL A 115 -19.40 14.44 -41.90
C VAL A 115 -20.60 15.27 -42.34
N LEU A 116 -20.85 16.37 -41.64
CA LEU A 116 -21.91 17.31 -41.98
C LEU A 116 -21.26 18.52 -42.64
N ILE A 117 -21.55 18.74 -43.92
CA ILE A 117 -21.08 19.94 -44.61
C ILE A 117 -22.11 21.03 -44.38
N CYS A 118 -21.69 22.08 -43.69
CA CYS A 118 -22.58 23.15 -43.25
C CYS A 118 -22.20 24.48 -43.88
N ASP A 119 -23.14 25.43 -43.85
CA ASP A 119 -22.84 26.79 -44.26
C ASP A 119 -22.31 27.55 -43.06
N LEU A 120 -21.90 28.81 -43.28
CA LEU A 120 -21.31 29.51 -42.14
C LEU A 120 -22.33 29.99 -41.12
N ASN A 121 -23.60 29.59 -41.20
CA ASN A 121 -24.51 29.67 -40.06
C ASN A 121 -24.61 28.33 -39.36
N CYS A 122 -23.74 27.37 -39.72
CA CYS A 122 -23.74 26.03 -39.15
C CYS A 122 -24.99 25.25 -39.52
N GLU A 123 -25.63 25.58 -40.64
CA GLU A 123 -26.77 24.81 -41.11
C GLU A 123 -26.27 23.78 -42.10
N VAL A 124 -26.79 22.56 -41.96
CA VAL A 124 -26.35 21.44 -42.77
C VAL A 124 -26.80 21.65 -44.22
N LEU A 125 -25.87 21.44 -45.15
CA LEU A 125 -26.15 21.40 -46.58
C LEU A 125 -26.33 19.98 -47.07
N PHE A 126 -25.46 19.07 -46.65
CA PHE A 126 -25.60 17.64 -46.91
C PHE A 126 -24.65 16.89 -46.00
N ARG A 127 -24.70 15.57 -46.07
CA ARG A 127 -23.93 14.68 -45.20
C ARG A 127 -23.17 13.67 -46.04
N LYS A 128 -21.96 13.34 -45.59
CA LYS A 128 -21.20 12.28 -46.21
C LYS A 128 -20.96 11.20 -45.17
N SER A 129 -20.91 9.95 -45.62
CA SER A 129 -20.63 8.84 -44.72
C SER A 129 -20.18 7.64 -45.54
N LEU A 130 -19.57 6.70 -44.85
CA LEU A 130 -19.17 5.47 -45.48
C LEU A 130 -20.33 4.47 -45.52
N GLY A 131 -20.12 3.42 -46.28
CA GLY A 131 -20.97 2.26 -46.19
C GLY A 131 -20.40 1.24 -45.22
N GLY A 132 -21.25 0.33 -44.79
CA GLY A 132 -20.88 -0.68 -43.83
C GLY A 132 -21.44 -0.36 -42.46
N GLU A 133 -20.97 -1.11 -41.47
CA GLU A 133 -21.53 -0.95 -40.14
C GLU A 133 -20.95 0.28 -39.49
N ARG A 134 -21.68 0.80 -38.51
CA ARG A 134 -21.31 2.03 -37.85
C ARG A 134 -19.95 1.90 -37.19
N SER A 135 -19.30 3.05 -37.04
CA SER A 135 -18.09 3.16 -36.23
C SER A 135 -18.35 4.23 -35.18
N ILE A 136 -17.98 3.92 -33.94
CA ILE A 136 -17.97 4.87 -32.85
C ILE A 136 -16.56 5.42 -32.72
N LEU A 137 -16.44 6.74 -32.62
CA LEU A 137 -15.13 7.39 -32.62
C LEU A 137 -14.83 7.99 -31.25
N TYR A 138 -13.57 7.86 -30.83
CA TYR A 138 -13.07 8.65 -29.72
C TYR A 138 -12.22 9.81 -30.17
N SER A 139 -11.89 9.88 -31.46
CA SER A 139 -11.10 10.97 -32.01
C SER A 139 -11.26 10.98 -33.53
N GLY A 140 -10.75 12.04 -34.13
CA GLY A 140 -10.66 12.15 -35.57
C GLY A 140 -10.47 13.59 -36.01
N ILE A 141 -9.91 13.75 -37.20
CA ILE A 141 -9.78 15.05 -37.81
C ILE A 141 -10.11 14.99 -39.28
N ILE A 142 -10.56 16.12 -39.79
CA ILE A 142 -10.75 16.32 -41.22
C ILE A 142 -9.60 17.18 -41.73
N LYS A 143 -8.82 16.63 -42.65
CA LYS A 143 -7.63 17.25 -43.19
C LYS A 143 -7.91 17.69 -44.62
N VAL A 144 -7.85 19.01 -44.85
CA VAL A 144 -8.15 19.62 -46.15
C VAL A 144 -6.83 19.82 -46.89
N PHE A 145 -6.58 19.01 -47.92
CA PHE A 145 -5.38 19.19 -48.72
C PHE A 145 -5.58 20.15 -49.88
N GLY A 146 -6.76 20.14 -50.51
CA GLY A 146 -7.06 21.05 -51.59
C GLY A 146 -8.57 21.24 -51.67
N PRO A 147 -9.04 22.02 -52.64
CA PRO A 147 -10.49 22.30 -52.71
C PRO A 147 -11.35 21.06 -52.72
N ASP A 148 -10.91 20.00 -53.40
CA ASP A 148 -11.67 18.76 -53.56
C ASP A 148 -11.01 17.53 -52.92
N LYS A 149 -9.91 17.70 -52.20
CA LYS A 149 -9.15 16.59 -51.61
C LYS A 149 -9.25 16.73 -50.09
N VAL A 150 -10.28 16.12 -49.51
CA VAL A 150 -10.52 16.22 -48.08
C VAL A 150 -10.51 14.80 -47.50
N TYR A 151 -9.61 14.54 -46.56
CA TYR A 151 -9.50 13.24 -45.92
C TYR A 151 -10.15 13.28 -44.54
N VAL A 152 -11.02 12.31 -44.29
CA VAL A 152 -11.63 12.10 -43.00
C VAL A 152 -10.82 11.01 -42.33
N ASN A 153 -10.27 11.30 -41.15
CA ASN A 153 -9.32 10.45 -40.44
C ASN A 153 -9.91 10.11 -39.09
N ALA A 154 -10.49 8.93 -38.96
CA ALA A 154 -11.36 8.59 -37.84
C ALA A 154 -10.69 7.58 -36.91
N GLY A 155 -10.62 7.91 -35.63
CA GLY A 155 -10.06 6.99 -34.65
C GLY A 155 -11.14 6.27 -33.88
N THR A 156 -11.37 4.99 -34.18
CA THR A 156 -12.48 4.26 -33.59
C THR A 156 -12.16 3.75 -32.18
N VAL A 157 -13.21 3.42 -31.44
CA VAL A 157 -13.04 2.84 -30.11
C VAL A 157 -12.42 1.46 -30.21
N MET A 158 -12.65 0.74 -31.33
CA MET A 158 -12.12 -0.60 -31.54
C MET A 158 -10.65 -0.62 -31.93
N GLY A 159 -10.01 0.54 -32.11
CA GLY A 159 -8.58 0.58 -32.37
C GLY A 159 -8.15 0.59 -33.83
N GLY A 160 -9.08 0.84 -34.76
CA GLY A 160 -8.73 1.09 -36.14
C GLY A 160 -8.77 2.58 -36.42
N VAL A 161 -7.90 3.01 -37.34
CA VAL A 161 -7.89 4.37 -37.85
C VAL A 161 -8.42 4.31 -39.29
N ILE A 162 -9.63 4.81 -39.50
CA ILE A 162 -10.25 4.80 -40.82
C ILE A 162 -9.93 6.12 -41.51
N ILE A 163 -9.25 6.05 -42.65
CA ILE A 163 -8.96 7.21 -43.48
C ILE A 163 -9.78 7.09 -44.76
N TRP A 164 -10.69 8.03 -44.99
CA TRP A 164 -11.54 7.97 -46.16
C TRP A 164 -11.68 9.32 -46.84
N ASP A 165 -11.97 9.28 -48.15
CA ASP A 165 -12.09 10.48 -48.97
C ASP A 165 -13.49 11.06 -48.84
N LEU A 166 -13.57 12.33 -48.44
CA LEU A 166 -14.85 12.92 -48.08
C LEU A 166 -15.83 12.92 -49.26
N PHE A 167 -15.46 13.52 -50.39
CA PHE A 167 -16.48 13.78 -51.40
C PHE A 167 -16.89 12.53 -52.15
N SER A 168 -15.97 11.58 -52.36
CA SER A 168 -16.33 10.32 -52.99
C SER A 168 -16.86 9.29 -52.00
N GLU A 169 -16.85 9.59 -50.69
CA GLU A 169 -17.32 8.65 -49.67
C GLU A 169 -16.66 7.28 -49.83
N THR A 170 -15.34 7.30 -50.02
CA THR A 170 -14.59 6.10 -50.38
C THR A 170 -13.51 5.84 -49.33
N LYS A 171 -13.47 4.63 -48.81
CA LYS A 171 -12.44 4.22 -47.86
C LYS A 171 -11.08 4.15 -48.56
N ILE A 172 -10.09 4.80 -47.97
CA ILE A 172 -8.72 4.76 -48.43
C ILE A 172 -7.90 3.72 -47.66
N HIS A 173 -8.01 3.73 -46.34
CA HIS A 173 -7.22 2.85 -45.50
C HIS A 173 -8.00 2.45 -44.26
N ASN A 174 -7.72 1.25 -43.78
CA ASN A 174 -8.15 0.82 -42.46
C ASN A 174 -6.83 0.45 -41.77
N LEU A 175 -6.27 1.40 -41.02
CA LEU A 175 -5.00 1.20 -40.35
C LEU A 175 -5.25 0.46 -39.04
N LEU A 176 -4.78 -0.80 -38.98
CA LEU A 176 -4.91 -1.68 -37.82
C LEU A 176 -3.53 -1.96 -37.25
N GLY A 177 -3.46 -2.19 -35.95
CA GLY A 177 -2.19 -2.41 -35.28
C GLY A 177 -2.18 -1.95 -33.83
N HIS A 178 -2.89 -0.86 -33.54
CA HIS A 178 -3.07 -0.41 -32.17
C HIS A 178 -3.81 -1.47 -31.36
N GLU A 179 -3.64 -1.43 -30.04
CA GLU A 179 -4.33 -2.38 -29.17
C GLU A 179 -5.53 -1.78 -28.45
N GLY A 180 -5.59 -0.48 -28.26
CA GLY A 180 -6.74 0.06 -27.58
C GLY A 180 -7.55 1.01 -28.44
N SER A 181 -8.40 1.82 -27.82
CA SER A 181 -9.13 2.85 -28.54
C SER A 181 -8.16 3.93 -29.02
N ILE A 182 -8.52 4.57 -30.13
CA ILE A 182 -7.69 5.58 -30.76
C ILE A 182 -8.06 6.94 -30.18
N PHE A 183 -7.14 7.58 -29.46
CA PHE A 183 -7.49 8.88 -28.89
C PHE A 183 -6.96 10.06 -29.68
N TYR A 184 -6.10 9.86 -30.66
CA TYR A 184 -5.87 10.98 -31.56
C TYR A 184 -5.28 10.51 -32.87
N VAL A 185 -5.66 11.22 -33.93
CA VAL A 185 -5.16 11.02 -35.28
C VAL A 185 -4.74 12.37 -35.84
N ASN A 186 -3.59 12.41 -36.51
CA ASN A 186 -3.23 13.60 -37.26
C ASN A 186 -2.49 13.19 -38.53
N LEU A 187 -2.44 14.10 -39.49
CA LEU A 187 -1.78 13.89 -40.77
C LEU A 187 -0.71 14.94 -40.96
N SER A 188 0.42 14.56 -41.52
CA SER A 188 1.45 15.53 -41.87
C SER A 188 0.92 16.50 -42.93
N ASN A 189 1.44 17.73 -42.92
CA ASN A 189 1.00 18.72 -43.91
C ASN A 189 1.35 18.30 -45.33
N ASN A 190 2.52 17.70 -45.54
CA ASN A 190 2.93 17.32 -46.89
C ASN A 190 2.27 16.06 -47.40
N GLY A 191 1.23 15.56 -46.72
CA GLY A 191 0.51 14.39 -47.21
C GLY A 191 1.25 13.07 -47.10
N ARG A 192 2.43 13.03 -46.49
CA ARG A 192 3.14 11.75 -46.45
C ARG A 192 2.63 10.81 -45.37
N TYR A 193 2.18 11.32 -44.21
CA TYR A 193 2.10 10.49 -43.02
C TYR A 193 0.81 10.69 -42.22
N VAL A 194 0.42 9.60 -41.56
CA VAL A 194 -0.55 9.59 -40.48
C VAL A 194 0.18 9.31 -39.18
N ALA A 195 -0.27 9.94 -38.10
CA ALA A 195 0.14 9.59 -36.74
C ALA A 195 -1.11 9.31 -35.91
N SER A 196 -1.09 8.23 -35.17
CA SER A 196 -2.19 7.90 -34.27
C SER A 196 -1.62 7.53 -32.91
N CYS A 197 -2.45 7.69 -31.88
CA CYS A 197 -2.10 7.32 -30.53
C CYS A 197 -3.32 6.74 -29.85
N SER A 198 -3.06 5.90 -28.85
CA SER A 198 -4.09 5.13 -28.18
C SER A 198 -3.86 5.14 -26.66
N ASP A 199 -4.69 4.41 -25.94
CA ASP A 199 -4.40 4.10 -24.55
C ASP A 199 -3.55 2.84 -24.41
N ASP A 200 -3.09 2.23 -25.53
CA ASP A 200 -2.02 1.26 -25.43
C ASP A 200 -0.67 1.91 -25.18
N ARG A 201 -0.63 3.24 -25.06
CA ARG A 201 0.54 4.07 -24.78
C ARG A 201 1.47 4.20 -25.98
N SER A 202 1.11 3.69 -27.15
CA SER A 202 1.99 3.79 -28.30
C SER A 202 1.55 4.91 -29.27
N ILE A 203 2.53 5.46 -29.97
CA ILE A 203 2.30 6.30 -31.14
C ILE A 203 2.69 5.50 -32.38
N ARG A 204 1.83 5.52 -33.40
CA ARG A 204 2.10 4.80 -34.64
C ARG A 204 2.15 5.73 -35.83
N LEU A 205 3.26 5.68 -36.56
CA LEU A 205 3.45 6.45 -37.78
C LEU A 205 3.11 5.57 -38.97
N TRP A 206 2.23 6.06 -39.84
CA TRP A 206 1.74 5.29 -40.98
C TRP A 206 2.05 6.01 -42.27
N ASP A 207 2.26 5.21 -43.31
CA ASP A 207 2.46 5.73 -44.66
C ASP A 207 1.10 6.05 -45.26
N LEU A 208 0.83 7.33 -45.49
CA LEU A 208 -0.50 7.69 -45.99
C LEU A 208 -0.74 7.17 -47.42
N GLU A 209 0.31 7.04 -48.21
CA GLU A 209 0.16 6.49 -49.55
C GLU A 209 -0.11 4.99 -49.51
N THR A 210 0.79 4.22 -48.89
CA THR A 210 0.69 2.77 -48.91
C THR A 210 -0.18 2.17 -47.80
N GLY A 211 -0.54 2.96 -46.78
CA GLY A 211 -1.29 2.43 -45.64
C GLY A 211 -0.51 1.49 -44.73
N LYS A 212 0.80 1.45 -44.86
CA LYS A 212 1.65 0.58 -44.06
C LYS A 212 2.13 1.30 -42.80
N GLN A 213 2.23 0.55 -41.71
CA GLN A 213 2.82 1.07 -40.48
C GLN A 213 4.33 1.16 -40.64
N LEU A 214 4.88 2.32 -40.33
CA LEU A 214 6.31 2.55 -40.48
C LEU A 214 7.08 2.48 -39.17
N SER A 215 6.49 2.95 -38.08
CA SER A 215 7.24 3.06 -36.84
C SER A 215 6.26 3.05 -35.67
N VAL A 216 6.69 2.47 -34.56
CA VAL A 216 5.91 2.48 -33.33
C VAL A 216 6.77 3.12 -32.25
N GLY A 217 6.26 4.18 -31.63
CA GLY A 217 7.02 4.87 -30.61
C GLY A 217 6.45 4.61 -29.24
N TRP A 218 7.28 4.10 -28.32
CA TRP A 218 6.90 3.91 -26.92
C TRP A 218 7.73 4.78 -26.01
N SER A 219 7.13 5.85 -25.48
CA SER A 219 7.82 6.70 -24.52
C SER A 219 6.90 7.16 -23.39
N HIS A 220 5.75 7.72 -23.78
CA HIS A 220 4.75 8.12 -22.80
C HIS A 220 4.42 6.95 -21.86
N THR A 221 4.08 7.30 -20.61
CA THR A 221 3.84 6.32 -19.56
C THR A 221 2.36 6.22 -19.19
N ALA A 222 1.49 6.95 -19.87
CA ALA A 222 0.05 6.80 -19.73
C ALA A 222 -0.60 7.20 -21.05
N ARG A 223 -1.93 7.31 -21.05
CA ARG A 223 -2.68 7.50 -22.29
C ARG A 223 -2.29 8.81 -22.96
N ILE A 224 -2.30 8.80 -24.29
CA ILE A 224 -1.90 9.96 -25.06
C ILE A 224 -3.14 10.62 -25.64
N TRP A 225 -3.27 11.93 -25.45
CA TRP A 225 -4.52 12.61 -25.77
C TRP A 225 -4.46 13.48 -27.03
N ASN A 226 -3.26 13.80 -27.53
CA ASN A 226 -3.16 14.73 -28.65
C ASN A 226 -1.77 14.62 -29.26
N LEU A 227 -1.69 14.82 -30.57
CA LEU A 227 -0.40 14.84 -31.24
C LEU A 227 -0.54 15.58 -32.57
N MET A 228 0.62 15.99 -33.12
CA MET A 228 0.62 16.72 -34.39
C MET A 228 2.03 16.78 -34.94
N PHE A 229 2.13 16.94 -36.25
CA PHE A 229 3.38 17.16 -36.96
C PHE A 229 3.72 18.64 -36.92
N PHE A 230 5.02 18.94 -36.94
CA PHE A 230 5.50 20.32 -36.96
C PHE A 230 6.91 20.34 -37.54
N ASP A 231 7.41 21.55 -37.77
CA ASP A 231 8.72 21.78 -38.39
C ASP A 231 8.81 21.09 -39.76
N ASN A 232 7.90 21.50 -40.65
CA ASN A 232 7.83 20.94 -42.01
C ASN A 232 7.74 19.42 -41.98
N ASP A 233 6.93 18.89 -41.06
CA ASP A 233 6.65 17.47 -40.97
C ASP A 233 7.88 16.65 -40.64
N SER A 234 8.93 17.28 -40.11
CA SER A 234 10.13 16.54 -39.70
C SER A 234 10.07 16.08 -38.25
N LYS A 235 9.11 16.57 -37.47
CA LYS A 235 8.99 16.23 -36.06
C LYS A 235 7.54 16.00 -35.67
N LEU A 236 7.36 15.31 -34.56
CA LEU A 236 6.04 15.04 -34.00
C LEU A 236 6.04 15.44 -32.52
N ILE A 237 4.95 16.04 -32.07
CA ILE A 237 4.80 16.48 -30.69
C ILE A 237 3.56 15.82 -30.13
N SER A 238 3.68 15.26 -28.93
CA SER A 238 2.56 14.57 -28.28
C SER A 238 2.45 15.00 -26.83
N VAL A 239 1.28 14.73 -26.28
CA VAL A 239 0.86 15.33 -25.03
C VAL A 239 -0.06 14.32 -24.37
N SER A 240 0.07 14.12 -23.05
CA SER A 240 -0.41 12.89 -22.43
C SER A 240 -1.00 13.06 -21.02
N GLU A 241 -1.73 12.01 -20.62
CA GLU A 241 -2.14 11.83 -19.23
C GLU A 241 -0.96 11.82 -18.27
N ASP A 242 0.23 11.44 -18.74
CA ASP A 242 1.42 11.44 -17.88
C ASP A 242 1.96 12.85 -17.61
N CYS A 243 1.27 13.90 -18.05
CA CYS A 243 1.67 15.28 -17.82
C CYS A 243 2.95 15.69 -18.54
N THR A 244 3.42 14.91 -19.50
CA THR A 244 4.58 15.30 -20.28
C THR A 244 4.16 15.67 -21.70
N CYS A 245 4.96 16.55 -22.29
CA CYS A 245 4.92 16.88 -23.71
C CYS A 245 6.18 16.28 -24.35
N ARG A 246 6.02 15.46 -25.38
CA ARG A 246 7.16 14.75 -25.96
C ARG A 246 7.32 15.09 -27.42
N VAL A 247 8.56 15.41 -27.79
CA VAL A 247 8.92 15.73 -29.16
C VAL A 247 9.64 14.54 -29.76
N TRP A 248 9.29 14.19 -31.00
CA TRP A 248 9.85 13.05 -31.69
C TRP A 248 10.44 13.54 -33.01
N ASN A 249 11.50 12.89 -33.46
CA ASN A 249 12.04 13.12 -34.78
C ASN A 249 11.45 12.11 -35.74
N ILE A 250 11.06 12.59 -36.92
CA ILE A 250 10.72 11.71 -38.04
C ILE A 250 12.03 11.55 -38.81
N ILE A 251 12.62 10.36 -38.77
CA ILE A 251 13.91 10.13 -39.42
C ILE A 251 13.65 9.33 -40.69
N GLU A 252 13.91 9.94 -41.83
CA GLU A 252 13.60 9.35 -43.14
C GLU A 252 14.87 8.77 -43.74
N SER A 253 14.77 7.52 -44.19
CA SER A 253 15.86 6.86 -44.89
C SER A 253 15.27 6.10 -46.07
N ARG A 254 16.17 5.62 -46.94
CA ARG A 254 15.75 4.79 -48.07
C ARG A 254 15.34 3.39 -47.61
N GLU A 255 16.16 2.76 -46.76
CA GLU A 255 15.97 1.36 -46.43
C GLU A 255 14.77 1.11 -45.51
N ASN A 256 14.38 2.10 -44.72
CA ASN A 256 13.10 2.12 -44.01
C ASN A 256 12.47 3.47 -44.31
N VAL A 257 11.16 3.52 -44.57
CA VAL A 257 10.61 4.79 -45.09
C VAL A 257 10.87 5.92 -44.09
N ALA A 258 10.47 5.73 -42.84
CA ALA A 258 10.62 6.75 -41.81
C ALA A 258 10.41 6.09 -40.46
N GLU A 259 11.04 6.65 -39.44
CA GLU A 259 10.85 6.12 -38.11
C GLU A 259 10.82 7.26 -37.10
N LEU A 260 10.00 7.06 -36.06
CA LEU A 260 9.91 7.95 -34.91
C LEU A 260 11.05 7.70 -33.96
N SER A 261 11.65 8.77 -33.46
CA SER A 261 12.77 8.67 -32.53
C SER A 261 12.58 9.73 -31.46
N ILE A 262 12.51 9.32 -30.18
CA ILE A 262 12.26 10.28 -29.10
C ILE A 262 13.39 11.29 -29.02
N SER A 263 13.02 12.55 -28.82
CA SER A 263 14.00 13.64 -28.84
C SER A 263 14.03 14.43 -27.53
N ASN A 264 12.87 14.81 -26.99
CA ASN A 264 12.81 15.64 -25.79
C ASN A 264 11.55 15.28 -25.01
N VAL A 265 11.65 15.37 -23.68
CA VAL A 265 10.55 15.11 -22.77
C VAL A 265 10.41 16.33 -21.87
N TYR A 266 9.22 16.91 -21.83
CA TYR A 266 8.95 18.09 -21.00
C TYR A 266 7.80 17.77 -20.05
N GLU A 267 8.05 17.87 -18.76
CA GLU A 267 7.03 17.72 -17.73
C GLU A 267 6.47 19.12 -17.43
N VAL A 268 5.20 19.36 -17.78
CA VAL A 268 4.73 20.74 -17.92
C VAL A 268 3.38 21.03 -17.29
N HIS A 269 2.65 20.00 -16.86
CA HIS A 269 1.36 20.22 -16.21
C HIS A 269 1.23 19.39 -14.92
N LEU A 270 0.26 19.76 -14.11
CA LEU A 270 0.01 19.09 -12.86
C LEU A 270 -0.88 17.87 -13.07
N ILE A 271 -0.76 16.92 -12.17
CA ILE A 271 -1.52 15.69 -12.23
C ILE A 271 -3.02 16.03 -12.25
N LYS A 272 -3.74 15.57 -13.29
CA LYS A 272 -3.05 14.86 -14.36
C LYS A 272 -3.16 15.39 -15.82
N SER A 273 -4.20 15.20 -16.60
CA SER A 273 -3.91 15.14 -18.05
C SER A 273 -3.53 16.46 -18.75
N ILE A 274 -2.86 16.33 -19.91
CA ILE A 274 -2.68 17.43 -20.88
C ILE A 274 -3.54 17.17 -22.12
N TRP A 275 -4.37 18.17 -22.49
CA TRP A 275 -5.36 18.04 -23.56
C TRP A 275 -4.97 18.70 -24.88
N GLY A 276 -4.39 19.90 -24.84
CA GLY A 276 -4.15 20.68 -26.04
C GLY A 276 -2.67 20.91 -26.29
N VAL A 277 -2.32 21.11 -27.56
CA VAL A 277 -0.94 21.42 -27.96
C VAL A 277 -0.96 22.11 -29.32
N ASP A 278 -0.04 23.05 -29.51
CA ASP A 278 0.21 23.64 -30.82
C ASP A 278 1.66 24.15 -30.83
N VAL A 279 2.22 24.22 -32.03
CA VAL A 279 3.60 24.61 -32.26
C VAL A 279 3.63 25.80 -33.21
N LYS A 280 4.48 26.78 -32.92
CA LYS A 280 4.75 27.90 -33.81
C LYS A 280 6.08 27.58 -34.49
N ASP A 281 6.01 27.13 -35.75
CA ASP A 281 7.22 26.63 -36.43
C ASP A 281 8.31 27.69 -36.52
N ASP A 282 7.95 28.96 -36.76
CA ASP A 282 8.97 30.00 -36.90
C ASP A 282 9.86 30.06 -35.67
N GLU A 283 9.27 30.20 -34.47
CA GLU A 283 10.07 30.36 -33.27
C GLU A 283 10.41 29.04 -32.58
N MET A 284 9.92 27.91 -33.09
CA MET A 284 10.10 26.62 -32.40
C MET A 284 9.66 26.72 -30.94
N ILE A 285 8.46 27.25 -30.74
CA ILE A 285 7.80 27.33 -29.45
C ILE A 285 6.56 26.43 -29.50
N ALA A 286 6.24 25.78 -28.37
CA ALA A 286 4.99 25.05 -28.26
C ALA A 286 4.12 25.67 -27.17
N VAL A 287 2.81 25.43 -27.27
CA VAL A 287 1.89 25.83 -26.23
C VAL A 287 1.07 24.60 -25.84
N THR A 288 0.91 24.35 -24.53
CA THR A 288 0.13 23.20 -24.07
C THR A 288 -0.96 23.64 -23.11
N SER A 289 -2.11 22.97 -23.15
CA SER A 289 -3.23 23.29 -22.27
C SER A 289 -3.62 22.07 -21.43
N GLY A 290 -3.78 22.28 -20.12
CA GLY A 290 -3.89 21.15 -19.22
C GLY A 290 -5.19 21.01 -18.49
N ASN A 291 -5.43 19.83 -17.91
CA ASN A 291 -6.55 19.67 -17.01
C ASN A 291 -6.46 20.62 -15.84
N ASP A 292 -5.22 20.99 -15.46
CA ASP A 292 -4.97 21.94 -14.38
C ASP A 292 -5.29 23.40 -14.75
N GLY A 293 -5.72 23.71 -15.97
CA GLY A 293 -5.98 25.09 -16.32
C GLY A 293 -4.74 25.89 -16.56
N ARG A 294 -3.60 25.25 -16.60
CA ARG A 294 -2.35 25.88 -16.95
C ARG A 294 -2.22 25.91 -18.46
N LEU A 295 -1.69 27.01 -18.98
CA LEU A 295 -1.27 27.12 -20.38
C LEU A 295 0.24 27.37 -20.35
N LYS A 296 1.00 26.40 -20.84
CA LYS A 296 2.44 26.43 -20.74
C LYS A 296 3.06 26.70 -22.11
N LEU A 297 4.02 27.61 -22.15
CA LEU A 297 4.85 27.85 -23.33
C LEU A 297 6.16 27.11 -23.16
N ILE A 298 6.57 26.38 -24.19
CA ILE A 298 7.74 25.51 -24.12
C ILE A 298 8.72 25.96 -25.18
N ASP A 299 9.94 26.29 -24.76
CA ASP A 299 11.02 26.55 -25.69
C ASP A 299 11.51 25.22 -26.24
N LEU A 300 11.16 24.89 -27.48
CA LEU A 300 11.59 23.61 -28.03
C LEU A 300 13.08 23.56 -28.34
N LEU A 301 13.80 24.68 -28.22
CA LEU A 301 15.23 24.73 -28.48
C LEU A 301 16.01 25.15 -27.25
N GLN A 302 15.55 24.72 -26.08
CA GLN A 302 16.21 25.09 -24.83
C GLN A 302 17.68 24.72 -24.88
N LEU A 303 18.02 23.63 -25.57
CA LEU A 303 19.39 23.17 -25.62
C LEU A 303 20.15 23.69 -26.85
N LYS A 304 19.51 24.47 -27.72
CA LYS A 304 20.15 24.82 -28.99
C LYS A 304 20.04 26.27 -29.42
N ARG A 305 19.15 27.07 -28.84
CA ARG A 305 18.77 28.34 -29.44
C ARG A 305 19.98 29.27 -29.62
N HIS A 306 20.81 29.40 -28.59
CA HIS A 306 21.92 30.34 -28.68
C HIS A 306 23.23 29.70 -29.11
N GLY A 307 23.30 28.37 -29.15
CA GLY A 307 24.45 27.69 -29.70
C GLY A 307 25.56 27.41 -28.72
N ASP A 308 25.47 27.88 -27.48
CA ASP A 308 26.48 27.52 -26.48
C ASP A 308 25.88 26.86 -25.25
N GLU A 309 24.71 26.24 -25.36
CA GLU A 309 24.04 25.70 -24.18
C GLU A 309 24.77 24.50 -23.60
N GLU A 310 25.40 23.67 -24.43
CA GLU A 310 26.02 22.43 -23.98
C GLU A 310 27.44 22.32 -24.52
N THR A 311 28.38 22.03 -23.62
CA THR A 311 29.80 21.90 -23.93
C THR A 311 30.40 20.91 -22.95
N SER A 312 31.38 20.12 -23.42
CA SER A 312 32.05 19.23 -22.50
C SER A 312 33.50 19.05 -22.92
N PHE A 313 34.35 18.77 -21.94
CA PHE A 313 35.78 18.58 -22.15
C PHE A 313 36.24 17.42 -21.30
N SER A 314 36.92 16.47 -21.92
CA SER A 314 37.65 15.49 -21.14
C SER A 314 39.03 16.05 -20.79
N LEU A 315 39.72 15.34 -19.91
CA LEU A 315 41.07 15.74 -19.58
C LEU A 315 41.97 15.74 -20.82
N ASP A 316 41.69 14.87 -21.81
CA ASP A 316 42.49 14.85 -23.03
C ASP A 316 42.25 16.09 -23.88
N ASP A 317 40.98 16.50 -24.03
CA ASP A 317 40.71 17.76 -24.73
C ASP A 317 41.47 18.89 -24.07
N ILE A 318 41.45 18.93 -22.73
CA ILE A 318 42.10 20.02 -22.03
C ILE A 318 43.62 19.96 -22.27
N ALA A 319 44.18 18.75 -22.16
CA ALA A 319 45.61 18.58 -22.41
C ALA A 319 45.99 18.94 -23.85
N LYS A 320 45.06 18.79 -24.81
CA LYS A 320 45.39 19.19 -26.18
C LYS A 320 45.70 20.67 -26.26
N GLN A 321 45.17 21.46 -25.32
CA GLN A 321 45.34 22.91 -25.32
C GLN A 321 46.37 23.40 -24.30
N CYS A 322 46.41 22.80 -23.11
CA CYS A 322 47.43 23.13 -22.11
C CYS A 322 48.72 22.39 -22.33
N GLY A 323 48.72 21.34 -23.15
CA GLY A 323 49.87 20.47 -23.23
C GLY A 323 49.70 19.24 -22.36
N ASP A 324 50.59 18.28 -22.60
CA ASP A 324 50.60 17.01 -21.88
C ASP A 324 51.27 17.27 -20.53
N ILE A 325 50.50 17.81 -19.59
CA ILE A 325 51.02 18.19 -18.28
C ILE A 325 50.44 17.38 -17.15
N PHE A 326 49.41 16.58 -17.37
CA PHE A 326 48.72 15.93 -16.26
C PHE A 326 49.37 14.59 -15.93
N GLU A 327 49.42 14.29 -14.64
CA GLU A 327 50.02 13.08 -14.14
C GLU A 327 49.01 11.94 -14.15
N LYS A 328 49.51 10.73 -13.94
CA LYS A 328 48.63 9.58 -13.81
C LYS A 328 47.66 9.85 -12.66
N ASN A 329 46.37 9.63 -12.93
CA ASN A 329 45.29 9.69 -11.96
C ASN A 329 44.95 11.11 -11.51
N GLU A 330 45.41 12.14 -12.22
CA GLU A 330 45.10 13.52 -11.87
C GLU A 330 43.81 13.95 -12.55
N SER A 331 42.89 14.53 -11.79
CA SER A 331 41.62 14.96 -12.36
C SER A 331 41.22 16.30 -11.76
N ILE A 332 40.23 16.93 -12.38
CA ILE A 332 39.70 18.19 -11.91
C ILE A 332 38.90 17.96 -10.63
N LYS A 333 39.22 18.71 -9.57
CA LYS A 333 38.57 18.52 -8.28
C LYS A 333 37.80 19.74 -7.76
N GLY A 334 37.82 20.86 -8.47
CA GLY A 334 37.04 22.02 -8.08
C GLY A 334 36.95 22.98 -9.24
N PHE A 335 35.91 23.81 -9.24
CA PHE A 335 35.74 24.75 -10.33
C PHE A 335 34.77 25.86 -9.93
N GLN A 336 34.99 27.05 -10.50
CA GLN A 336 34.12 28.19 -10.27
C GLN A 336 33.90 28.88 -11.60
N TRP A 337 32.74 29.50 -11.75
CA TRP A 337 32.44 30.31 -12.92
C TRP A 337 32.61 31.78 -12.56
N PHE A 338 33.32 32.51 -13.41
CA PHE A 338 33.47 33.95 -13.33
C PHE A 338 33.04 34.55 -14.67
N SER A 339 33.11 35.88 -14.75
CA SER A 339 32.70 36.58 -15.97
C SER A 339 33.40 36.02 -17.21
N PHE A 340 34.68 35.69 -17.09
CA PHE A 340 35.47 35.23 -18.21
C PHE A 340 35.30 33.73 -18.50
N GLY A 341 34.79 32.97 -17.55
CA GLY A 341 34.73 31.54 -17.74
C GLY A 341 35.06 30.80 -16.46
N VAL A 342 35.82 29.71 -16.58
CA VAL A 342 36.01 28.79 -15.47
C VAL A 342 37.40 28.95 -14.91
N ILE A 343 37.50 28.89 -13.59
CA ILE A 343 38.73 28.57 -12.91
C ILE A 343 38.50 27.21 -12.29
N ALA A 344 39.44 26.29 -12.52
CA ALA A 344 39.35 24.95 -11.99
C ALA A 344 40.68 24.61 -11.32
N ILE A 345 40.66 23.60 -10.45
CA ILE A 345 41.89 23.13 -9.80
C ILE A 345 41.87 21.60 -9.84
N THR A 346 43.04 21.02 -10.09
CA THR A 346 43.18 19.58 -10.15
C THR A 346 43.55 19.00 -8.80
N SER A 347 43.46 17.67 -8.71
CA SER A 347 43.82 16.91 -7.52
C SER A 347 45.28 17.06 -7.15
N LEU A 348 46.10 17.59 -8.05
CA LEU A 348 47.50 17.88 -7.79
C LEU A 348 47.76 19.38 -7.66
N GLY A 349 46.72 20.19 -7.53
CA GLY A 349 46.90 21.62 -7.32
C GLY A 349 47.25 22.42 -8.55
N LYS A 350 46.96 21.91 -9.75
CA LYS A 350 47.10 22.70 -10.96
C LYS A 350 45.86 23.55 -11.13
N ILE A 351 46.06 24.85 -11.30
CA ILE A 351 44.95 25.79 -11.42
C ILE A 351 44.82 26.15 -12.89
N LEU A 352 43.67 25.84 -13.48
CA LEU A 352 43.41 25.97 -14.90
C LEU A 352 42.34 27.04 -15.13
N LYS A 353 42.40 27.65 -16.30
CA LYS A 353 41.47 28.69 -16.67
C LYS A 353 40.87 28.34 -18.03
N TYR A 354 39.54 28.35 -18.09
CA TYR A 354 38.83 28.17 -19.35
C TYR A 354 38.20 29.49 -19.72
N SER A 355 38.45 29.95 -20.93
CA SER A 355 37.92 31.23 -21.38
C SER A 355 36.62 30.97 -22.15
N ASP A 356 35.52 31.56 -21.66
CA ASP A 356 34.25 31.44 -22.38
C ASP A 356 34.32 32.05 -23.77
N VAL A 357 35.18 33.07 -23.97
CA VAL A 357 35.25 33.75 -25.27
C VAL A 357 36.01 32.90 -26.29
N THR A 358 37.28 32.55 -25.99
CA THR A 358 38.12 31.82 -26.93
C THR A 358 37.91 30.31 -26.92
N LYS A 359 37.22 29.74 -25.93
CA LYS A 359 37.04 28.30 -25.77
C LYS A 359 38.34 27.57 -25.46
N GLN A 360 39.37 28.27 -25.01
CA GLN A 360 40.67 27.65 -24.75
C GLN A 360 40.90 27.45 -23.24
N TRP A 361 41.58 26.36 -22.91
CA TRP A 361 42.07 26.09 -21.57
C TRP A 361 43.55 26.46 -21.49
N LYS A 362 43.98 26.89 -20.30
CA LYS A 362 45.41 27.10 -20.11
C LYS A 362 45.77 26.92 -18.64
N LEU A 363 47.00 26.46 -18.43
CA LEU A 363 47.52 26.36 -17.07
C LEU A 363 47.82 27.75 -16.54
N LEU A 364 47.32 28.07 -15.36
CA LEU A 364 47.62 29.38 -14.78
C LEU A 364 48.72 29.34 -13.75
N LEU A 365 48.77 28.31 -12.91
CA LEU A 365 49.82 28.16 -11.91
C LEU A 365 49.56 26.85 -11.17
N THR A 366 50.57 26.42 -10.43
CA THR A 366 50.51 25.20 -9.64
C THR A 366 50.84 25.57 -8.21
N ASN A 367 50.04 25.07 -7.27
CA ASN A 367 50.33 25.28 -5.85
C ASN A 367 50.25 23.90 -5.18
N GLU A 368 51.43 23.32 -4.94
CA GLU A 368 51.54 21.93 -4.51
C GLU A 368 50.86 21.68 -3.16
N LYS A 369 50.67 22.72 -2.35
CA LYS A 369 49.93 22.56 -1.09
C LYS A 369 48.54 21.98 -1.33
N PHE A 370 47.93 22.30 -2.47
CA PHE A 370 46.57 21.92 -2.74
C PHE A 370 46.46 20.66 -3.60
N ASN A 371 47.48 19.79 -3.53
CA ASN A 371 47.37 18.41 -3.96
C ASN A 371 46.87 17.52 -2.83
N SER A 372 46.38 18.10 -1.76
CA SER A 372 45.90 17.35 -0.60
C SER A 372 44.42 17.66 -0.42
N TYR A 373 43.59 17.11 -1.31
CA TYR A 373 42.13 17.19 -1.28
C TYR A 373 41.67 18.65 -1.31
N PRO A 374 41.92 19.37 -2.40
CA PRO A 374 41.51 20.78 -2.46
C PRO A 374 39.99 20.95 -2.51
N ILE A 375 39.53 22.02 -1.87
CA ILE A 375 38.14 22.45 -1.89
C ILE A 375 38.14 23.80 -2.60
N THR A 376 37.09 24.08 -3.37
CA THR A 376 37.00 25.29 -4.16
C THR A 376 35.77 26.08 -3.73
N ASN A 377 35.95 27.37 -3.54
CA ASN A 377 34.89 28.30 -3.22
C ASN A 377 35.15 29.55 -4.06
N GLY A 378 34.22 30.51 -3.99
CA GLY A 378 34.39 31.72 -4.75
C GLY A 378 33.36 32.78 -4.40
N ILE A 379 33.71 34.02 -4.73
CA ILE A 379 32.77 35.13 -4.75
C ILE A 379 32.62 35.50 -6.22
N GLN A 380 31.58 34.96 -6.88
CA GLN A 380 31.50 35.03 -8.34
C GLN A 380 31.53 36.46 -8.83
N THR A 381 30.73 37.34 -8.22
CA THR A 381 30.58 38.71 -8.69
C THR A 381 31.88 39.49 -8.58
N GLN A 382 32.82 39.04 -7.76
CA GLN A 382 34.08 39.76 -7.60
C GLN A 382 35.27 39.00 -8.12
N ASN A 383 35.05 37.89 -8.84
CA ASN A 383 36.14 37.20 -9.52
C ASN A 383 37.23 36.78 -8.55
N ILE A 384 36.81 36.23 -7.41
CA ILE A 384 37.73 35.78 -6.36
C ILE A 384 37.56 34.28 -6.19
N ALA A 385 38.63 33.54 -6.37
CA ALA A 385 38.64 32.11 -6.13
C ALA A 385 39.22 31.85 -4.76
N VAL A 386 38.68 30.85 -4.09
CA VAL A 386 39.07 30.49 -2.73
C VAL A 386 39.39 29.01 -2.72
N PHE A 387 40.65 28.67 -2.46
CA PHE A 387 41.12 27.30 -2.43
C PHE A 387 41.51 26.96 -1.00
N SER A 388 41.03 25.83 -0.51
CA SER A 388 41.41 25.33 0.79
C SER A 388 41.82 23.87 0.65
N ASN A 389 42.39 23.31 1.71
CA ASN A 389 42.78 21.90 1.71
C ASN A 389 42.50 21.33 3.09
N ASN A 390 42.99 20.12 3.32
CA ASN A 390 42.82 19.44 4.57
C ASN A 390 43.95 19.73 5.56
N LYS A 391 44.88 20.64 5.20
CA LYS A 391 46.03 21.01 6.01
C LYS A 391 45.98 22.47 6.45
N SER A 392 44.78 23.03 6.64
CA SER A 392 44.60 24.38 7.17
C SER A 392 45.24 25.47 6.30
N ASP A 393 45.37 25.24 4.99
CA ASP A 393 45.91 26.25 4.09
C ASP A 393 44.80 26.87 3.24
N ILE A 394 44.97 28.14 2.91
CA ILE A 394 44.01 28.91 2.12
C ILE A 394 44.76 29.66 1.03
N LEU A 395 44.20 29.71 -0.18
CA LEU A 395 44.74 30.50 -1.27
C LEU A 395 43.61 31.32 -1.89
N LEU A 396 43.77 32.63 -1.94
CA LEU A 396 42.80 33.53 -2.53
C LEU A 396 43.43 34.14 -3.77
N ILE A 397 42.67 34.22 -4.85
CA ILE A 397 43.17 34.82 -6.09
C ILE A 397 42.05 35.66 -6.65
N LYS A 398 42.36 36.89 -7.05
CA LYS A 398 41.42 37.78 -7.71
C LYS A 398 41.81 37.95 -9.17
N PHE A 399 40.82 37.97 -10.06
CA PHE A 399 41.03 38.02 -11.50
C PHE A 399 40.41 39.30 -12.08
N SER A 400 41.07 39.88 -13.10
CA SER A 400 40.50 41.00 -13.84
C SER A 400 39.28 40.58 -14.65
N LYS A 401 38.38 41.53 -14.89
CA LYS A 401 37.04 41.28 -15.42
C LYS A 401 37.05 40.44 -16.69
N ASP A 402 37.54 41.02 -17.78
CA ASP A 402 37.63 40.33 -19.06
C ASP A 402 38.98 39.64 -19.23
N SER A 403 40.04 40.31 -18.78
CA SER A 403 41.39 39.85 -19.03
C SER A 403 41.66 38.51 -18.35
N ALA A 404 41.17 38.34 -17.11
CA ALA A 404 41.41 37.18 -16.24
C ALA A 404 42.83 37.14 -15.70
N ASP A 405 43.58 38.24 -15.80
CA ASP A 405 44.90 38.31 -15.20
C ASP A 405 44.79 38.25 -13.69
N ILE A 406 45.76 37.60 -13.07
CA ILE A 406 45.84 37.59 -11.61
C ILE A 406 46.24 38.99 -11.15
N ILE A 407 45.37 39.65 -10.39
CA ILE A 407 45.65 41.00 -9.93
C ILE A 407 45.83 41.08 -8.42
N GLU A 408 45.41 40.07 -7.67
CA GLU A 408 45.69 39.99 -6.23
C GLU A 408 45.77 38.52 -5.85
N THR A 409 46.65 38.21 -4.90
CA THR A 409 46.76 36.85 -4.40
C THR A 409 47.22 36.92 -2.96
N GLU A 410 46.69 36.03 -2.13
CA GLU A 410 47.10 35.92 -0.74
C GLU A 410 46.96 34.47 -0.31
N GLU A 411 47.82 34.07 0.61
CA GLU A 411 47.89 32.71 1.09
C GLU A 411 48.13 32.74 2.58
N PHE A 412 47.51 31.82 3.32
CA PHE A 412 47.86 31.77 4.73
C PHE A 412 47.48 30.40 5.28
N HIS A 413 47.93 30.17 6.49
CA HIS A 413 47.77 28.91 7.20
C HIS A 413 47.20 29.25 8.56
N LEU A 414 46.25 28.45 9.04
CA LEU A 414 45.61 28.72 10.34
C LEU A 414 46.10 27.70 11.35
N ASP A 415 46.98 28.16 12.24
CA ASP A 415 47.55 27.30 13.26
C ASP A 415 46.49 26.78 14.24
N GLU A 416 45.35 27.48 14.38
CA GLU A 416 44.29 27.00 15.27
C GLU A 416 43.71 25.64 14.85
N LEU A 417 43.87 25.24 13.60
CA LEU A 417 43.19 24.08 13.02
C LEU A 417 44.18 22.96 12.70
N SER A 418 43.91 21.74 13.18
CA SER A 418 44.82 20.63 12.92
C SER A 418 44.65 20.18 11.49
N LYS A 419 43.45 19.69 11.23
CA LYS A 419 42.94 19.16 9.99
C LYS A 419 41.74 20.02 9.65
N THR A 420 41.52 20.27 8.37
CA THR A 420 40.39 21.07 7.97
C THR A 420 39.52 20.26 7.02
N ASN A 421 38.21 20.27 7.24
CA ASN A 421 37.31 19.45 6.46
C ASN A 421 36.16 20.25 5.84
N ASN A 422 36.08 21.57 6.07
CA ASN A 422 35.02 22.34 5.46
C ASN A 422 35.34 23.82 5.43
N CYS A 423 35.18 24.41 4.25
CA CYS A 423 35.40 25.83 4.03
C CYS A 423 34.18 26.42 3.36
N LEU A 424 33.57 27.42 3.99
CA LEU A 424 32.42 28.13 3.42
C LEU A 424 32.77 29.60 3.24
N VAL A 425 32.13 30.24 2.26
CA VAL A 425 32.29 31.66 2.00
C VAL A 425 30.93 32.27 1.78
N THR A 426 30.80 33.56 2.10
CA THR A 426 29.59 34.32 1.79
C THR A 426 29.96 35.79 1.71
N GLU A 427 29.11 36.57 1.03
CA GLU A 427 29.32 38.00 0.93
C GLU A 427 29.01 38.67 2.26
N TYR A 428 29.72 39.77 2.54
CA TYR A 428 29.54 40.49 3.80
C TYR A 428 29.05 41.91 3.57
N ASP A 429 29.84 42.76 2.90
CA ASP A 429 29.39 44.10 2.56
C ASP A 429 30.17 44.56 1.34
N ASP A 430 30.10 45.86 1.04
CA ASP A 430 30.69 46.39 -0.17
C ASP A 430 32.20 46.21 -0.23
N ASP A 431 32.86 46.00 0.91
CA ASP A 431 34.32 45.95 0.94
C ASP A 431 34.93 44.61 1.34
N SER A 432 34.14 43.65 1.79
CA SER A 432 34.75 42.43 2.30
C SER A 432 33.78 41.26 2.20
N PHE A 433 34.32 40.06 2.33
CA PHE A 433 33.53 38.85 2.41
C PHE A 433 33.99 38.03 3.60
N LEU A 434 33.21 37.00 3.95
CA LEU A 434 33.51 36.11 5.06
C LEU A 434 33.95 34.75 4.54
N LEU A 435 34.79 34.08 5.34
CA LEU A 435 35.29 32.75 5.06
C LEU A 435 35.34 32.01 6.37
N THR A 436 34.72 30.83 6.44
CA THR A 436 34.75 30.00 7.64
C THR A 436 35.47 28.68 7.37
N LEU A 437 36.15 28.20 8.40
CA LEU A 437 36.95 27.00 8.32
C LEU A 437 36.76 26.24 9.61
N GLN A 438 36.63 24.93 9.50
CA GLN A 438 36.26 24.08 10.60
C GLN A 438 37.16 22.86 10.55
N SER A 439 37.30 22.20 11.69
CA SER A 439 38.07 20.98 11.82
C SER A 439 37.19 19.97 12.49
N PRO A 440 37.52 18.68 12.41
CA PRO A 440 36.74 17.67 13.14
C PRO A 440 37.10 17.54 14.62
N ASN A 441 38.20 18.13 15.11
CA ASN A 441 38.48 18.06 16.57
C ASN A 441 37.40 18.84 17.32
N PRO A 442 36.73 18.22 18.29
CA PRO A 442 35.65 18.93 18.99
C PRO A 442 36.13 20.13 19.80
N ARG A 443 37.39 20.10 20.26
CA ARG A 443 37.91 21.20 21.07
C ARG A 443 38.46 22.35 20.23
N GLU A 444 38.85 22.13 18.98
CA GLU A 444 39.30 23.23 18.15
C GLU A 444 38.14 24.19 17.85
N LYS A 445 38.50 25.35 17.33
CA LYS A 445 37.57 26.45 17.16
C LYS A 445 36.92 26.42 15.78
N PHE A 446 35.75 27.06 15.69
CA PHE A 446 35.14 27.41 14.42
C PHE A 446 35.63 28.80 14.06
N VAL A 447 36.36 28.90 12.95
CA VAL A 447 37.09 30.11 12.57
C VAL A 447 36.37 30.87 11.46
N CYS A 448 36.08 32.13 11.68
CA CYS A 448 35.50 33.00 10.67
C CYS A 448 36.42 34.19 10.41
N LEU A 449 36.84 34.35 9.15
CA LEU A 449 37.72 35.42 8.71
C LEU A 449 36.92 36.43 7.89
N GLU A 450 37.14 37.70 8.16
CA GLU A 450 36.62 38.78 7.32
C GLU A 450 37.75 39.25 6.42
N ILE A 451 37.55 39.19 5.12
CA ILE A 451 38.61 39.32 4.13
C ILE A 451 38.26 40.45 3.17
N SER A 452 39.25 41.26 2.84
CA SER A 452 39.02 42.39 1.96
C SER A 452 38.70 41.93 0.54
N LEU A 453 37.66 42.51 -0.05
CA LEU A 453 37.38 42.31 -1.46
C LEU A 453 38.43 42.97 -2.36
N GLN A 454 39.17 43.95 -1.83
CA GLN A 454 40.07 44.72 -2.69
C GLN A 454 41.44 44.08 -2.84
N ASN A 455 42.02 43.59 -1.75
CA ASN A 455 43.35 43.01 -1.78
C ASN A 455 43.44 41.67 -1.05
N LEU A 456 42.30 41.08 -0.69
CA LEU A 456 42.24 39.73 -0.14
C LEU A 456 43.02 39.58 1.16
N LYS A 457 43.19 40.68 1.89
CA LYS A 457 43.85 40.56 3.17
C LYS A 457 42.81 40.38 4.27
N ILE A 458 43.24 39.74 5.35
CA ILE A 458 42.41 39.48 6.52
C ILE A 458 42.24 40.76 7.31
N LYS A 459 40.98 41.15 7.54
CA LYS A 459 40.61 42.33 8.32
C LYS A 459 40.36 41.98 9.78
N SER A 460 39.81 40.79 10.03
CA SER A 460 39.60 40.34 11.39
C SER A 460 39.36 38.84 11.37
N LYS A 461 39.79 38.17 12.43
CA LYS A 461 39.65 36.75 12.59
C LYS A 461 38.85 36.51 13.86
N HIS A 462 37.84 35.65 13.78
CA HIS A 462 37.00 35.31 14.92
C HIS A 462 37.04 33.81 15.15
N CYS A 463 37.14 33.41 16.41
CA CYS A 463 37.25 32.02 16.79
C CYS A 463 36.14 31.72 17.78
N PHE A 464 35.26 30.78 17.42
CA PHE A 464 34.11 30.41 18.22
C PHE A 464 34.22 28.97 18.69
N ASN A 465 33.63 28.71 19.85
CA ASN A 465 33.48 27.34 20.31
C ASN A 465 32.36 26.64 19.57
N LYS A 466 32.58 25.40 19.22
CA LYS A 466 31.57 24.67 18.47
C LYS A 466 30.59 24.00 19.43
N PRO A 467 29.28 24.18 19.25
CA PRO A 467 28.31 23.39 20.00
C PRO A 467 28.51 21.90 19.72
N GLU A 468 27.76 21.08 20.46
CA GLU A 468 28.09 19.66 20.55
C GLU A 468 27.92 18.94 19.21
N ASN A 469 26.74 18.99 18.62
CA ASN A 469 26.49 18.18 17.43
C ASN A 469 26.44 19.11 16.21
N PHE A 470 27.63 19.52 15.75
CA PHE A 470 27.72 20.64 14.82
C PHE A 470 28.79 20.36 13.77
N SER A 471 28.35 20.33 12.51
CA SER A 471 29.25 20.25 11.36
C SER A 471 28.68 21.23 10.34
N SER A 472 29.43 22.28 10.03
CA SER A 472 28.91 23.39 9.24
C SER A 472 28.68 22.98 7.78
N SER A 473 27.55 23.38 7.22
CA SER A 473 27.23 23.00 5.85
C SER A 473 26.91 24.15 4.92
N CYS A 474 26.48 25.29 5.45
CA CYS A 474 26.26 26.45 4.61
C CYS A 474 26.40 27.69 5.49
N LEU A 475 26.54 28.84 4.85
CA LEU A 475 26.86 30.06 5.57
C LEU A 475 26.19 31.27 4.93
N THR A 476 25.59 32.11 5.76
CA THR A 476 25.11 33.41 5.33
C THR A 476 25.40 34.41 6.44
N SER A 477 25.52 35.69 6.08
CA SER A 477 25.78 36.73 7.06
C SER A 477 24.63 37.71 7.09
N PHE A 478 24.34 38.25 8.26
CA PHE A 478 23.24 39.20 8.40
C PHE A 478 23.63 40.20 9.48
N ARG A 479 23.72 41.46 9.10
CA ARG A 479 24.21 42.50 10.01
C ARG A 479 25.57 42.04 10.58
N ASN A 480 25.70 41.80 11.90
CA ASN A 480 26.93 41.43 12.57
C ASN A 480 26.94 39.98 13.03
N HIS A 481 26.02 39.17 12.48
CA HIS A 481 25.89 37.77 12.84
C HIS A 481 26.16 36.90 11.62
N ILE A 482 26.61 35.70 11.87
CA ILE A 482 26.65 34.67 10.84
C ILE A 482 25.66 33.58 11.22
N LEU A 483 24.87 33.16 10.25
CA LEU A 483 23.97 32.02 10.39
C LEU A 483 24.65 30.84 9.70
N VAL A 484 24.95 29.80 10.47
CA VAL A 484 25.71 28.66 9.95
C VAL A 484 24.79 27.44 9.90
N GLY A 485 24.46 27.02 8.68
CA GLY A 485 23.73 25.76 8.52
C GLY A 485 24.62 24.59 8.95
N SER A 486 23.99 23.62 9.61
CA SER A 486 24.69 22.46 10.13
C SER A 486 23.91 21.18 9.81
N ARG A 487 24.53 20.06 10.14
CA ARG A 487 23.85 18.79 10.07
C ARG A 487 22.73 18.73 11.10
N PHE A 488 21.91 17.67 10.97
CA PHE A 488 20.79 17.38 11.87
C PHE A 488 19.76 18.50 11.87
N SER A 489 19.69 19.24 10.76
CA SER A 489 18.76 20.37 10.62
C SER A 489 19.05 21.48 11.63
N THR A 490 20.27 21.54 12.14
CA THR A 490 20.66 22.57 13.10
C THR A 490 21.13 23.83 12.38
N LEU A 491 20.84 24.97 12.98
CA LEU A 491 21.34 26.26 12.52
C LEU A 491 21.95 26.95 13.73
N VAL A 492 23.22 27.38 13.61
CA VAL A 492 23.96 28.05 14.68
C VAL A 492 24.24 29.50 14.26
N ILE A 493 23.81 30.45 15.07
CA ILE A 493 23.98 31.87 14.80
C ILE A 493 25.05 32.39 15.76
N TYR A 494 26.14 32.92 15.21
CA TYR A 494 27.20 33.52 16.00
C TYR A 494 27.18 35.04 15.82
N ASN A 495 27.81 35.71 16.79
CA ASN A 495 27.90 37.16 16.87
C ASN A 495 29.35 37.53 16.58
N LEU A 496 29.58 38.19 15.44
CA LEU A 496 30.95 38.56 15.07
C LEU A 496 31.56 39.59 16.02
N LEU A 497 30.74 40.29 16.80
CA LEU A 497 31.24 41.29 17.75
C LEU A 497 31.66 40.69 19.08
N ASP A 498 31.30 39.45 19.37
CA ASP A 498 31.57 38.89 20.70
C ASP A 498 31.66 37.37 20.58
N GLU A 499 32.87 36.88 20.36
CA GLU A 499 33.07 35.45 20.18
C GLU A 499 33.02 34.68 21.49
N SER A 500 32.80 35.35 22.61
CA SER A 500 32.52 34.64 23.85
C SER A 500 31.04 34.51 24.13
N GLU A 501 30.20 35.28 23.44
CA GLU A 501 28.76 35.17 23.63
C GLU A 501 28.28 33.78 23.27
N GLU A 502 27.31 33.28 24.01
CA GLU A 502 26.79 31.95 23.71
C GLU A 502 26.07 31.98 22.37
N PRO A 503 26.38 31.06 21.47
CA PRO A 503 25.69 31.05 20.17
C PRO A 503 24.20 30.79 20.35
N PHE A 504 23.41 31.36 19.44
CA PHE A 504 21.98 31.06 19.36
C PHE A 504 21.83 29.83 18.48
N ILE A 505 21.26 28.76 19.05
CA ILE A 505 21.23 27.45 18.42
C ILE A 505 19.78 27.08 18.14
N ILE A 506 19.46 26.88 16.87
CA ILE A 506 18.15 26.37 16.46
C ILE A 506 18.37 24.91 16.10
N ARG A 507 17.77 24.01 16.88
CA ARG A 507 17.95 22.59 16.63
C ARG A 507 16.77 22.07 15.82
N ARG A 508 17.02 20.97 15.08
CA ARG A 508 15.97 20.16 14.48
C ARG A 508 14.89 21.02 13.84
N LEU A 509 15.22 21.72 12.74
CA LEU A 509 14.23 22.51 12.03
C LEU A 509 13.32 21.65 11.17
N SER A 510 13.75 20.44 10.87
CA SER A 510 13.07 19.56 9.93
C SER A 510 13.52 18.15 10.21
N PRO A 511 12.87 17.14 9.64
CA PRO A 511 13.35 15.76 9.82
C PRO A 511 14.68 15.48 9.14
N GLY A 512 15.19 16.39 8.33
CA GLY A 512 16.35 16.10 7.53
C GLY A 512 17.68 16.22 8.28
N ASP A 513 18.77 16.13 7.50
CA ASP A 513 20.09 16.16 8.04
C ASP A 513 20.76 17.44 7.58
N THR A 514 21.48 17.48 6.46
CA THR A 514 22.31 18.62 6.10
C THR A 514 21.51 19.86 5.71
N THR A 515 21.78 20.99 6.36
CA THR A 515 21.25 22.29 5.92
C THR A 515 22.01 22.76 4.68
N THR A 516 21.29 23.04 3.57
CA THR A 516 21.98 23.30 2.31
C THR A 516 22.06 24.77 1.92
N SER A 517 21.17 25.62 2.43
CA SER A 517 21.21 27.04 2.09
C SER A 517 20.45 27.81 3.16
N ILE A 518 20.92 29.03 3.44
CA ILE A 518 20.26 30.01 4.28
C ILE A 518 20.21 31.31 3.49
N GLU A 519 19.03 31.84 3.26
CA GLU A 519 18.90 32.98 2.37
C GLU A 519 17.96 34.00 3.00
N PHE A 520 18.46 35.23 3.15
CA PHE A 520 17.67 36.32 3.68
C PHE A 520 16.54 36.62 2.72
N VAL A 521 15.34 36.86 3.26
CA VAL A 521 14.17 37.11 2.43
C VAL A 521 13.68 38.54 2.56
N GLU A 522 13.40 38.97 3.79
CA GLU A 522 12.76 40.25 4.03
C GLU A 522 12.84 40.54 5.52
N ASP A 523 12.68 41.81 5.87
CA ASP A 523 12.70 42.22 7.27
C ASP A 523 11.59 43.23 7.49
N LYS A 524 11.12 43.30 8.73
CA LYS A 524 10.09 44.25 9.09
C LYS A 524 10.17 44.47 10.59
N ASP A 525 10.04 45.72 11.02
CA ASP A 525 10.16 46.07 12.44
C ASP A 525 11.47 45.51 12.99
N ASN A 526 11.40 44.68 14.02
CA ASN A 526 12.59 44.06 14.60
C ASN A 526 12.73 42.58 14.22
N SER A 527 12.26 42.20 13.04
CA SER A 527 12.30 40.80 12.63
C SER A 527 12.86 40.66 11.22
N ALA A 528 13.63 39.60 11.01
CA ALA A 528 14.12 39.25 9.68
C ALA A 528 13.68 37.82 9.33
N VAL A 529 13.35 37.58 8.07
CA VAL A 529 12.85 36.28 7.62
C VAL A 529 13.92 35.60 6.77
N PHE A 530 14.17 34.32 7.04
CA PHE A 530 15.14 33.57 6.25
C PHE A 530 14.54 32.29 5.70
N SER A 531 14.91 31.99 4.46
CA SER A 531 14.68 30.70 3.84
C SER A 531 15.81 29.76 4.24
N VAL A 532 15.46 28.57 4.70
CA VAL A 532 16.44 27.57 5.11
C VAL A 532 16.07 26.26 4.45
N THR A 533 16.95 25.76 3.59
CA THR A 533 16.66 24.55 2.87
C THR A 533 17.46 23.42 3.47
N ASN A 534 16.95 22.20 3.30
CA ASN A 534 17.57 21.00 3.81
C ASN A 534 17.74 19.99 2.68
N ARG A 535 18.87 19.29 2.66
CA ARG A 535 19.18 18.40 1.54
C ARG A 535 18.05 17.39 1.30
N ASP A 536 17.40 16.92 2.36
CA ASP A 536 16.39 15.87 2.24
C ASP A 536 15.04 16.36 1.73
N GLY A 537 14.94 17.61 1.35
CA GLY A 537 13.78 18.14 0.66
C GLY A 537 13.00 19.16 1.46
N TYR A 538 13.25 19.29 2.75
CA TYR A 538 12.48 20.21 3.57
C TYR A 538 13.01 21.62 3.43
N TYR A 539 12.10 22.59 3.43
CA TYR A 539 12.47 23.97 3.53
C TYR A 539 11.61 24.63 4.58
N VAL A 540 12.23 25.54 5.33
CA VAL A 540 11.61 26.23 6.44
C VAL A 540 11.93 27.71 6.30
N PHE A 541 10.96 28.56 6.61
CA PHE A 541 11.17 30.00 6.72
C PHE A 541 11.11 30.35 8.19
N ILE A 542 12.21 30.92 8.73
CA ILE A 542 12.28 31.29 10.13
C ILE A 542 12.25 32.80 10.24
N GLU A 543 11.73 33.26 11.37
CA GLU A 543 11.67 34.67 11.72
C GLU A 543 12.61 34.90 12.92
N LEU A 544 13.61 35.75 12.72
CA LEU A 544 14.58 36.12 13.74
C LEU A 544 14.21 37.50 14.23
N THR A 545 13.97 37.63 15.54
CA THR A 545 13.57 38.91 16.12
C THR A 545 14.56 39.34 17.19
N LYS A 546 14.95 40.62 17.15
CA LYS A 546 15.76 41.28 18.18
C LYS A 546 14.83 41.94 19.19
N ASN A 547 14.81 41.46 20.42
CA ASN A 547 13.88 42.00 21.42
C ASN A 547 14.51 43.10 22.30
N ARG A 555 19.06 40.39 22.76
CA ARG A 555 18.70 38.97 22.76
C ARG A 555 17.82 38.60 21.57
N LEU A 556 17.97 37.39 21.06
CA LEU A 556 17.20 36.95 19.91
C LEU A 556 16.16 35.92 20.31
N SER A 557 15.10 35.86 19.49
CA SER A 557 14.13 34.78 19.54
C SER A 557 13.81 34.41 18.09
N TYR A 558 13.19 33.25 17.91
CA TYR A 558 12.82 32.84 16.57
C TYR A 558 11.47 32.12 16.58
N LYS A 559 10.81 32.18 15.42
CA LYS A 559 9.57 31.49 15.10
C LYS A 559 9.67 30.91 13.69
N VAL A 560 9.05 29.76 13.48
CA VAL A 560 8.96 29.16 12.15
C VAL A 560 7.70 29.71 11.47
N LEU A 561 7.88 30.40 10.34
CA LEU A 561 6.71 30.93 9.65
C LEU A 561 6.19 29.98 8.59
N HIS A 562 7.07 29.20 7.96
CA HIS A 562 6.71 28.35 6.84
C HIS A 562 7.48 27.07 6.94
N SER A 563 6.81 25.96 6.60
CA SER A 563 7.48 24.67 6.43
C SER A 563 6.79 23.88 5.32
N ASN A 564 7.61 23.17 4.56
CA ASN A 564 7.09 22.39 3.45
C ASN A 564 8.18 21.41 3.03
N LYS A 565 7.80 20.47 2.18
CA LYS A 565 8.73 19.52 1.62
C LYS A 565 8.59 19.53 0.11
N MET A 566 9.73 19.53 -0.60
CA MET A 566 9.69 19.37 -2.05
C MET A 566 9.05 18.03 -2.39
N MET A 567 8.44 17.96 -3.57
CA MET A 567 7.81 16.71 -3.99
C MET A 567 8.81 15.55 -4.02
N LYS A 568 10.01 15.77 -4.51
CA LYS A 568 10.92 14.67 -4.80
C LYS A 568 12.36 15.20 -4.75
N GLY A 569 13.28 14.35 -4.30
CA GLY A 569 14.69 14.55 -4.53
C GLY A 569 15.38 15.45 -3.52
N PHE A 570 16.67 15.63 -3.73
CA PHE A 570 17.49 16.45 -2.84
C PHE A 570 17.27 17.93 -3.14
N LEU A 571 17.16 18.73 -2.09
CA LEU A 571 17.00 20.17 -2.21
C LEU A 571 18.31 20.84 -1.82
N GLU A 572 19.03 21.41 -2.80
CA GLU A 572 20.37 21.90 -2.57
C GLU A 572 20.43 23.41 -2.37
N GLY A 573 19.36 24.13 -2.68
CA GLY A 573 19.33 25.57 -2.47
C GLY A 573 18.03 26.13 -2.99
N ALA A 574 17.75 27.37 -2.58
CA ALA A 574 16.54 28.07 -3.02
C ALA A 574 16.77 29.56 -2.90
N PHE A 575 16.17 30.32 -3.81
CA PHE A 575 16.29 31.78 -3.82
C PHE A 575 15.01 32.35 -4.39
N PHE A 576 14.83 33.65 -4.24
CA PHE A 576 13.70 34.35 -4.83
C PHE A 576 14.16 35.09 -6.07
N ASN A 577 13.38 35.01 -7.14
CA ASN A 577 13.71 35.73 -8.36
C ASN A 577 13.12 37.14 -8.31
N SER A 578 13.30 37.91 -9.39
CA SER A 578 12.84 39.30 -9.34
C SER A 578 11.32 39.41 -9.28
N LYS A 579 10.60 38.37 -9.69
CA LYS A 579 9.14 38.39 -9.60
C LYS A 579 8.63 37.94 -8.23
N GLY A 580 9.52 37.63 -7.29
CA GLY A 580 9.09 37.16 -5.99
C GLY A 580 8.71 35.70 -5.93
N GLU A 581 9.16 34.91 -6.89
CA GLU A 581 8.83 33.49 -6.95
C GLU A 581 9.98 32.68 -6.38
N TYR A 582 9.62 31.67 -5.59
CA TYR A 582 10.59 30.83 -4.89
C TYR A 582 11.12 29.81 -5.89
N ILE A 583 12.40 29.91 -6.20
CA ILE A 583 13.06 29.03 -7.16
C ILE A 583 13.96 28.09 -6.38
N THR A 584 13.94 26.80 -6.75
CA THR A 584 14.66 25.77 -6.02
C THR A 584 15.49 24.96 -6.98
N TYR A 585 16.57 24.35 -6.47
CA TYR A 585 17.37 23.50 -7.30
C TYR A 585 17.89 22.34 -6.45
N GLY A 586 18.19 21.23 -7.13
CA GLY A 586 18.63 20.03 -6.45
C GLY A 586 18.74 18.89 -7.43
N PHE A 587 18.69 17.67 -6.90
CA PHE A 587 18.79 16.47 -7.69
C PHE A 587 17.70 15.47 -7.33
N LYS A 588 17.18 14.81 -8.35
CA LYS A 588 16.26 13.67 -8.28
C LYS A 588 17.06 12.53 -8.88
N SER A 589 17.73 11.75 -8.03
CA SER A 589 18.65 10.69 -8.45
C SER A 589 19.68 11.34 -9.37
N SER A 590 19.79 10.96 -10.63
CA SER A 590 20.88 11.46 -11.44
C SER A 590 20.58 12.79 -12.11
N LEU A 591 19.39 13.36 -11.91
CA LEU A 591 18.91 14.49 -12.67
C LEU A 591 19.02 15.78 -11.86
N PHE A 592 19.72 16.77 -12.39
CA PHE A 592 19.68 18.10 -11.80
C PHE A 592 18.36 18.75 -12.19
N TYR A 593 17.73 19.48 -11.26
CA TYR A 593 16.53 20.24 -11.56
C TYR A 593 16.67 21.68 -11.11
N LEU A 594 16.02 22.58 -11.84
CA LEU A 594 15.74 23.95 -11.44
C LEU A 594 14.23 24.10 -11.49
N TYR A 595 13.59 24.46 -10.37
CA TYR A 595 12.14 24.29 -10.23
C TYR A 595 11.52 25.52 -9.61
N ASN A 596 10.48 26.02 -10.23
CA ASN A 596 9.72 27.15 -9.72
C ASN A 596 8.71 26.58 -8.72
N GLU A 597 9.03 26.69 -7.42
CA GLU A 597 8.20 26.07 -6.38
C GLU A 597 6.95 26.88 -6.07
N THR A 598 6.93 28.17 -6.40
CA THR A 598 5.73 28.97 -6.20
C THR A 598 4.61 28.54 -7.14
N ASN A 599 4.92 28.30 -8.41
CA ASN A 599 3.91 27.94 -9.39
C ASN A 599 4.06 26.51 -9.87
N CYS A 600 4.97 25.74 -9.29
CA CYS A 600 5.03 24.29 -9.47
C CYS A 600 5.24 23.91 -10.93
N TYR A 601 6.33 24.40 -11.52
CA TYR A 601 6.75 23.83 -12.79
C TYR A 601 8.27 23.87 -12.86
N GLU A 602 8.80 22.91 -13.59
CA GLU A 602 10.24 22.80 -13.76
C GLU A 602 10.73 23.81 -14.78
N LEU A 603 11.83 24.49 -14.43
CA LEU A 603 12.45 25.42 -15.38
C LEU A 603 13.48 24.73 -16.27
N ALA A 604 14.18 23.72 -15.77
CA ALA A 604 15.23 23.09 -16.56
C ALA A 604 15.70 21.83 -15.85
N SER A 605 16.38 20.99 -16.60
CA SER A 605 16.87 19.75 -15.99
C SER A 605 18.07 19.28 -16.78
N GLU A 606 18.89 18.44 -16.15
CA GLU A 606 20.15 18.03 -16.74
C GLU A 606 20.57 16.71 -16.10
N VAL A 607 21.03 15.79 -16.93
CA VAL A 607 21.50 14.48 -16.46
C VAL A 607 22.95 14.64 -16.06
N CYS A 608 23.23 14.58 -14.77
CA CYS A 608 24.58 14.64 -14.26
C CYS A 608 25.07 13.25 -13.85
N GLY A 609 26.18 13.21 -13.15
CA GLY A 609 26.81 11.93 -12.86
C GLY A 609 26.25 11.16 -11.68
N GLY A 610 24.98 10.73 -11.78
CA GLY A 610 24.34 9.82 -10.84
C GLY A 610 24.70 10.05 -9.38
N SER A 611 25.95 9.75 -9.04
CA SER A 611 26.50 10.17 -7.74
C SER A 611 26.60 11.69 -7.65
N HIS A 612 26.79 12.37 -8.79
CA HIS A 612 26.94 13.83 -8.90
C HIS A 612 27.78 14.40 -7.76
N ARG A 613 29.00 13.87 -7.65
CA ARG A 613 29.85 14.26 -6.53
C ARG A 613 30.36 15.69 -6.68
N LEU A 614 30.63 16.14 -7.91
CA LEU A 614 31.19 17.48 -8.11
C LEU A 614 30.34 18.26 -9.10
N TRP A 615 29.77 19.37 -8.63
CA TRP A 615 28.90 20.21 -9.44
C TRP A 615 28.89 21.61 -8.84
N ASN A 616 28.49 22.57 -9.64
CA ASN A 616 28.41 23.94 -9.19
C ASN A 616 27.42 24.64 -10.10
N LEU A 617 26.66 25.55 -9.53
CA LEU A 617 25.69 26.36 -10.23
C LEU A 617 26.05 27.82 -10.02
N ALA A 618 25.98 28.62 -11.08
CA ALA A 618 26.28 30.05 -10.93
C ALA A 618 25.27 30.87 -11.71
N LYS A 619 24.92 32.04 -11.19
CA LYS A 619 24.03 32.95 -11.89
C LYS A 619 24.82 33.77 -12.89
N ILE A 620 24.26 33.90 -14.09
CA ILE A 620 24.85 34.69 -15.16
C ILE A 620 23.74 35.56 -15.72
N THR A 621 24.13 36.61 -16.45
CA THR A 621 23.12 37.46 -17.03
C THR A 621 22.34 36.65 -18.06
N ASP A 622 21.03 36.58 -17.86
CA ASP A 622 20.08 35.83 -18.68
C ASP A 622 20.08 34.34 -18.38
N GLY A 623 20.50 33.93 -17.19
CA GLY A 623 20.32 32.54 -16.79
C GLY A 623 21.28 32.03 -15.72
N HIS A 624 21.69 30.78 -15.90
CA HIS A 624 22.62 30.13 -15.01
C HIS A 624 23.57 29.30 -15.84
N VAL A 625 24.73 29.01 -15.26
CA VAL A 625 25.65 28.01 -15.75
C VAL A 625 25.75 26.91 -14.72
N LEU A 626 25.59 25.67 -15.16
CA LEU A 626 25.75 24.49 -14.34
C LEU A 626 27.03 23.80 -14.79
N MET A 627 27.94 23.58 -13.85
CA MET A 627 29.20 22.88 -14.08
C MET A 627 29.15 21.56 -13.34
N TYR A 628 29.63 20.48 -13.97
CA TYR A 628 29.64 19.20 -13.28
C TYR A 628 30.56 18.23 -14.02
N ILE A 629 30.99 17.21 -13.28
CA ILE A 629 31.81 16.14 -13.82
C ILE A 629 30.92 14.94 -14.05
N LYS A 630 30.93 14.40 -15.27
CA LYS A 630 30.19 13.18 -15.56
C LYS A 630 31.04 12.32 -16.48
N ALA A 631 31.26 11.08 -16.08
CA ALA A 631 31.94 10.07 -16.89
C ALA A 631 33.24 10.64 -17.46
N SER A 632 34.10 11.10 -16.55
CA SER A 632 35.44 11.59 -16.89
C SER A 632 35.37 12.78 -17.85
N ARG A 633 34.27 13.51 -17.84
CA ARG A 633 34.13 14.73 -18.61
C ARG A 633 33.71 15.88 -17.71
N PHE A 634 34.26 17.06 -17.98
CA PHE A 634 33.79 18.31 -17.38
C PHE A 634 32.76 18.92 -18.32
N HIS A 635 31.53 19.11 -17.83
CA HIS A 635 30.40 19.62 -18.62
C HIS A 635 30.03 21.04 -18.21
N LEU A 636 29.70 21.86 -19.20
CA LEU A 636 29.13 23.19 -18.97
C LEU A 636 27.75 23.23 -19.60
N ARG A 637 26.73 23.41 -18.79
CA ARG A 637 25.37 23.56 -19.28
C ARG A 637 24.91 24.97 -18.97
N LYS A 638 24.58 25.73 -20.01
CA LYS A 638 24.04 27.06 -19.83
C LYS A 638 22.53 26.97 -19.86
N ILE A 639 21.88 27.54 -18.86
CA ILE A 639 20.44 27.44 -18.70
C ILE A 639 19.91 28.85 -18.92
N TYR A 640 19.46 29.13 -20.13
CA TYR A 640 19.03 30.48 -20.47
C TYR A 640 17.59 30.68 -20.03
N ASN A 641 17.28 31.91 -19.65
CA ASN A 641 15.88 32.27 -19.46
C ASN A 641 15.12 32.01 -20.75
N SER A 642 13.89 31.52 -20.61
CA SER A 642 13.12 31.15 -21.79
C SER A 642 12.95 32.36 -22.69
N ILE A 643 12.97 32.10 -24.00
CA ILE A 643 12.70 33.17 -24.96
C ILE A 643 11.27 33.70 -24.86
N VAL A 644 10.33 32.95 -24.28
CA VAL A 644 8.98 33.48 -24.04
C VAL A 644 8.63 33.26 -22.57
N PRO A 645 7.57 33.87 -22.04
CA PRO A 645 7.16 33.56 -20.67
C PRO A 645 6.89 32.07 -20.48
N GLU A 646 7.05 31.61 -19.25
CA GLU A 646 6.89 30.19 -18.96
C GLU A 646 5.44 29.76 -19.11
N THR A 647 4.50 30.61 -18.65
CA THR A 647 3.09 30.29 -18.67
C THR A 647 2.26 31.48 -19.15
N LEU A 648 1.10 31.18 -19.74
CA LEU A 648 0.06 32.17 -19.97
C LEU A 648 -0.98 32.16 -18.86
N GLU A 649 -1.18 31.01 -18.21
CA GLU A 649 -1.87 30.89 -16.94
C GLU A 649 -1.08 29.90 -16.08
N ASN A 650 -0.92 30.20 -14.80
CA ASN A 650 -0.17 29.28 -13.97
C ASN A 650 -0.94 27.99 -13.68
N GLY A 651 -2.26 28.08 -13.52
CA GLY A 651 -3.11 26.93 -13.29
C GLY A 651 -3.32 26.65 -11.81
N VAL A 652 -4.26 25.74 -11.55
CA VAL A 652 -4.55 25.29 -10.20
C VAL A 652 -4.36 23.78 -10.16
N HIS A 653 -5.03 23.09 -9.25
CA HIS A 653 -4.97 21.63 -9.21
C HIS A 653 -5.48 21.04 -10.52
N GLY A 654 -4.91 19.89 -10.89
CA GLY A 654 -5.38 19.12 -12.02
C GLY A 654 -6.22 17.93 -11.64
N ARG A 655 -6.65 17.83 -10.38
CA ARG A 655 -7.61 16.83 -9.88
C ARG A 655 -8.66 17.55 -9.06
N GLU A 656 -9.63 16.76 -8.59
CA GLU A 656 -10.77 17.28 -7.85
C GLU A 656 -10.36 18.15 -6.66
N ILE A 657 -11.09 19.25 -6.49
CA ILE A 657 -10.95 20.16 -5.36
C ILE A 657 -12.07 19.79 -4.40
N ARG A 658 -11.72 19.11 -3.31
CA ARG A 658 -12.67 18.59 -2.31
C ARG A 658 -13.07 19.64 -1.27
N ASP A 659 -12.27 20.67 -1.05
CA ASP A 659 -12.67 21.69 -0.10
C ASP A 659 -11.93 22.98 -0.43
N ILE A 660 -12.50 24.08 0.04
CA ILE A 660 -12.00 25.43 -0.18
C ILE A 660 -12.23 26.19 1.12
N SER A 661 -11.26 27.02 1.54
CA SER A 661 -11.48 27.86 2.72
C SER A 661 -10.82 29.21 2.50
N ILE A 662 -11.57 30.27 2.78
CA ILE A 662 -11.08 31.63 2.73
C ILE A 662 -10.67 32.06 4.14
N CYS A 663 -9.53 32.72 4.24
CA CYS A 663 -9.05 33.21 5.52
C CYS A 663 -9.97 34.31 5.99
N PRO A 664 -10.59 34.19 7.15
CA PRO A 664 -11.60 35.18 7.55
C PRO A 664 -11.00 36.54 7.85
N VAL A 665 -11.81 37.57 7.62
CA VAL A 665 -11.44 38.94 7.95
C VAL A 665 -11.21 39.05 9.45
N SER A 666 -10.29 39.94 9.84
CA SER A 666 -9.85 40.05 11.21
C SER A 666 -9.63 41.52 11.56
N ASN A 667 -9.50 41.78 12.87
CA ASN A 667 -9.00 43.05 13.37
C ASN A 667 -7.48 43.09 13.47
N THR A 668 -6.79 41.98 13.19
CA THR A 668 -5.34 41.95 13.29
C THR A 668 -4.74 42.71 12.11
N ASN A 669 -3.41 42.78 12.07
CA ASN A 669 -2.73 43.59 11.05
C ASN A 669 -2.31 42.73 9.86
N THR A 670 -3.30 42.36 9.06
CA THR A 670 -3.03 41.74 7.76
C THR A 670 -2.42 42.78 6.84
N ASN A 671 -1.41 42.38 6.07
CA ASN A 671 -0.60 43.32 5.31
C ASN A 671 -1.44 43.99 4.22
N ASP A 672 -1.08 45.24 3.91
CA ASP A 672 -1.87 46.06 2.98
C ASP A 672 -1.87 45.50 1.56
N ASN A 673 -0.88 44.70 1.18
CA ASN A 673 -0.86 44.15 -0.18
C ASN A 673 -2.07 43.27 -0.45
N PHE A 674 -2.57 42.60 0.58
CA PHE A 674 -3.69 41.69 0.44
C PHE A 674 -5.04 42.40 0.50
N LYS A 675 -5.04 43.74 0.59
CA LYS A 675 -6.25 44.50 0.88
C LYS A 675 -7.31 44.39 -0.22
N ASP A 676 -6.90 44.15 -1.46
CA ASP A 676 -7.84 44.10 -2.57
C ASP A 676 -8.42 42.71 -2.80
N GLY A 677 -8.18 41.77 -1.90
CA GLY A 677 -8.60 40.41 -2.11
C GLY A 677 -8.60 39.61 -0.87
N HIS A 678 -8.36 38.30 -1.02
CA HIS A 678 -8.43 37.38 0.10
C HIS A 678 -7.45 36.25 -0.11
N ILE A 679 -6.84 35.82 0.98
CA ILE A 679 -6.03 34.62 1.03
C ILE A 679 -6.96 33.42 1.18
N PHE A 680 -6.68 32.33 0.46
CA PHE A 680 -7.54 31.16 0.57
C PHE A 680 -6.75 29.90 0.24
N CYS A 681 -7.36 28.77 0.58
CA CYS A 681 -6.82 27.44 0.41
C CYS A 681 -7.74 26.60 -0.46
N THR A 682 -7.15 25.75 -1.29
CA THR A 682 -7.86 24.67 -1.97
C THR A 682 -7.22 23.36 -1.55
N ALA A 683 -8.05 22.35 -1.37
CA ALA A 683 -7.61 21.04 -0.91
C ALA A 683 -8.09 19.99 -1.90
N SER A 684 -7.16 19.20 -2.42
CA SER A 684 -7.42 18.43 -3.61
C SER A 684 -7.17 16.94 -3.38
N GLU A 685 -7.80 16.13 -4.25
CA GLU A 685 -7.51 14.71 -4.28
C GLU A 685 -6.07 14.44 -4.72
N ASP A 686 -5.36 15.44 -5.27
CA ASP A 686 -3.95 15.25 -5.58
C ASP A 686 -3.05 15.25 -4.32
N THR A 687 -3.64 15.36 -3.14
CA THR A 687 -3.06 15.26 -1.80
C THR A 687 -2.37 16.56 -1.37
N THR A 688 -2.52 17.65 -2.10
CA THR A 688 -1.88 18.90 -1.75
C THR A 688 -2.92 19.91 -1.28
N ILE A 689 -2.45 20.88 -0.49
CA ILE A 689 -3.21 22.08 -0.15
C ILE A 689 -2.50 23.23 -0.82
N LYS A 690 -3.21 24.01 -1.63
CA LYS A 690 -2.63 25.17 -2.31
C LYS A 690 -3.16 26.44 -1.66
N LEU A 691 -2.23 27.30 -1.25
CA LEU A 691 -2.52 28.54 -0.57
C LEU A 691 -2.25 29.67 -1.56
N GLY A 692 -3.27 30.45 -1.84
CA GLY A 692 -3.15 31.49 -2.81
C GLY A 692 -3.97 32.70 -2.41
N TYR A 693 -4.32 33.51 -3.40
CA TYR A 693 -5.04 34.75 -3.19
C TYR A 693 -5.89 35.01 -4.42
N PHE A 694 -7.03 35.68 -4.21
CA PHE A 694 -7.81 36.16 -5.34
C PHE A 694 -8.17 37.62 -5.14
N ASN A 695 -8.22 38.35 -6.26
CA ASN A 695 -8.65 39.73 -6.25
C ASN A 695 -10.17 39.82 -6.20
N ASN A 696 -10.68 40.68 -5.30
CA ASN A 696 -12.12 40.78 -5.08
C ASN A 696 -12.85 41.29 -6.31
N ARG A 697 -12.22 42.18 -7.06
CA ARG A 697 -12.90 42.78 -8.21
C ARG A 697 -12.88 41.85 -9.42
N THR A 698 -11.73 41.28 -9.72
CA THR A 698 -11.50 40.54 -10.95
C THR A 698 -11.57 39.03 -10.80
N GLY A 699 -11.53 38.51 -9.56
CA GLY A 699 -11.46 37.07 -9.35
C GLY A 699 -10.17 36.44 -9.84
N LYS A 700 -9.19 37.24 -10.22
CA LYS A 700 -7.89 36.72 -10.64
C LYS A 700 -7.22 36.03 -9.46
N VAL A 701 -6.61 34.88 -9.73
CA VAL A 701 -6.07 34.03 -8.67
C VAL A 701 -4.56 34.00 -8.82
N GLN A 702 -3.85 34.12 -7.69
CA GLN A 702 -2.41 33.93 -7.68
C GLN A 702 -2.06 32.85 -6.67
N ASN A 703 -1.06 32.05 -7.02
CA ASN A 703 -0.53 31.01 -6.14
C ASN A 703 0.59 31.55 -5.27
N PHE A 704 0.65 31.01 -4.06
CA PHE A 704 1.83 31.19 -3.22
C PHE A 704 2.53 29.87 -2.98
N TRP A 705 1.83 28.90 -2.40
CA TRP A 705 2.47 27.69 -1.90
C TRP A 705 1.60 26.47 -2.19
N THR A 706 2.25 25.33 -2.36
CA THR A 706 1.61 24.03 -2.49
C THR A 706 2.14 23.19 -1.33
N GLN A 707 1.33 23.01 -0.28
CA GLN A 707 1.75 22.26 0.91
C GLN A 707 1.58 20.75 0.70
N ARG A 708 2.63 19.97 1.00
CA ARG A 708 2.64 18.56 0.60
C ARG A 708 2.64 17.55 1.75
N LYS A 709 2.41 17.96 2.99
CA LYS A 709 2.49 17.01 4.09
C LYS A 709 1.53 15.82 3.92
N HIS A 710 0.29 16.06 3.48
CA HIS A 710 -0.68 14.96 3.43
C HIS A 710 -0.22 13.85 2.49
N VAL A 711 -0.43 12.62 2.94
CA VAL A 711 -0.08 11.44 2.16
C VAL A 711 -1.18 11.00 1.18
N SER A 712 -2.43 11.35 1.42
CA SER A 712 -3.50 10.90 0.55
C SER A 712 -4.43 12.06 0.30
N GLY A 713 -5.49 11.78 -0.47
CA GLY A 713 -6.31 12.87 -0.99
C GLY A 713 -7.01 13.63 0.13
N LEU A 714 -7.04 14.95 0.00
CA LEU A 714 -7.64 15.80 1.02
C LEU A 714 -9.16 15.61 1.07
N GLN A 715 -9.71 15.76 2.26
CA GLN A 715 -11.15 15.73 2.46
C GLN A 715 -11.67 17.10 2.84
N ARG A 716 -11.02 17.75 3.79
CA ARG A 716 -11.47 19.00 4.38
C ARG A 716 -10.29 19.92 4.58
N CYS A 717 -10.56 21.22 4.48
CA CYS A 717 -9.66 22.26 4.99
C CYS A 717 -10.57 23.40 5.42
N GLN A 718 -10.26 23.97 6.57
CA GLN A 718 -11.10 25.06 7.03
C GLN A 718 -10.24 25.99 7.86
N PHE A 719 -10.25 27.27 7.52
CA PHE A 719 -9.71 28.27 8.41
C PHE A 719 -10.65 28.38 9.61
N ILE A 720 -10.18 27.94 10.77
CA ILE A 720 -11.01 28.03 11.97
C ILE A 720 -10.95 29.39 12.63
N ASN A 721 -9.96 30.22 12.30
CA ASN A 721 -10.00 31.65 12.62
C ASN A 721 -9.02 32.36 11.68
N HIS A 722 -8.62 33.59 12.04
CA HIS A 722 -7.80 34.40 11.14
C HIS A 722 -6.40 33.86 10.93
N LYS A 723 -5.88 33.02 11.83
CA LYS A 723 -4.52 32.51 11.65
C LYS A 723 -4.37 31.01 11.81
N LEU A 724 -5.44 30.27 12.06
CA LEU A 724 -5.38 28.82 12.22
C LEU A 724 -6.23 28.15 11.16
N MET A 725 -5.76 26.99 10.71
CA MET A 725 -6.41 26.25 9.64
C MET A 725 -6.22 24.77 9.91
N ILE A 726 -7.29 23.99 9.75
CA ILE A 726 -7.25 22.56 9.97
C ILE A 726 -7.59 21.87 8.65
N SER A 727 -6.83 20.85 8.32
CA SER A 727 -7.06 20.03 7.17
C SER A 727 -7.08 18.57 7.57
N SER A 728 -7.77 17.73 6.82
CA SER A 728 -7.79 16.33 7.09
C SER A 728 -7.94 15.55 5.82
N SER A 729 -7.45 14.34 5.79
CA SER A 729 -7.46 13.54 4.57
C SER A 729 -7.99 12.12 4.72
N ALA A 730 -7.11 11.25 5.21
CA ALA A 730 -7.37 9.84 5.55
C ALA A 730 -6.11 9.42 6.23
N ARG A 731 -6.03 8.19 6.68
CA ARG A 731 -5.01 7.80 7.64
C ARG A 731 -4.98 8.78 8.77
N GLU A 732 -6.15 9.23 9.14
CA GLU A 732 -6.30 10.02 10.33
C GLU A 732 -5.36 11.16 10.31
N GLU A 733 -5.00 11.56 9.13
CA GLU A 733 -4.28 12.77 8.99
C GLU A 733 -5.18 13.94 9.27
N LEU A 734 -4.98 14.59 10.41
CA LEU A 734 -5.57 15.86 10.65
C LEU A 734 -4.45 16.74 11.13
N PHE A 735 -4.30 17.91 10.50
CA PHE A 735 -3.19 18.83 10.78
C PHE A 735 -3.73 20.20 11.14
N LEU A 736 -3.23 20.77 12.21
CA LEU A 736 -3.50 22.16 12.54
C LEU A 736 -2.35 23.00 11.97
N TRP A 737 -2.69 24.00 11.18
CA TRP A 737 -1.72 24.87 10.54
C TRP A 737 -1.82 26.28 11.11
N GLU A 738 -0.70 26.99 11.09
CA GLU A 738 -0.70 28.40 11.47
C GLU A 738 -0.27 29.23 10.27
N LEU A 739 -1.05 30.25 9.97
CA LEU A 739 -0.82 31.14 8.86
C LEU A 739 -0.24 32.45 9.38
N ASN A 740 0.69 33.03 8.61
CA ASN A 740 1.23 34.34 8.89
C ASN A 740 1.06 35.18 7.63
N ASP A 741 0.35 36.28 7.74
CA ASP A 741 0.15 37.18 6.62
C ASP A 741 0.64 38.60 6.94
N LYS A 742 1.71 38.71 7.75
CA LYS A 742 2.14 40.03 8.18
C LYS A 742 3.13 40.69 7.24
N TYR A 743 3.77 39.91 6.37
CA TYR A 743 4.78 40.47 5.49
C TYR A 743 4.18 40.88 4.15
N ASN A 744 5.03 41.47 3.30
CA ASN A 744 4.58 42.31 2.20
C ASN A 744 4.15 41.52 0.97
N LYS A 745 4.80 40.41 0.68
CA LYS A 745 4.58 39.79 -0.62
C LYS A 745 3.77 38.51 -0.58
N ARG A 746 3.84 37.74 0.52
CA ARG A 746 3.22 36.43 0.49
C ARG A 746 2.89 36.02 1.92
N PRO A 747 1.87 35.22 2.10
CA PRO A 747 1.67 34.60 3.41
C PRO A 747 2.59 33.41 3.56
N TYR A 748 2.72 32.97 4.79
CA TYR A 748 3.49 31.80 5.17
C TYR A 748 2.61 30.87 5.98
N MET A 749 2.86 29.55 5.89
CA MET A 749 2.05 28.60 6.64
C MET A 749 2.92 27.47 7.14
N THR A 750 2.69 27.03 8.38
CA THR A 750 3.49 25.95 8.92
C THR A 750 2.62 25.06 9.79
N ILE A 751 3.06 23.82 9.97
CA ILE A 751 2.30 22.88 10.76
C ILE A 751 2.45 23.24 12.23
N ARG A 752 1.34 23.30 12.96
CA ARG A 752 1.53 23.48 14.38
C ARG A 752 1.44 22.18 15.15
N GLN A 753 0.53 21.29 14.77
CA GLN A 753 0.50 19.98 15.39
C GLN A 753 -0.36 19.05 14.56
N ALA A 754 -0.06 17.76 14.64
CA ALA A 754 -0.84 16.72 14.01
C ALA A 754 -1.68 16.01 15.07
N LEU A 755 -2.85 15.53 14.67
CA LEU A 755 -3.72 14.84 15.61
C LEU A 755 -3.14 13.47 15.93
N PRO A 756 -3.23 13.03 17.20
CA PRO A 756 -2.84 11.65 17.52
C PRO A 756 -3.60 10.66 16.66
N VAL A 757 -2.95 9.54 16.33
CA VAL A 757 -3.54 8.55 15.46
C VAL A 757 -3.66 7.22 16.19
N SER A 758 -4.73 6.48 15.88
CA SER A 758 -4.99 5.18 16.47
C SER A 758 -3.84 4.19 16.22
N ASP A 763 -7.44 0.55 7.10
CA ASP A 763 -7.36 1.68 8.01
C ASP A 763 -8.61 2.57 7.85
N LEU A 764 -8.64 3.72 8.51
CA LEU A 764 -9.88 4.49 8.59
C LEU A 764 -9.60 5.98 8.43
N ARG A 765 -10.63 6.72 7.99
CA ARG A 765 -10.50 8.11 7.62
C ARG A 765 -11.22 9.04 8.60
N ILE A 766 -10.70 10.26 8.71
CA ILE A 766 -11.40 11.34 9.40
C ILE A 766 -12.32 12.00 8.37
N MET A 767 -13.62 11.71 8.48
CA MET A 767 -14.56 12.24 7.51
C MET A 767 -14.84 13.72 7.71
N ASP A 768 -14.82 14.22 8.95
CA ASP A 768 -15.17 15.62 9.18
C ASP A 768 -14.71 15.98 10.59
N PHE A 769 -14.79 17.28 10.90
CA PHE A 769 -14.40 17.79 12.20
C PHE A 769 -15.13 19.11 12.38
N ASP A 770 -15.17 19.57 13.64
CA ASP A 770 -15.59 20.93 13.92
C ASP A 770 -14.90 21.36 15.21
N VAL A 771 -14.88 22.66 15.45
CA VAL A 771 -14.12 23.20 16.56
C VAL A 771 -14.98 24.22 17.30
N LYS A 772 -14.76 24.33 18.61
CA LYS A 772 -15.32 25.43 19.38
C LYS A 772 -14.21 26.05 20.21
N PHE A 773 -14.08 27.36 20.14
CA PHE A 773 -12.99 28.03 20.86
C PHE A 773 -13.31 28.19 22.34
N ILE A 774 -12.27 28.12 23.15
CA ILE A 774 -12.40 28.29 24.60
C ILE A 774 -12.13 29.76 24.95
N SER A 775 -13.17 30.59 24.76
CA SER A 775 -13.20 32.02 25.08
C SER A 775 -11.92 32.72 24.60
N GLN A 776 -11.22 33.36 25.54
CA GLN A 776 -9.96 34.06 25.30
C GLN A 776 -8.81 33.17 24.80
N SER A 777 -8.87 31.86 25.02
CA SER A 777 -7.67 31.05 25.22
C SER A 777 -6.83 30.90 23.96
N GLY A 778 -7.46 30.77 22.79
CA GLY A 778 -6.72 30.17 21.71
C GLY A 778 -6.58 28.67 21.81
N ASP A 779 -6.94 28.09 22.96
CA ASP A 779 -7.29 26.69 23.03
C ASP A 779 -8.66 26.48 22.39
N PHE A 780 -8.97 25.24 22.04
CA PHE A 780 -10.28 24.94 21.47
C PHE A 780 -10.59 23.48 21.66
N LEU A 781 -11.89 23.16 21.54
CA LEU A 781 -12.37 21.79 21.51
C LEU A 781 -12.51 21.35 20.05
N LEU A 782 -12.18 20.09 19.80
CA LEU A 782 -12.24 19.53 18.46
C LEU A 782 -13.04 18.25 18.51
N VAL A 783 -14.00 18.09 17.59
CA VAL A 783 -14.70 16.83 17.41
C VAL A 783 -14.33 16.29 16.04
N THR A 784 -14.00 15.01 15.97
CA THR A 784 -13.74 14.32 14.73
C THR A 784 -14.64 13.09 14.64
N VAL A 785 -15.08 12.75 13.43
CA VAL A 785 -15.85 11.53 13.20
C VAL A 785 -15.18 10.71 12.11
N TYR A 786 -15.30 9.39 12.20
CA TYR A 786 -14.46 8.50 11.41
C TYR A 786 -15.32 7.55 10.58
N SER A 787 -14.65 6.87 9.64
CA SER A 787 -15.33 5.91 8.76
C SER A 787 -15.96 4.75 9.54
N ASP A 788 -15.41 4.41 10.71
CA ASP A 788 -15.90 3.27 11.47
C ASP A 788 -17.01 3.66 12.44
N SER A 789 -17.60 4.84 12.26
CA SER A 789 -18.64 5.41 13.11
C SER A 789 -18.13 5.93 14.44
N THR A 790 -16.82 5.94 14.68
CA THR A 790 -16.41 6.43 15.98
C THR A 790 -16.48 7.96 16.02
N ILE A 791 -16.54 8.47 17.23
CA ILE A 791 -16.60 9.91 17.51
C ILE A 791 -15.59 10.17 18.60
N LYS A 792 -14.77 11.20 18.41
CA LYS A 792 -13.81 11.58 19.43
C LYS A 792 -13.89 13.07 19.63
N ILE A 793 -13.75 13.49 20.89
CA ILE A 793 -13.72 14.90 21.27
C ILE A 793 -12.33 15.16 21.86
N TRP A 794 -11.72 16.27 21.44
CA TRP A 794 -10.35 16.58 21.84
C TRP A 794 -10.27 17.98 22.42
N HIS A 795 -9.34 18.16 23.33
CA HIS A 795 -8.98 19.49 23.81
C HIS A 795 -7.60 19.78 23.22
N TYR A 796 -7.52 20.85 22.43
CA TYR A 796 -6.27 21.35 21.92
C TYR A 796 -5.81 22.45 22.86
N ARG A 797 -4.63 22.31 23.42
CA ARG A 797 -4.11 23.35 24.30
C ARG A 797 -2.86 23.96 23.69
N GLU A 798 -2.87 25.29 23.62
CA GLU A 798 -1.86 26.01 22.88
C GLU A 798 -0.49 25.83 23.52
N ASN A 799 -0.37 26.18 24.81
CA ASN A 799 0.93 26.25 25.47
C ASN A 799 1.69 24.94 25.39
N GLN A 800 1.05 23.81 25.65
CA GLN A 800 1.77 22.56 25.46
C GLN A 800 1.58 21.99 24.07
N ASN A 801 0.90 22.73 23.19
CA ASN A 801 0.73 22.36 21.80
C ASN A 801 0.41 20.87 21.63
N LYS A 802 -0.65 20.43 22.31
CA LYS A 802 -1.06 19.05 22.15
C LYS A 802 -2.58 18.91 22.18
N PHE A 803 -3.02 17.77 21.66
CA PHE A 803 -4.43 17.38 21.62
C PHE A 803 -4.65 16.33 22.70
N ASP A 804 -5.55 16.62 23.65
CA ASP A 804 -5.93 15.65 24.66
C ASP A 804 -7.31 15.07 24.34
N LEU A 805 -7.39 13.75 24.27
CA LEU A 805 -8.66 13.06 24.10
C LEU A 805 -9.49 13.16 25.39
N ILE A 806 -10.65 13.80 25.33
CA ILE A 806 -11.52 13.91 26.51
C ILE A 806 -12.83 13.12 26.36
N MET A 807 -13.14 12.58 25.19
CA MET A 807 -14.36 11.80 25.01
C MET A 807 -14.22 10.93 23.77
N GLN A 808 -14.77 9.71 23.84
CA GLN A 808 -14.83 8.86 22.68
C GLN A 808 -16.10 8.02 22.75
N GLY A 809 -16.59 7.64 21.58
CA GLY A 809 -17.80 6.85 21.48
C GLY A 809 -17.97 6.36 20.06
N ARG A 810 -19.17 5.85 19.80
CA ARG A 810 -19.45 5.30 18.48
C ARG A 810 -20.94 5.48 18.21
N TYR A 811 -21.27 5.73 16.95
CA TYR A 811 -22.69 5.87 16.61
C TYR A 811 -23.31 4.50 16.42
N LYS A 812 -22.80 3.79 15.44
CA LYS A 812 -23.12 2.42 15.20
C LYS A 812 -21.93 1.79 14.51
N THR A 813 -22.11 1.30 13.30
CA THR A 813 -20.97 0.87 12.51
C THR A 813 -20.84 1.61 11.17
N CYS A 814 -21.87 2.31 10.71
CA CYS A 814 -21.80 2.93 9.39
C CYS A 814 -20.94 4.19 9.44
N CYS A 815 -20.58 4.67 8.25
CA CYS A 815 -19.75 5.87 8.15
C CYS A 815 -20.49 7.12 8.63
N LEU A 816 -19.73 8.07 9.17
CA LEU A 816 -20.25 9.34 9.64
C LEU A 816 -19.67 10.44 8.78
N PHE A 817 -20.52 11.15 8.05
CA PHE A 817 -19.98 12.08 7.06
C PHE A 817 -19.73 13.48 7.57
N ASN A 818 -20.59 14.01 8.43
CA ASN A 818 -20.43 15.39 8.88
C ASN A 818 -20.66 15.47 10.37
N VAL A 819 -20.09 16.50 10.98
CA VAL A 819 -20.28 16.72 12.40
C VAL A 819 -20.18 18.21 12.64
N VAL A 820 -20.90 18.71 13.63
CA VAL A 820 -20.92 20.13 13.89
C VAL A 820 -21.20 20.31 15.39
N PHE A 821 -20.50 21.28 15.99
CA PHE A 821 -20.80 21.73 17.35
C PHE A 821 -21.91 22.75 17.29
N ILE A 822 -22.90 22.61 18.16
CA ILE A 822 -23.93 23.64 18.29
C ILE A 822 -24.04 23.97 19.77
N ALA A 823 -23.87 25.24 20.10
CA ALA A 823 -24.04 25.73 21.46
C ALA A 823 -25.36 26.47 21.52
N LEU A 824 -26.28 25.96 22.35
CA LEU A 824 -27.57 26.59 22.59
C LEU A 824 -27.75 26.70 24.10
N LYS A 825 -28.12 27.89 24.58
CA LYS A 825 -28.25 28.17 26.01
C LYS A 825 -26.96 27.77 26.71
N GLU A 826 -27.04 26.85 27.66
CA GLU A 826 -25.84 26.40 28.38
C GLU A 826 -25.46 24.98 28.02
N GLU A 827 -25.90 24.50 26.86
CA GLU A 827 -25.60 23.15 26.44
C GLU A 827 -24.64 23.17 25.25
N LEU A 828 -23.72 22.21 25.24
CA LEU A 828 -22.85 21.96 24.11
C LEU A 828 -23.38 20.71 23.40
N LEU A 829 -23.87 20.88 22.19
CA LEU A 829 -24.44 19.79 21.40
C LEU A 829 -23.49 19.38 20.28
N VAL A 830 -23.49 18.08 20.00
CA VAL A 830 -22.81 17.49 18.86
C VAL A 830 -23.88 16.89 17.95
N VAL A 831 -23.85 17.28 16.68
CA VAL A 831 -24.78 16.86 15.65
C VAL A 831 -24.01 16.10 14.57
N ILE A 832 -24.39 14.85 14.30
CA ILE A 832 -23.78 14.06 13.24
C ILE A 832 -24.84 13.70 12.20
N SER A 833 -24.36 13.33 11.02
CA SER A 833 -25.21 12.90 9.92
C SER A 833 -24.64 11.59 9.39
N PRO A 834 -25.07 10.46 9.95
CA PRO A 834 -24.61 9.17 9.44
C PRO A 834 -25.17 8.86 8.06
N THR A 835 -24.59 7.84 7.44
CA THR A 835 -25.03 7.40 6.12
C THR A 835 -26.45 6.82 6.12
N ASP A 836 -27.05 6.57 7.29
CA ASP A 836 -28.45 6.17 7.32
C ASP A 836 -29.39 7.34 7.04
N GLY A 837 -28.87 8.55 6.93
CA GLY A 837 -29.70 9.69 6.61
C GLY A 837 -30.35 10.36 7.79
N HIS A 838 -30.02 9.96 9.02
CA HIS A 838 -30.53 10.59 10.23
C HIS A 838 -29.69 11.81 10.64
N LEU A 839 -30.34 12.73 11.35
CA LEU A 839 -29.67 13.76 12.15
C LEU A 839 -29.70 13.27 13.58
N VAL A 840 -28.51 13.11 14.18
CA VAL A 840 -28.33 12.56 15.52
C VAL A 840 -27.65 13.60 16.39
N VAL A 841 -28.25 13.88 17.56
CA VAL A 841 -27.80 14.95 18.46
C VAL A 841 -27.30 14.33 19.76
N TYR A 842 -26.16 14.80 20.24
CA TYR A 842 -25.64 14.44 21.55
C TYR A 842 -25.50 15.70 22.38
N ASN A 843 -25.79 15.58 23.68
CA ASN A 843 -25.59 16.68 24.62
C ASN A 843 -24.45 16.26 25.53
N ILE A 844 -23.27 16.83 25.31
CA ILE A 844 -22.08 16.33 26.01
C ILE A 844 -21.74 17.16 27.24
N THR A 845 -22.57 18.15 27.59
CA THR A 845 -22.21 19.18 28.56
C THR A 845 -21.76 18.59 29.89
N GLU A 846 -22.57 17.69 30.45
CA GLU A 846 -22.29 17.09 31.74
C GLU A 846 -21.02 16.27 31.76
N TYR A 847 -20.51 15.84 30.60
CA TYR A 847 -19.42 14.89 30.55
C TYR A 847 -18.09 15.49 30.12
N VAL A 848 -18.03 16.81 29.89
CA VAL A 848 -16.74 17.44 29.60
C VAL A 848 -16.49 18.58 30.60
N PRO A 849 -15.22 18.80 31.00
CA PRO A 849 -14.89 19.83 32.01
C PRO A 849 -14.94 21.26 31.46
N PHE A 850 -16.02 21.59 30.76
CA PHE A 850 -16.18 22.91 30.15
C PHE A 850 -17.61 23.38 30.34
N SER A 851 -17.79 24.70 30.32
CA SER A 851 -19.10 25.30 30.48
C SER A 851 -19.40 26.21 29.29
N VAL A 852 -20.70 26.37 29.01
CA VAL A 852 -21.18 27.14 27.87
C VAL A 852 -21.77 28.45 28.37
N ASP A 853 -21.25 29.55 27.86
CA ASP A 853 -21.82 30.86 28.15
C ASP A 853 -23.16 30.96 27.42
N PRO A 854 -24.23 31.44 28.07
CA PRO A 854 -25.56 31.42 27.43
C PRO A 854 -25.67 32.14 26.08
N ILE A 855 -24.89 33.19 25.79
CA ILE A 855 -25.00 33.80 24.46
C ILE A 855 -23.75 34.24 23.69
N SER A 856 -23.80 33.98 22.38
CA SER A 856 -22.71 33.62 21.47
C SER A 856 -21.97 32.33 21.86
N GLY A 857 -22.46 31.62 22.89
CA GLY A 857 -22.13 30.24 23.12
C GLY A 857 -20.65 29.95 23.28
N ASP A 858 -20.01 30.62 24.22
CA ASP A 858 -18.58 30.56 24.38
C ASP A 858 -18.23 29.52 25.44
N LEU A 859 -17.18 28.75 25.18
CA LEU A 859 -16.73 27.76 26.15
C LEU A 859 -15.87 28.40 27.24
N VAL A 860 -15.99 27.87 28.46
CA VAL A 860 -15.15 28.28 29.59
C VAL A 860 -14.45 27.07 30.18
N ASP A 861 -13.12 27.16 30.28
CA ASP A 861 -12.30 26.07 30.78
C ASP A 861 -12.43 26.00 32.30
N HIS A 862 -12.74 24.80 32.82
CA HIS A 862 -12.78 24.55 34.26
C HIS A 862 -11.44 24.11 34.81
N LYS A 863 -10.46 23.85 33.94
CA LYS A 863 -9.09 23.52 34.36
C LYS A 863 -9.06 22.26 35.22
N LEU A 864 -9.66 21.19 34.71
CA LEU A 864 -9.66 19.90 35.38
C LEU A 864 -8.74 18.92 34.66
N ASP A 865 -8.49 17.80 35.30
CA ASP A 865 -7.60 16.81 34.72
C ASP A 865 -8.31 16.02 33.64
N ALA A 866 -7.51 15.46 32.72
CA ALA A 866 -8.04 14.83 31.52
C ALA A 866 -8.49 13.39 31.83
N THR A 867 -9.79 13.18 31.80
CA THR A 867 -10.36 11.84 31.80
C THR A 867 -11.05 11.64 30.46
N ILE A 868 -11.06 10.39 29.98
CA ILE A 868 -11.74 10.07 28.72
C ILE A 868 -13.17 9.67 29.08
N SER A 869 -14.11 10.58 28.88
CA SER A 869 -15.50 10.22 29.08
C SER A 869 -15.97 9.34 27.94
N ASN A 870 -17.00 8.55 28.23
CA ASN A 870 -17.70 7.84 27.18
C ASN A 870 -18.76 8.77 26.60
N LEU A 871 -19.04 8.59 25.33
CA LEU A 871 -20.06 9.38 24.66
C LEU A 871 -21.44 8.96 25.19
N PRO A 872 -22.28 9.90 25.64
CA PRO A 872 -23.63 9.53 26.07
C PRO A 872 -24.48 9.07 24.90
N ALA A 873 -25.61 8.44 25.26
CA ALA A 873 -26.61 8.08 24.28
C ALA A 873 -27.21 9.34 23.66
N PRO A 874 -27.64 9.28 22.41
CA PRO A 874 -28.19 10.47 21.76
C PRO A 874 -29.45 10.96 22.47
N VAL A 875 -29.63 12.28 22.47
CA VAL A 875 -30.87 12.88 22.94
C VAL A 875 -31.88 13.12 21.81
N ALA A 876 -31.46 13.03 20.55
CA ALA A 876 -32.38 13.17 19.43
C ALA A 876 -31.86 12.40 18.23
N GLN A 877 -32.80 11.78 17.49
CA GLN A 877 -32.48 10.98 16.31
C GLN A 877 -33.59 11.22 15.30
N LEU A 878 -33.34 12.05 14.29
CA LEU A 878 -34.38 12.34 13.33
C LEU A 878 -33.97 11.84 11.94
N PRO A 879 -34.77 10.97 11.33
CA PRO A 879 -34.52 10.59 9.93
C PRO A 879 -34.88 11.74 9.00
N VAL A 880 -34.00 12.02 8.04
CA VAL A 880 -34.20 13.18 7.18
C VAL A 880 -34.07 12.78 5.71
N HIS A 881 -32.96 12.17 5.37
CA HIS A 881 -32.67 11.74 4.01
C HIS A 881 -32.71 10.22 3.97
N GLN A 882 -32.89 9.69 2.76
CA GLN A 882 -32.97 8.25 2.58
C GLN A 882 -31.61 7.59 2.37
N SER A 883 -30.53 8.36 2.47
CA SER A 883 -29.19 7.85 2.23
C SER A 883 -28.20 8.82 2.89
N GLY A 884 -26.94 8.78 2.44
CA GLY A 884 -25.91 9.58 3.07
C GLY A 884 -26.18 11.07 2.94
N VAL A 885 -25.75 11.82 3.95
CA VAL A 885 -25.87 13.27 3.98
C VAL A 885 -24.51 13.84 3.62
N LYS A 886 -24.44 14.55 2.50
CA LYS A 886 -23.17 15.06 2.01
C LYS A 886 -22.84 16.44 2.56
N SER A 887 -23.82 17.26 2.87
CA SER A 887 -23.51 18.59 3.35
C SER A 887 -24.34 18.90 4.59
N LEU A 888 -23.71 19.58 5.55
CA LEU A 888 -24.34 19.88 6.83
C LEU A 888 -23.93 21.29 7.21
N ASP A 889 -24.92 22.12 7.55
CA ASP A 889 -24.70 23.48 7.99
C ASP A 889 -25.78 23.80 9.01
N TYR A 890 -25.58 24.87 9.77
CA TYR A 890 -26.59 25.23 10.76
C TYR A 890 -26.47 26.71 11.05
N VAL A 891 -27.56 27.29 11.56
CA VAL A 891 -27.55 28.66 12.06
C VAL A 891 -28.45 28.74 13.29
N ALA A 892 -27.93 29.33 14.37
CA ALA A 892 -28.68 29.50 15.60
C ALA A 892 -29.39 30.83 15.61
N ASN A 893 -30.52 30.89 16.32
CA ASN A 893 -31.30 32.12 16.40
C ASN A 893 -30.60 33.13 17.33
N ALA A 894 -31.21 34.32 17.45
CA ALA A 894 -30.58 35.42 18.18
C ALA A 894 -30.42 35.09 19.65
N THR A 895 -31.36 34.33 20.23
CA THR A 895 -31.30 33.96 21.63
C THR A 895 -30.59 32.64 21.89
N ARG A 896 -30.06 31.99 20.84
CA ARG A 896 -29.34 30.73 20.98
C ARG A 896 -30.17 29.71 21.76
N THR A 897 -31.47 29.73 21.50
CA THR A 897 -32.39 28.74 22.02
C THR A 897 -32.77 27.70 20.98
N SER A 898 -32.43 27.94 19.71
CA SER A 898 -32.75 27.01 18.63
C SER A 898 -31.81 27.23 17.46
N ALA A 899 -31.73 26.21 16.61
CA ALA A 899 -30.92 26.30 15.40
C ALA A 899 -31.61 25.59 14.26
N THR A 900 -31.49 26.16 13.08
CA THR A 900 -32.00 25.52 11.88
C THR A 900 -30.84 24.85 11.16
N ILE A 901 -31.04 23.61 10.77
CA ILE A 901 -29.99 22.73 10.27
C ILE A 901 -30.33 22.38 8.84
N LEU A 902 -29.40 22.67 7.92
CA LEU A 902 -29.59 22.44 6.50
C LEU A 902 -28.78 21.22 6.03
N THR A 903 -29.43 20.29 5.34
CA THR A 903 -28.75 19.09 4.86
C THR A 903 -28.96 18.87 3.38
N GLY A 904 -27.89 18.51 2.69
CA GLY A 904 -27.93 18.13 1.29
C GLY A 904 -27.61 16.66 1.18
N GLY A 905 -28.39 15.96 0.37
CA GLY A 905 -28.28 14.53 0.41
C GLY A 905 -27.73 13.86 -0.83
N ASP A 906 -27.19 12.66 -0.66
CA ASP A 906 -26.90 11.85 -1.84
C ASP A 906 -28.17 11.44 -2.57
N ASP A 907 -29.36 11.64 -1.96
CA ASP A 907 -30.64 11.35 -2.58
C ASP A 907 -31.17 12.53 -3.40
N ASN A 908 -30.29 13.47 -3.74
CA ASN A 908 -30.58 14.78 -4.35
C ASN A 908 -31.76 15.52 -3.71
N GLY A 909 -32.00 15.29 -2.42
CA GLY A 909 -32.95 16.09 -1.65
C GLY A 909 -32.26 17.11 -0.76
N LEU A 910 -33.01 18.16 -0.40
CA LEU A 910 -32.52 19.24 0.45
C LEU A 910 -33.39 19.37 1.68
N GLY A 911 -32.83 19.14 2.86
CA GLY A 911 -33.59 19.09 4.10
C GLY A 911 -33.33 20.30 4.98
N LEU A 912 -34.38 20.74 5.68
CA LEU A 912 -34.30 21.85 6.61
C LEU A 912 -34.93 21.41 7.93
N SER A 913 -34.14 21.39 8.98
CA SER A 913 -34.60 20.87 10.26
C SER A 913 -34.41 21.93 11.33
N ASN A 914 -35.15 21.74 12.44
CA ASN A 914 -35.16 22.65 13.57
C ASN A 914 -34.69 21.91 14.81
N LEU A 915 -33.71 22.47 15.50
CA LEU A 915 -33.19 21.96 16.76
C LEU A 915 -33.55 22.97 17.84
N LYS A 916 -34.32 22.53 18.84
CA LYS A 916 -34.77 23.48 19.86
C LYS A 916 -34.63 22.91 21.27
N LEU A 917 -34.39 23.84 22.19
CA LEU A 917 -34.37 23.60 23.62
C LEU A 917 -35.59 24.30 24.20
N ASP A 918 -36.35 23.60 25.05
CA ASP A 918 -37.44 24.29 25.72
C ASP A 918 -36.92 24.94 27.00
N ASP A 919 -37.83 25.42 27.86
CA ASP A 919 -37.42 26.06 29.10
C ASP A 919 -36.68 25.10 30.02
N SER A 920 -36.95 23.81 29.91
CA SER A 920 -36.31 22.79 30.72
C SER A 920 -35.04 22.24 30.10
N ASN A 921 -34.60 22.78 28.97
CA ASN A 921 -33.42 22.32 28.22
C ASN A 921 -33.59 20.92 27.66
N LYS A 922 -34.79 20.58 27.22
CA LYS A 922 -35.02 19.32 26.54
C LYS A 922 -34.81 19.54 25.04
N VAL A 923 -34.09 18.61 24.41
CA VAL A 923 -33.72 18.76 23.01
C VAL A 923 -34.81 18.08 22.19
N THR A 924 -35.33 18.82 21.21
CA THR A 924 -36.22 18.24 20.21
C THR A 924 -35.72 18.63 18.82
N LEU A 925 -35.70 17.66 17.92
CA LEU A 925 -35.27 17.86 16.55
C LEU A 925 -36.43 17.45 15.66
N LYS A 926 -36.96 18.41 14.91
CA LYS A 926 -38.10 18.17 14.04
C LYS A 926 -37.81 18.76 12.68
N THR A 927 -38.35 18.14 11.64
CA THR A 927 -38.02 18.58 10.30
C THR A 927 -39.04 19.62 9.82
N SER A 928 -38.51 20.65 9.19
CA SER A 928 -39.27 21.84 8.81
C SER A 928 -39.67 21.85 7.34
N ASP A 929 -38.91 21.17 6.49
CA ASP A 929 -39.21 21.11 5.06
C ASP A 929 -38.26 20.09 4.43
N PHE A 930 -38.68 19.54 3.30
CA PHE A 930 -37.81 18.64 2.54
C PHE A 930 -38.17 18.72 1.07
N ILE A 931 -37.22 19.17 0.24
CA ILE A 931 -37.40 19.29 -1.20
C ILE A 931 -36.80 18.04 -1.84
N ALA A 932 -37.64 17.10 -2.25
CA ALA A 932 -37.15 15.78 -2.68
C ALA A 932 -36.35 15.85 -3.97
N ALA A 933 -36.67 16.80 -4.85
CA ALA A 933 -35.92 16.87 -6.10
C ALA A 933 -35.19 18.20 -6.18
N ALA A 934 -34.39 18.49 -5.14
CA ALA A 934 -33.65 19.74 -5.11
C ALA A 934 -32.59 19.81 -6.20
N ALA A 935 -32.16 18.67 -6.73
CA ALA A 935 -31.15 18.68 -7.78
C ALA A 935 -31.29 17.38 -8.58
N SER A 936 -30.65 17.35 -9.74
CA SER A 936 -30.67 16.15 -10.58
C SER A 936 -29.74 15.06 -10.07
N SER A 937 -28.78 15.40 -9.22
CA SER A 937 -27.81 14.43 -8.74
C SER A 937 -27.36 14.84 -7.35
N THR A 938 -26.34 14.15 -6.84
CA THR A 938 -25.87 14.35 -5.48
C THR A 938 -25.69 15.84 -5.15
N ILE A 939 -26.31 16.27 -4.06
CA ILE A 939 -26.04 17.61 -3.52
C ILE A 939 -24.79 17.51 -2.67
N THR A 940 -23.77 18.32 -3.00
CA THR A 940 -22.45 18.20 -2.42
C THR A 940 -22.07 19.33 -1.47
N SER A 941 -22.75 20.48 -1.52
CA SER A 941 -22.53 21.57 -0.58
C SER A 941 -23.85 22.26 -0.34
N GLY A 942 -24.08 22.72 0.89
CA GLY A 942 -25.27 23.49 1.20
C GLY A 942 -25.00 24.43 2.35
N MET A 943 -24.87 25.72 2.07
CA MET A 943 -24.47 26.68 3.07
C MET A 943 -25.57 27.71 3.30
N LEU A 944 -25.77 28.03 4.56
CA LEU A 944 -26.70 29.07 4.95
C LEU A 944 -25.97 30.40 4.93
N ILE A 945 -26.63 31.43 4.42
CA ILE A 945 -26.11 32.79 4.34
C ILE A 945 -27.21 33.73 4.78
N ASN A 946 -26.84 34.99 5.01
CA ASN A 946 -27.77 36.06 5.38
C ASN A 946 -28.62 35.66 6.60
N GLY A 947 -27.92 35.33 7.67
CA GLY A 947 -28.59 34.95 8.91
C GLY A 947 -29.54 33.78 8.80
N GLY A 948 -29.26 32.85 7.90
CA GLY A 948 -30.16 31.73 7.69
C GLY A 948 -31.30 31.99 6.74
N LYS A 949 -31.38 33.18 6.15
CA LYS A 949 -32.51 33.45 5.27
C LYS A 949 -32.34 32.82 3.89
N GLU A 950 -31.10 32.61 3.45
CA GLU A 950 -30.85 32.12 2.10
C GLU A 950 -29.95 30.90 2.12
N VAL A 951 -29.92 30.18 1.00
CA VAL A 951 -29.13 28.96 0.88
C VAL A 951 -28.50 28.95 -0.50
N ILE A 952 -27.22 28.63 -0.55
CA ILE A 952 -26.57 28.34 -1.83
C ILE A 952 -26.20 26.87 -1.81
N THR A 953 -26.58 26.16 -2.86
CA THR A 953 -26.19 24.77 -2.95
C THR A 953 -25.37 24.53 -4.20
N THR A 954 -24.61 23.46 -4.10
CA THR A 954 -23.79 22.95 -5.17
C THR A 954 -24.17 21.48 -5.34
N SER A 955 -24.04 20.97 -6.57
CA SER A 955 -24.32 19.56 -6.80
C SER A 955 -23.62 19.10 -8.06
N VAL A 956 -23.51 17.78 -8.19
CA VAL A 956 -22.81 17.15 -9.31
C VAL A 956 -23.50 17.38 -10.66
N ASP A 957 -24.73 17.89 -10.66
CA ASP A 957 -25.35 18.27 -11.92
C ASP A 957 -24.81 19.59 -12.47
N GLN A 958 -23.87 20.23 -11.78
CA GLN A 958 -23.22 21.47 -12.23
C GLN A 958 -24.20 22.62 -12.30
N VAL A 959 -25.24 22.58 -11.47
CA VAL A 959 -26.18 23.68 -11.34
C VAL A 959 -26.00 24.26 -9.96
N ILE A 960 -25.65 25.53 -9.89
CA ILE A 960 -25.60 26.26 -8.62
C ILE A 960 -27.00 26.82 -8.35
N ARG A 961 -27.54 26.52 -7.18
CA ARG A 961 -28.88 26.98 -6.84
C ARG A 961 -28.87 27.92 -5.63
N ALA A 962 -29.62 29.02 -5.75
CA ALA A 962 -29.84 29.96 -4.66
C ALA A 962 -31.25 29.78 -4.14
N TRP A 963 -31.41 29.72 -2.82
CA TRP A 963 -32.71 29.45 -2.22
C TRP A 963 -33.04 30.53 -1.19
N GLU A 964 -34.33 30.63 -0.89
CA GLU A 964 -34.79 31.48 0.21
C GLU A 964 -35.61 30.64 1.18
N ILE A 965 -35.50 30.97 2.46
CA ILE A 965 -36.22 30.28 3.53
C ILE A 965 -37.23 31.25 4.11
N THR A 966 -38.51 30.90 4.07
CA THR A 966 -39.56 31.71 4.68
C THR A 966 -40.43 30.81 5.53
N ALA A 967 -40.48 31.10 6.83
CA ALA A 967 -41.24 30.30 7.80
C ALA A 967 -40.85 28.83 7.74
N GLY A 968 -39.54 28.57 7.77
CA GLY A 968 -39.05 27.21 7.76
C GLY A 968 -39.27 26.46 6.47
N LYS A 969 -39.58 27.15 5.40
CA LYS A 969 -39.90 26.51 4.13
C LYS A 969 -38.97 27.04 3.06
N LEU A 970 -38.51 26.13 2.20
CA LEU A 970 -37.52 26.46 1.19
C LEU A 970 -38.19 26.70 -0.15
N SER A 971 -37.72 27.72 -0.87
CA SER A 971 -38.14 27.92 -2.25
C SER A 971 -36.93 28.27 -3.09
N LEU A 972 -36.84 27.66 -4.28
CA LEU A 972 -35.74 27.92 -5.19
C LEU A 972 -35.94 29.28 -5.85
N VAL A 973 -34.96 30.17 -5.69
CA VAL A 973 -35.08 31.52 -6.22
C VAL A 973 -34.14 31.80 -7.40
N ASP A 974 -33.05 31.06 -7.56
CA ASP A 974 -32.20 31.28 -8.72
C ASP A 974 -31.35 30.04 -8.95
N LYS A 975 -30.89 29.89 -10.20
CA LYS A 975 -30.03 28.79 -10.57
C LYS A 975 -29.15 29.24 -11.72
N LYS A 976 -28.01 28.56 -11.89
CA LYS A 976 -27.01 28.95 -12.87
C LYS A 976 -26.02 27.81 -13.05
N ARG A 977 -25.71 27.47 -14.29
CA ARG A 977 -24.79 26.38 -14.55
C ARG A 977 -23.34 26.83 -14.38
N THR A 978 -22.48 25.89 -13.99
CA THR A 978 -21.02 26.10 -13.97
C THR A 978 -20.36 25.03 -14.81
N THR A 979 -19.21 25.38 -15.44
CA THR A 979 -18.42 24.35 -16.12
C THR A 979 -17.71 23.43 -15.16
N VAL A 980 -17.63 23.80 -13.88
CA VAL A 980 -16.85 22.99 -12.97
C VAL A 980 -17.53 21.64 -12.84
N ALA A 981 -16.99 20.63 -13.53
CA ALA A 981 -17.58 19.31 -13.48
C ALA A 981 -17.42 18.72 -12.08
N ASP A 982 -18.34 17.82 -11.72
CA ASP A 982 -18.26 17.11 -10.44
C ASP A 982 -18.23 18.09 -9.27
N THR A 983 -19.13 19.07 -9.35
CA THR A 983 -19.12 20.22 -8.45
C THR A 983 -19.29 19.74 -7.02
N GLY A 984 -18.29 20.03 -6.19
CA GLY A 984 -18.21 19.35 -4.92
C GLY A 984 -17.77 20.17 -3.73
N SER A 985 -17.36 21.42 -3.95
CA SER A 985 -16.97 22.28 -2.84
C SER A 985 -17.44 23.70 -3.10
N LEU A 986 -17.67 24.41 -2.01
CA LEU A 986 -18.25 25.75 -2.03
C LEU A 986 -17.72 26.52 -0.84
N GLU A 987 -17.34 27.76 -1.08
CA GLU A 987 -16.95 28.66 -0.01
C GLU A 987 -17.52 30.04 -0.34
N ILE A 988 -18.01 30.74 0.68
CA ILE A 988 -18.66 32.03 0.53
C ILE A 988 -18.08 33.00 1.55
N ILE A 989 -17.81 34.23 1.12
CA ILE A 989 -17.44 35.29 2.04
C ILE A 989 -18.22 36.55 1.69
N SER A 990 -18.64 37.29 2.73
CA SER A 990 -19.35 38.55 2.55
C SER A 990 -18.32 39.65 2.38
N ASN A 991 -18.68 40.65 1.59
CA ASN A 991 -17.71 41.70 1.33
C ASN A 991 -17.70 42.75 2.43
N ASP A 992 -18.88 43.20 2.89
CA ASP A 992 -18.96 44.01 4.10
C ASP A 992 -20.25 43.76 4.88
N SER A 997 -26.17 41.62 1.95
CA SER A 997 -24.79 41.92 1.58
C SER A 997 -24.38 41.19 0.30
N GLU A 998 -23.51 41.81 -0.49
CA GLU A 998 -22.97 41.16 -1.68
C GLU A 998 -21.99 40.07 -1.26
N LYS A 999 -22.01 38.93 -1.97
CA LYS A 999 -21.18 37.80 -1.59
C LYS A 999 -20.25 37.37 -2.73
N THR A 1000 -19.13 36.78 -2.35
CA THR A 1000 -18.23 36.13 -3.29
C THR A 1000 -18.34 34.62 -3.09
N LEU A 1001 -18.55 33.89 -4.18
CA LEU A 1001 -18.66 32.43 -4.11
C LEU A 1001 -17.45 31.83 -4.79
N LEU A 1002 -16.83 30.87 -4.12
CA LEU A 1002 -15.77 30.05 -4.69
C LEU A 1002 -16.34 28.66 -4.88
N ILE A 1003 -16.26 28.17 -6.12
CA ILE A 1003 -16.93 26.96 -6.56
C ILE A 1003 -15.85 25.99 -7.01
N GLY A 1004 -15.80 24.82 -6.38
CA GLY A 1004 -14.76 23.87 -6.65
C GLY A 1004 -15.28 22.51 -7.08
N GLY A 1005 -14.48 21.85 -7.91
CA GLY A 1005 -14.69 20.49 -8.34
C GLY A 1005 -13.51 20.11 -9.19
N VAL A 1006 -13.73 19.78 -10.46
CA VAL A 1006 -12.62 19.73 -11.42
C VAL A 1006 -12.54 21.13 -12.02
N GLY A 1007 -11.72 21.96 -11.39
CA GLY A 1007 -11.68 23.37 -11.72
C GLY A 1007 -12.16 24.22 -10.56
N LEU A 1008 -11.99 25.54 -10.75
CA LEU A 1008 -12.36 26.53 -9.74
C LEU A 1008 -12.97 27.74 -10.44
N SER A 1009 -14.12 28.18 -9.94
CA SER A 1009 -14.79 29.35 -10.45
C SER A 1009 -15.08 30.29 -9.29
N ILE A 1010 -15.02 31.59 -9.57
CA ILE A 1010 -15.32 32.63 -8.59
C ILE A 1010 -16.51 33.41 -9.10
N TRP A 1011 -17.54 33.55 -8.28
CA TRP A 1011 -18.75 34.25 -8.66
C TRP A 1011 -19.09 35.31 -7.64
N LYS A 1012 -19.97 36.22 -8.05
CA LYS A 1012 -20.53 37.23 -7.16
C LYS A 1012 -22.04 37.03 -7.10
N LYS A 1013 -22.60 37.31 -5.93
CA LYS A 1013 -24.05 37.22 -5.75
C LYS A 1013 -24.64 38.54 -5.25
N ARG B 9 -9.20 -2.07 -4.28
CA ARG B 9 -8.13 -1.79 -3.31
C ARG B 9 -8.65 -1.84 -1.86
N ASP B 10 -9.98 -1.86 -1.72
CA ASP B 10 -10.61 -1.58 -0.44
C ASP B 10 -11.19 -2.83 0.22
N LEU B 11 -12.18 -2.59 1.10
CA LEU B 11 -13.01 -3.62 1.68
C LEU B 11 -13.49 -4.63 0.63
N TYR B 12 -14.20 -4.15 -0.39
CA TYR B 12 -14.90 -5.05 -1.30
C TYR B 12 -13.95 -5.79 -2.23
N TYR B 13 -12.85 -5.16 -2.65
CA TYR B 13 -11.84 -5.92 -3.38
C TYR B 13 -11.36 -7.09 -2.53
N ARG B 14 -11.16 -6.84 -1.22
CA ARG B 14 -10.82 -7.91 -0.29
C ARG B 14 -11.93 -8.97 -0.18
N LYS B 15 -13.17 -8.57 0.15
CA LYS B 15 -14.17 -9.62 0.29
C LYS B 15 -14.60 -10.20 -1.05
N ALA B 16 -14.27 -9.59 -2.20
CA ALA B 16 -14.52 -10.27 -3.46
C ALA B 16 -13.60 -11.49 -3.61
N LYS B 17 -12.31 -11.33 -3.27
CA LYS B 17 -11.39 -12.45 -3.32
C LYS B 17 -11.78 -13.54 -2.31
N GLU B 18 -12.33 -13.13 -1.15
CA GLU B 18 -12.73 -14.10 -0.12
C GLU B 18 -13.93 -14.92 -0.56
N GLN B 19 -14.80 -14.35 -1.38
CA GLN B 19 -16.00 -15.05 -1.83
C GLN B 19 -15.87 -15.60 -3.25
N GLY B 20 -14.69 -15.51 -3.85
CA GLY B 20 -14.53 -16.04 -5.20
C GLY B 20 -15.25 -15.27 -6.28
N TYR B 21 -15.56 -13.99 -6.05
CA TYR B 21 -16.18 -13.16 -7.08
C TYR B 21 -15.08 -12.51 -7.92
N ARG B 22 -15.35 -12.42 -9.22
CA ARG B 22 -14.32 -11.93 -10.14
C ARG B 22 -14.00 -10.46 -9.91
N ALA B 23 -14.94 -9.69 -9.38
CA ALA B 23 -14.68 -8.28 -9.12
C ALA B 23 -15.50 -7.80 -7.92
N ARG B 24 -15.03 -6.70 -7.33
CA ARG B 24 -15.76 -6.08 -6.23
C ARG B 24 -17.16 -5.65 -6.65
N SER B 25 -17.36 -5.35 -7.94
CA SER B 25 -18.66 -4.90 -8.41
C SER B 25 -19.77 -5.90 -8.15
N ALA B 26 -19.42 -7.15 -7.84
CA ALA B 26 -20.44 -8.14 -7.52
C ALA B 26 -21.33 -7.69 -6.38
N PHE B 27 -20.78 -6.91 -5.45
CA PHE B 27 -21.59 -6.47 -4.31
C PHE B 27 -22.57 -5.37 -4.70
N LYS B 28 -22.28 -4.60 -5.75
CA LYS B 28 -23.25 -3.62 -6.23
C LYS B 28 -24.56 -4.28 -6.65
N LEU B 29 -24.50 -5.41 -7.36
CA LEU B 29 -25.75 -6.08 -7.71
C LEU B 29 -26.39 -6.78 -6.52
N LEU B 30 -25.58 -7.29 -5.58
CA LEU B 30 -26.15 -7.88 -4.37
C LEU B 30 -26.78 -6.80 -3.50
N GLN B 31 -26.01 -5.77 -3.13
CA GLN B 31 -26.53 -4.63 -2.38
C GLN B 31 -27.69 -3.97 -3.09
N LEU B 32 -27.78 -4.10 -4.41
CA LEU B 32 -28.97 -3.62 -5.10
C LEU B 32 -30.15 -4.49 -4.72
N ASN B 33 -30.00 -5.81 -4.80
CA ASN B 33 -31.13 -6.71 -4.63
C ASN B 33 -31.57 -6.85 -3.18
N ASP B 34 -30.76 -6.38 -2.23
CA ASP B 34 -31.19 -6.22 -0.84
C ASP B 34 -32.43 -5.34 -0.72
N GLN B 35 -32.93 -4.91 -1.88
CA GLN B 35 -34.26 -4.34 -2.12
C GLN B 35 -34.50 -4.40 -3.62
N PHE B 36 -35.71 -3.99 -4.03
CA PHE B 36 -36.26 -4.25 -5.36
C PHE B 36 -36.48 -5.75 -5.45
N HIS B 37 -35.57 -6.53 -4.82
CA HIS B 37 -35.70 -7.99 -4.67
C HIS B 37 -36.06 -8.67 -5.98
N PHE B 38 -35.56 -8.11 -7.10
CA PHE B 38 -35.84 -8.66 -8.42
C PHE B 38 -35.13 -9.97 -8.65
N LEU B 39 -34.24 -10.38 -7.75
CA LEU B 39 -33.62 -11.69 -7.86
C LEU B 39 -34.04 -12.60 -6.71
N ASP B 40 -34.98 -12.17 -5.88
CA ASP B 40 -35.54 -13.01 -4.84
C ASP B 40 -36.88 -13.61 -5.24
N ASP B 41 -37.32 -13.38 -6.49
CA ASP B 41 -38.57 -13.93 -6.97
C ASP B 41 -38.40 -15.40 -7.35
N PRO B 42 -39.18 -16.31 -6.74
CA PRO B 42 -39.23 -17.70 -7.25
C PRO B 42 -39.64 -17.82 -8.72
N ASN B 43 -40.54 -16.96 -9.20
CA ASN B 43 -41.01 -17.00 -10.59
C ASN B 43 -39.93 -16.53 -11.58
N LEU B 44 -38.82 -15.98 -11.09
CA LEU B 44 -37.77 -15.45 -11.95
C LEU B 44 -37.08 -16.57 -12.70
N LYS B 45 -36.93 -16.39 -13.99
CA LYS B 45 -36.56 -17.50 -14.82
C LYS B 45 -35.43 -17.17 -15.80
N ARG B 46 -35.55 -16.08 -16.55
CA ARG B 46 -34.61 -15.80 -17.61
C ARG B 46 -34.03 -14.40 -17.47
N VAL B 47 -32.70 -14.32 -17.46
CA VAL B 47 -31.97 -13.08 -17.25
C VAL B 47 -30.88 -12.97 -18.30
N VAL B 48 -30.58 -11.73 -18.67
CA VAL B 48 -29.51 -11.38 -19.60
C VAL B 48 -28.61 -10.36 -18.94
N ASP B 49 -27.31 -10.64 -18.92
CA ASP B 49 -26.28 -9.76 -18.38
C ASP B 49 -25.49 -9.20 -19.57
N LEU B 50 -25.64 -7.90 -19.83
CA LEU B 50 -25.01 -7.27 -21.00
C LEU B 50 -23.71 -6.58 -20.60
N CYS B 51 -22.71 -6.72 -21.46
CA CYS B 51 -21.37 -6.19 -21.20
C CYS B 51 -20.82 -6.77 -19.89
N ALA B 52 -20.91 -8.10 -19.75
CA ALA B 52 -20.71 -8.74 -18.46
C ALA B 52 -19.25 -8.89 -18.05
N ALA B 53 -18.30 -8.74 -18.96
CA ALA B 53 -16.89 -9.05 -18.65
C ALA B 53 -16.40 -8.22 -17.49
N PRO B 54 -15.68 -8.84 -16.55
CA PRO B 54 -15.26 -10.24 -16.57
C PRO B 54 -16.29 -11.25 -16.03
N GLY B 55 -17.46 -10.82 -15.56
CA GLY B 55 -18.53 -11.74 -15.18
C GLY B 55 -18.98 -11.83 -13.71
N SER B 56 -18.65 -10.85 -12.88
CA SER B 56 -19.02 -10.94 -11.47
C SER B 56 -20.54 -10.79 -11.26
N TRP B 57 -21.22 -9.96 -12.06
CA TRP B 57 -22.68 -9.95 -11.97
C TRP B 57 -23.28 -11.25 -12.46
N SER B 58 -22.63 -11.93 -13.39
CA SER B 58 -23.15 -13.21 -13.86
C SER B 58 -22.92 -14.28 -12.81
N GLN B 59 -21.84 -14.18 -12.04
CA GLN B 59 -21.66 -15.05 -10.89
C GLN B 59 -22.78 -14.84 -9.90
N VAL B 60 -23.07 -13.58 -9.58
CA VAL B 60 -24.14 -13.27 -8.64
C VAL B 60 -25.44 -13.84 -9.16
N LEU B 61 -25.70 -13.67 -10.45
CA LEU B 61 -26.89 -14.25 -11.05
C LEU B 61 -26.87 -15.77 -10.90
N SER B 62 -25.69 -16.37 -11.06
CA SER B 62 -25.59 -17.83 -10.99
C SER B 62 -25.85 -18.31 -9.57
N ARG B 63 -25.21 -17.67 -8.60
CA ARG B 63 -25.34 -18.09 -7.22
C ARG B 63 -26.77 -17.90 -6.72
N LYS B 64 -27.40 -16.78 -7.08
CA LYS B 64 -28.74 -16.52 -6.60
C LYS B 64 -29.75 -17.46 -7.26
N LEU B 65 -29.61 -17.69 -8.56
CA LEU B 65 -30.62 -18.46 -9.30
C LEU B 65 -30.43 -19.97 -9.22
N PHE B 66 -29.25 -20.46 -8.82
CA PHE B 66 -29.05 -21.91 -8.82
C PHE B 66 -28.50 -22.41 -7.49
N ASP B 67 -27.30 -21.98 -7.11
CA ASP B 67 -26.72 -22.42 -5.84
C ASP B 67 -27.62 -22.13 -4.64
N GLU B 68 -28.40 -21.04 -4.71
CA GLU B 68 -29.21 -20.60 -3.60
C GLU B 68 -30.72 -20.73 -3.85
N SER B 69 -31.14 -21.57 -4.78
CA SER B 69 -32.57 -21.66 -5.04
C SER B 69 -33.06 -23.10 -4.95
N PRO B 70 -34.21 -23.33 -4.33
CA PRO B 70 -34.82 -24.66 -4.34
C PRO B 70 -34.91 -25.22 -5.75
N SER B 71 -34.69 -26.54 -5.88
CA SER B 71 -34.73 -27.20 -7.18
C SER B 71 -36.06 -26.95 -7.90
N SER B 72 -37.11 -26.62 -7.13
CA SER B 72 -38.46 -26.36 -7.61
C SER B 72 -38.57 -25.09 -8.46
N ASP B 73 -37.72 -24.10 -8.23
CA ASP B 73 -37.69 -22.89 -9.07
C ASP B 73 -36.50 -22.84 -10.03
N LYS B 74 -35.69 -23.89 -10.10
CA LYS B 74 -34.61 -23.94 -11.09
C LYS B 74 -35.04 -24.44 -12.49
N GLU B 75 -36.32 -24.44 -12.90
CA GLU B 75 -36.68 -25.06 -14.17
C GLU B 75 -36.94 -24.01 -15.23
N ASP B 76 -36.38 -24.25 -16.39
CA ASP B 76 -36.31 -23.36 -17.53
C ASP B 76 -35.50 -22.11 -17.23
N ARG B 77 -34.86 -22.02 -16.05
CA ARG B 77 -34.02 -20.87 -15.75
C ARG B 77 -32.80 -20.87 -16.67
N LYS B 78 -32.50 -19.71 -17.24
CA LYS B 78 -31.44 -19.61 -18.25
C LYS B 78 -30.76 -18.25 -18.12
N ILE B 79 -29.44 -18.26 -17.97
CA ILE B 79 -28.67 -17.03 -17.83
C ILE B 79 -27.77 -16.91 -19.03
N VAL B 80 -27.93 -15.83 -19.79
CA VAL B 80 -27.07 -15.49 -20.91
C VAL B 80 -26.32 -14.21 -20.58
N SER B 81 -25.00 -14.24 -20.71
CA SER B 81 -24.17 -13.07 -20.49
C SER B 81 -23.36 -12.78 -21.76
N VAL B 82 -23.42 -11.53 -22.19
CA VAL B 82 -22.89 -11.09 -23.48
C VAL B 82 -21.78 -10.07 -23.26
N ASP B 83 -20.69 -10.21 -24.01
CA ASP B 83 -19.62 -9.23 -24.06
C ASP B 83 -18.83 -9.44 -25.34
N LEU B 84 -18.31 -8.35 -25.90
CA LEU B 84 -17.42 -8.51 -27.05
C LEU B 84 -16.09 -9.09 -26.64
N GLN B 85 -15.74 -8.95 -25.47
CA GLN B 85 -14.54 -9.63 -25.00
C GLN B 85 -14.89 -11.05 -24.54
N PRO B 86 -13.98 -12.02 -24.70
CA PRO B 86 -14.27 -13.39 -24.24
C PRO B 86 -14.22 -13.55 -22.72
N MET B 87 -15.12 -14.35 -22.19
CA MET B 87 -15.25 -14.49 -20.74
C MET B 87 -14.97 -15.91 -20.31
N SER B 88 -14.35 -16.04 -19.13
CA SER B 88 -14.18 -17.36 -18.56
C SER B 88 -15.54 -17.95 -18.21
N PRO B 89 -15.76 -19.24 -18.47
CA PRO B 89 -17.10 -19.81 -18.29
C PRO B 89 -17.54 -19.79 -16.84
N ILE B 90 -18.86 -19.68 -16.67
CA ILE B 90 -19.46 -19.64 -15.34
C ILE B 90 -20.52 -20.74 -15.25
N PRO B 91 -20.54 -21.53 -14.18
CA PRO B 91 -21.57 -22.57 -14.02
C PRO B 91 -22.97 -21.99 -14.18
N HIS B 92 -23.77 -22.65 -15.02
CA HIS B 92 -25.17 -22.32 -15.29
C HIS B 92 -25.32 -21.02 -16.07
N VAL B 93 -24.29 -20.58 -16.78
CA VAL B 93 -24.35 -19.37 -17.60
C VAL B 93 -23.88 -19.70 -19.01
N THR B 94 -24.67 -19.32 -19.99
CA THR B 94 -24.24 -19.36 -21.38
C THR B 94 -23.59 -18.02 -21.70
N THR B 95 -22.30 -18.04 -22.00
CA THR B 95 -21.56 -16.81 -22.30
C THR B 95 -21.46 -16.65 -23.80
N LEU B 96 -21.94 -15.53 -24.30
CA LEU B 96 -21.90 -15.21 -25.73
C LEU B 96 -20.89 -14.10 -25.96
N GLN B 97 -19.99 -14.33 -26.91
CA GLN B 97 -19.05 -13.30 -27.33
C GLN B 97 -19.65 -12.68 -28.58
N ALA B 98 -20.37 -11.60 -28.38
CA ALA B 98 -21.07 -10.99 -29.50
C ALA B 98 -21.20 -9.50 -29.22
N ASP B 99 -21.63 -8.78 -30.25
CA ASP B 99 -21.86 -7.36 -30.14
C ASP B 99 -23.34 -7.17 -29.87
N ILE B 100 -23.65 -6.35 -28.85
CA ILE B 100 -25.04 -6.11 -28.52
C ILE B 100 -25.78 -5.39 -29.65
N THR B 101 -25.11 -5.00 -30.73
CA THR B 101 -25.85 -4.41 -31.85
C THR B 101 -26.07 -5.36 -33.05
N HIS B 102 -25.33 -6.48 -33.12
CA HIS B 102 -25.08 -7.30 -34.32
C HIS B 102 -26.41 -8.06 -34.59
N PRO B 103 -26.42 -8.83 -35.65
CA PRO B 103 -27.63 -9.42 -36.19
C PRO B 103 -28.34 -10.42 -35.29
N LYS B 104 -27.89 -11.65 -35.45
CA LYS B 104 -28.29 -12.82 -34.70
C LYS B 104 -28.05 -12.65 -33.22
N THR B 105 -27.34 -11.60 -32.77
CA THR B 105 -27.11 -11.50 -31.34
C THR B 105 -28.43 -11.31 -30.62
N LEU B 106 -29.42 -10.72 -31.28
CA LEU B 106 -30.76 -10.82 -30.74
C LEU B 106 -31.44 -12.11 -31.18
N ALA B 107 -31.17 -12.57 -32.41
CA ALA B 107 -31.67 -13.87 -32.85
C ALA B 107 -31.05 -15.01 -32.03
N ARG B 108 -29.75 -14.97 -31.79
CA ARG B 108 -29.17 -16.07 -31.05
C ARG B 108 -29.65 -16.05 -29.60
N ILE B 109 -29.67 -14.87 -28.97
CA ILE B 109 -30.29 -14.74 -27.65
C ILE B 109 -31.74 -15.20 -27.71
N LEU B 110 -32.44 -14.86 -28.81
CA LEU B 110 -33.77 -15.38 -29.03
C LEU B 110 -33.83 -16.88 -28.80
N LYS B 111 -32.95 -17.62 -29.48
CA LYS B 111 -32.99 -19.08 -29.44
C LYS B 111 -32.65 -19.66 -28.05
N LEU B 112 -31.65 -19.09 -27.33
CA LEU B 112 -31.29 -19.78 -26.09
C LEU B 112 -32.42 -19.69 -25.06
N PHE B 113 -33.40 -18.82 -25.27
CA PHE B 113 -34.67 -18.98 -24.57
C PHE B 113 -35.68 -19.66 -25.52
N GLY B 114 -36.74 -20.19 -24.93
CA GLY B 114 -37.75 -20.86 -25.73
C GLY B 114 -38.61 -19.89 -26.51
N ASN B 115 -37.96 -18.96 -27.23
CA ASN B 115 -38.57 -17.73 -27.75
C ASN B 115 -39.32 -16.97 -26.67
N GLU B 116 -38.85 -17.08 -25.47
CA GLU B 116 -39.37 -16.31 -24.38
C GLU B 116 -38.58 -15.04 -24.11
N LYS B 117 -39.32 -14.02 -23.76
CA LYS B 117 -38.70 -12.78 -23.38
C LYS B 117 -38.11 -12.92 -21.98
N ALA B 118 -37.06 -12.16 -21.74
CA ALA B 118 -36.32 -12.24 -20.50
C ALA B 118 -37.12 -11.56 -19.39
N ASP B 119 -37.04 -12.12 -18.19
CA ASP B 119 -37.61 -11.43 -17.03
C ASP B 119 -36.89 -10.13 -16.73
N PHE B 120 -35.58 -10.09 -16.98
CA PHE B 120 -34.75 -9.08 -16.36
C PHE B 120 -33.43 -9.03 -17.13
N VAL B 121 -33.01 -7.83 -17.51
CA VAL B 121 -31.78 -7.59 -18.22
C VAL B 121 -30.99 -6.58 -17.41
N CYS B 122 -29.73 -6.91 -17.13
CA CYS B 122 -28.88 -6.04 -16.37
C CYS B 122 -27.63 -5.73 -17.18
N SER B 123 -27.02 -4.58 -16.89
CA SER B 123 -25.74 -4.24 -17.49
C SER B 123 -24.95 -3.40 -16.50
N ASP B 124 -23.75 -3.84 -16.20
CA ASP B 124 -22.83 -3.08 -15.37
C ASP B 124 -21.65 -2.53 -16.18
N GLY B 125 -21.83 -2.39 -17.48
CA GLY B 125 -20.75 -1.99 -18.34
C GLY B 125 -20.42 -0.51 -18.22
N ALA B 126 -19.12 -0.21 -18.26
CA ALA B 126 -18.63 1.15 -18.39
C ALA B 126 -17.21 1.14 -18.91
N PRO B 127 -16.89 2.00 -19.87
CA PRO B 127 -15.49 2.16 -20.28
C PRO B 127 -14.70 2.85 -19.18
N ASP B 128 -13.38 2.70 -19.25
CA ASP B 128 -12.50 3.40 -18.32
C ASP B 128 -12.66 4.91 -18.52
N VAL B 129 -12.86 5.64 -17.43
CA VAL B 129 -13.04 7.07 -17.59
C VAL B 129 -11.73 7.73 -18.04
N THR B 130 -11.88 8.78 -18.86
CA THR B 130 -10.74 9.56 -19.30
C THR B 130 -10.40 10.69 -18.34
N GLY B 131 -11.35 11.12 -17.54
CA GLY B 131 -11.18 12.32 -16.77
C GLY B 131 -11.83 13.52 -17.41
N LEU B 132 -12.27 13.38 -18.66
CA LEU B 132 -13.05 14.41 -19.36
C LEU B 132 -14.51 14.09 -19.12
N HIS B 133 -15.14 14.81 -18.20
CA HIS B 133 -16.46 14.39 -17.72
C HIS B 133 -17.51 14.42 -18.81
N ASP B 134 -17.52 15.46 -19.67
CA ASP B 134 -18.55 15.50 -20.69
C ASP B 134 -18.41 14.32 -21.65
N LEU B 135 -17.17 13.97 -22.02
CA LEU B 135 -16.98 12.80 -22.85
C LEU B 135 -17.38 11.52 -22.11
N ASP B 136 -16.93 11.37 -20.85
CA ASP B 136 -17.22 10.15 -20.12
C ASP B 136 -18.72 9.95 -19.97
N GLU B 137 -19.45 11.02 -19.67
CA GLU B 137 -20.90 10.91 -19.52
C GLU B 137 -21.58 10.58 -20.85
N TYR B 138 -21.13 11.23 -21.93
CA TYR B 138 -21.76 10.98 -23.22
C TYR B 138 -21.55 9.53 -23.64
N VAL B 139 -20.31 9.04 -23.53
CA VAL B 139 -20.00 7.66 -23.88
C VAL B 139 -20.84 6.70 -23.05
N GLN B 140 -21.03 7.01 -21.76
CA GLN B 140 -21.87 6.16 -20.93
C GLN B 140 -23.31 6.17 -21.41
N GLN B 141 -23.83 7.33 -21.83
CA GLN B 141 -25.18 7.36 -22.39
C GLN B 141 -25.26 6.52 -23.66
N GLN B 142 -24.20 6.54 -24.46
CA GLN B 142 -24.13 5.71 -25.67
C GLN B 142 -24.32 4.25 -25.33
N LEU B 143 -23.53 3.74 -24.38
CA LEU B 143 -23.62 2.34 -23.97
C LEU B 143 -25.02 2.00 -23.48
N ILE B 144 -25.64 2.90 -22.71
CA ILE B 144 -26.98 2.62 -22.21
C ILE B 144 -27.97 2.58 -23.36
N MET B 145 -27.87 3.52 -24.30
CA MET B 145 -28.78 3.53 -25.44
C MET B 145 -28.66 2.23 -26.25
N SER B 146 -27.46 1.88 -26.67
CA SER B 146 -27.28 0.66 -27.45
C SER B 146 -27.73 -0.57 -26.67
N ALA B 147 -27.43 -0.61 -25.36
CA ALA B 147 -27.97 -1.68 -24.53
C ALA B 147 -29.49 -1.64 -24.51
N LEU B 148 -30.08 -0.43 -24.54
CA LEU B 148 -31.54 -0.31 -24.45
C LEU B 148 -32.28 -0.93 -25.62
N GLN B 149 -31.67 -1.00 -26.81
CA GLN B 149 -32.45 -1.51 -27.94
C GLN B 149 -32.58 -3.04 -27.92
N LEU B 150 -31.59 -3.76 -27.33
CA LEU B 150 -31.85 -5.19 -27.09
C LEU B 150 -32.87 -5.35 -25.99
N THR B 151 -32.70 -4.59 -24.91
CA THR B 151 -33.68 -4.65 -23.85
C THR B 151 -35.06 -4.22 -24.34
N ALA B 152 -35.11 -3.39 -25.39
CA ALA B 152 -36.40 -2.98 -25.96
C ALA B 152 -37.21 -4.20 -26.39
N CYS B 153 -36.55 -5.21 -26.96
CA CYS B 153 -37.21 -6.41 -27.47
C CYS B 153 -37.24 -7.50 -26.40
N ILE B 154 -36.09 -8.12 -26.14
CA ILE B 154 -36.00 -9.34 -25.34
C ILE B 154 -36.66 -9.19 -23.97
N LEU B 155 -36.82 -7.97 -23.50
CA LEU B 155 -37.41 -7.81 -22.18
C LEU B 155 -38.91 -8.12 -22.22
N LYS B 156 -39.35 -8.91 -21.25
CA LYS B 156 -40.76 -9.17 -21.06
C LYS B 156 -41.46 -7.88 -20.64
N LYS B 157 -42.59 -7.58 -21.27
CA LYS B 157 -43.38 -6.44 -20.86
C LYS B 157 -43.70 -6.53 -19.38
N GLY B 158 -43.35 -5.48 -18.64
CA GLY B 158 -43.46 -5.48 -17.20
C GLY B 158 -42.26 -6.03 -16.47
N GLY B 159 -41.12 -6.19 -17.15
CA GLY B 159 -39.90 -6.73 -16.55
C GLY B 159 -38.84 -5.66 -16.35
N THR B 160 -38.04 -5.83 -15.31
CA THR B 160 -37.09 -4.81 -14.89
C THR B 160 -35.82 -4.83 -15.75
N PHE B 161 -35.24 -3.63 -15.95
CA PHE B 161 -33.96 -3.41 -16.65
C PHE B 161 -33.04 -2.56 -15.79
N VAL B 162 -31.83 -3.05 -15.55
CA VAL B 162 -30.87 -2.42 -14.63
C VAL B 162 -29.60 -2.07 -15.40
N ALA B 163 -29.10 -0.85 -15.19
CA ALA B 163 -27.93 -0.38 -15.90
C ALA B 163 -27.14 0.59 -15.03
N LYS B 164 -25.83 0.59 -15.21
CA LYS B 164 -24.96 1.55 -14.55
C LYS B 164 -24.96 2.87 -15.32
N ILE B 165 -25.07 3.98 -14.58
CA ILE B 165 -25.09 5.31 -15.18
C ILE B 165 -23.99 6.17 -14.60
N PHE B 166 -23.70 7.23 -15.34
CA PHE B 166 -22.83 8.33 -14.93
C PHE B 166 -23.76 9.45 -14.49
N ARG B 167 -23.87 9.64 -13.17
CA ARG B 167 -24.92 10.49 -12.60
C ARG B 167 -24.51 11.98 -12.58
N GLY B 168 -24.20 12.51 -13.77
CA GLY B 168 -23.62 13.84 -13.95
C GLY B 168 -24.58 14.90 -14.45
N ARG B 169 -24.07 15.78 -15.31
CA ARG B 169 -24.78 17.00 -15.72
C ARG B 169 -26.03 16.69 -16.56
N ASP B 170 -25.99 15.69 -17.42
CA ASP B 170 -27.06 15.45 -18.38
C ASP B 170 -27.88 14.21 -18.05
N ILE B 171 -27.80 13.72 -16.81
CA ILE B 171 -28.51 12.50 -16.46
C ILE B 171 -30.00 12.70 -16.60
N ASP B 172 -30.50 13.90 -16.28
CA ASP B 172 -31.94 14.12 -16.34
C ASP B 172 -32.48 13.99 -17.76
N MET B 173 -31.65 14.17 -18.80
CA MET B 173 -32.10 13.86 -20.14
C MET B 173 -32.38 12.39 -20.28
N LEU B 174 -31.46 11.56 -19.81
CA LEU B 174 -31.64 10.12 -19.90
C LEU B 174 -32.91 9.68 -19.18
N TYR B 175 -33.20 10.29 -18.02
CA TYR B 175 -34.38 9.88 -17.26
C TYR B 175 -35.67 10.07 -18.06
N SER B 176 -35.80 11.20 -18.78
CA SER B 176 -37.06 11.41 -19.48
C SER B 176 -37.04 10.80 -20.87
N GLN B 177 -35.86 10.68 -21.50
CA GLN B 177 -35.76 9.81 -22.68
C GLN B 177 -36.23 8.41 -22.33
N LEU B 178 -36.15 8.08 -21.06
CA LEU B 178 -36.47 6.76 -20.56
C LEU B 178 -37.87 6.72 -19.92
N GLY B 179 -38.55 7.87 -19.87
CA GLY B 179 -39.90 7.91 -19.32
C GLY B 179 -40.92 7.18 -20.18
N TYR B 180 -40.76 7.25 -21.50
CA TYR B 180 -41.70 6.64 -22.43
C TYR B 180 -41.81 5.13 -22.23
N LEU B 181 -40.82 4.50 -21.56
CA LEU B 181 -40.68 3.06 -21.59
C LEU B 181 -40.79 2.35 -20.25
N PHE B 182 -41.04 3.04 -19.13
CA PHE B 182 -41.08 2.31 -17.87
C PHE B 182 -42.11 2.88 -16.91
N ASP B 183 -42.61 1.99 -16.04
CA ASP B 183 -43.60 2.38 -15.04
C ASP B 183 -42.98 3.26 -13.97
N LYS B 184 -41.90 2.79 -13.35
CA LYS B 184 -41.23 3.51 -12.28
C LYS B 184 -39.74 3.47 -12.55
N ILE B 185 -39.14 4.63 -12.78
CA ILE B 185 -37.71 4.74 -13.00
C ILE B 185 -37.07 5.18 -11.70
N VAL B 186 -36.12 4.40 -11.24
CA VAL B 186 -35.47 4.62 -9.97
C VAL B 186 -33.98 4.78 -10.23
N CYS B 187 -33.29 5.41 -9.29
CA CYS B 187 -31.88 5.67 -9.40
C CYS B 187 -31.29 5.39 -8.03
N ALA B 188 -30.19 4.64 -8.01
CA ALA B 188 -29.66 4.15 -6.75
C ALA B 188 -28.15 4.06 -6.73
N LYS B 189 -27.55 4.67 -5.75
CA LYS B 189 -26.27 4.09 -5.43
C LYS B 189 -26.53 2.86 -4.56
N PRO B 190 -25.65 1.86 -4.65
CA PRO B 190 -25.55 0.91 -3.55
C PRO B 190 -24.62 1.54 -2.54
N ARG B 191 -23.87 0.73 -1.82
CA ARG B 191 -22.95 1.23 -0.81
C ARG B 191 -21.53 0.73 -1.03
N SER B 192 -21.36 -0.29 -1.85
CA SER B 192 -20.09 -0.66 -2.45
C SER B 192 -19.72 0.23 -3.62
N SER B 193 -20.57 1.20 -3.98
CA SER B 193 -20.22 2.18 -5.00
C SER B 193 -19.36 3.26 -4.38
N ARG B 194 -18.09 3.35 -4.82
CA ARG B 194 -17.11 4.26 -4.25
C ARG B 194 -17.63 5.70 -4.22
N GLY B 195 -17.50 6.34 -3.04
CA GLY B 195 -17.86 7.75 -2.92
C GLY B 195 -17.19 8.65 -3.94
N THR B 196 -15.98 8.29 -4.38
CA THR B 196 -15.19 9.03 -5.36
C THR B 196 -15.59 8.76 -6.81
N SER B 197 -16.70 8.06 -7.04
CA SER B 197 -17.19 7.79 -8.39
C SER B 197 -18.53 8.48 -8.57
N LEU B 198 -18.78 8.97 -9.79
CA LEU B 198 -20.06 9.53 -10.18
C LEU B 198 -21.08 8.45 -10.51
N GLU B 199 -20.83 7.25 -10.00
CA GLU B 199 -21.58 6.07 -10.36
C GLU B 199 -22.94 6.06 -9.70
N ALA B 200 -23.90 5.48 -10.41
CA ALA B 200 -25.19 5.17 -9.83
C ALA B 200 -25.82 4.12 -10.74
N PHE B 201 -26.98 3.66 -10.37
CA PHE B 201 -27.65 2.65 -11.16
C PHE B 201 -29.08 3.08 -11.40
N ILE B 202 -29.52 2.90 -12.62
CA ILE B 202 -30.87 3.21 -13.02
C ILE B 202 -31.63 1.90 -13.00
N VAL B 203 -32.47 1.72 -11.98
CA VAL B 203 -33.21 0.49 -11.77
C VAL B 203 -34.59 0.71 -12.36
N CYS B 204 -34.79 0.28 -13.60
CA CYS B 204 -36.05 0.53 -14.30
C CYS B 204 -37.02 -0.61 -14.01
N LEU B 205 -38.10 -0.31 -13.29
CA LEU B 205 -39.11 -1.30 -12.92
C LEU B 205 -40.32 -1.22 -13.83
N GLY B 206 -40.95 -2.38 -14.04
CA GLY B 206 -42.15 -2.50 -14.84
C GLY B 206 -42.00 -2.02 -16.27
N TYR B 207 -41.44 -2.87 -17.13
CA TYR B 207 -41.31 -2.51 -18.54
C TYR B 207 -42.67 -2.18 -19.15
N ASN B 208 -42.80 -0.96 -19.65
CA ASN B 208 -44.05 -0.42 -20.20
C ASN B 208 -43.97 -0.39 -21.74
N PRO B 209 -44.87 0.27 -22.49
CA PRO B 209 -44.94 -0.01 -23.92
C PRO B 209 -43.82 0.67 -24.68
N PRO B 210 -43.00 -0.12 -25.41
CA PRO B 210 -42.08 0.47 -26.39
C PRO B 210 -42.79 1.08 -27.59
N SER B 211 -42.12 1.14 -28.74
CA SER B 211 -42.67 1.78 -29.93
C SER B 211 -43.45 0.79 -30.79
N ASN B 212 -43.49 1.03 -32.09
CA ASN B 212 -44.25 0.21 -33.05
C ASN B 212 -43.79 0.48 -34.47
N ASN B 233 -25.02 1.07 -40.40
CA ASN B 233 -24.89 2.52 -40.29
C ASN B 233 -26.16 3.22 -40.76
N LYS B 234 -27.18 3.20 -39.91
CA LYS B 234 -28.40 3.96 -40.17
C LYS B 234 -29.04 4.37 -38.84
N LEU B 235 -30.31 4.74 -38.90
CA LEU B 235 -31.03 5.32 -37.76
C LEU B 235 -31.08 4.34 -36.60
N CYS B 236 -30.75 4.83 -35.38
CA CYS B 236 -30.71 4.01 -34.17
C CYS B 236 -31.55 4.65 -33.07
N ILE B 237 -31.69 3.92 -31.95
CA ILE B 237 -32.54 4.36 -30.84
C ILE B 237 -32.06 5.71 -30.29
N SER B 238 -30.74 5.92 -30.29
CA SER B 238 -30.21 7.16 -29.74
C SER B 238 -30.69 8.38 -30.53
N ASP B 239 -30.78 8.25 -31.86
CA ASP B 239 -31.33 9.34 -32.65
C ASP B 239 -32.86 9.40 -32.66
N LYS B 240 -33.57 8.28 -32.50
CA LYS B 240 -35.03 8.38 -32.40
C LYS B 240 -35.51 8.70 -30.98
N LEU B 241 -34.74 8.39 -29.92
CA LEU B 241 -35.07 9.00 -28.62
C LEU B 241 -34.62 10.45 -28.56
N SER B 242 -33.52 10.78 -29.25
CA SER B 242 -33.19 12.19 -29.47
C SER B 242 -34.25 12.87 -30.32
N HIS B 243 -34.91 12.11 -31.20
CA HIS B 243 -35.94 12.64 -32.08
C HIS B 243 -37.12 13.19 -31.27
N TRP B 244 -37.70 12.35 -30.40
CA TRP B 244 -38.94 12.73 -29.74
C TRP B 244 -38.70 13.60 -28.51
N ASN B 245 -37.80 13.16 -27.63
CA ASN B 245 -37.43 13.81 -26.36
C ASN B 245 -37.25 15.33 -26.32
N GLU B 246 -36.95 15.94 -27.46
CA GLU B 246 -35.66 16.57 -27.54
C GLU B 246 -35.33 17.82 -26.73
N GLU B 247 -34.14 17.71 -26.10
CA GLU B 247 -33.57 18.67 -25.15
C GLU B 247 -34.43 18.88 -23.90
N GLU B 248 -35.09 17.82 -23.43
CA GLU B 248 -35.90 17.90 -22.22
C GLU B 248 -35.27 17.05 -21.13
N ARG B 249 -35.46 17.50 -19.88
CA ARG B 249 -34.87 16.86 -18.71
C ARG B 249 -35.92 16.69 -17.62
N ASN B 250 -35.98 15.50 -17.03
CA ASN B 250 -36.82 15.19 -15.89
C ASN B 250 -35.96 14.53 -14.82
N ILE B 251 -36.44 14.55 -13.58
CA ILE B 251 -35.69 13.95 -12.47
C ILE B 251 -36.39 12.65 -12.09
N ALA B 252 -35.66 11.53 -12.20
CA ALA B 252 -36.16 10.22 -11.79
C ALA B 252 -36.23 10.13 -10.27
N GLU B 253 -37.07 9.23 -9.80
CA GLU B 253 -37.15 8.95 -8.37
C GLU B 253 -35.83 8.36 -7.88
N PHE B 254 -35.47 8.66 -6.63
CA PHE B 254 -34.27 8.11 -6.03
C PHE B 254 -34.61 7.09 -4.94
N MET B 255 -33.73 6.10 -4.78
CA MET B 255 -33.88 4.98 -3.85
C MET B 255 -32.50 4.50 -3.43
N ALA B 256 -32.20 4.58 -2.14
CA ALA B 256 -31.08 3.79 -1.64
C ALA B 256 -31.44 2.31 -1.67
N CYS B 257 -30.39 1.47 -1.71
CA CYS B 257 -30.56 0.07 -2.07
C CYS B 257 -30.16 -0.94 -0.99
N GLY B 258 -29.02 -0.82 -0.34
CA GLY B 258 -28.65 -1.86 0.59
C GLY B 258 -29.46 -1.82 1.87
N SER B 259 -29.05 -2.68 2.80
CA SER B 259 -29.57 -2.67 4.14
C SER B 259 -28.70 -1.77 4.99
N MET C 1 26.19 -36.39 8.91
CA MET C 1 25.31 -35.55 9.71
C MET C 1 24.09 -36.35 10.18
N LYS C 2 23.55 -36.00 11.35
CA LYS C 2 22.38 -36.68 11.88
C LYS C 2 21.27 -35.69 12.17
N ASP C 3 20.06 -36.04 11.73
CA ASP C 3 18.89 -35.21 11.98
C ASP C 3 18.36 -35.48 13.38
N LEU C 4 18.03 -34.41 14.10
CA LEU C 4 17.65 -34.47 15.51
C LEU C 4 16.17 -34.16 15.73
N SER C 5 15.73 -32.96 15.34
CA SER C 5 14.31 -32.59 15.41
C SER C 5 13.92 -31.85 14.14
N HIS C 6 12.61 -31.77 13.94
CA HIS C 6 12.02 -31.05 12.83
C HIS C 6 10.70 -30.44 13.24
N TYR C 7 10.51 -29.17 12.93
CA TYR C 7 9.20 -28.53 13.08
C TYR C 7 8.81 -27.93 11.73
N GLY C 8 7.68 -28.38 11.19
CA GLY C 8 7.30 -27.94 9.88
C GLY C 8 6.01 -28.56 9.42
N PRO C 9 5.68 -28.36 8.14
CA PRO C 9 4.38 -28.79 7.61
C PRO C 9 4.02 -30.21 8.03
N ALA C 10 2.84 -30.36 8.65
CA ALA C 10 2.30 -31.64 9.09
C ALA C 10 1.02 -31.87 8.30
N LEU C 11 1.06 -32.79 7.34
CA LEU C 11 0.04 -32.81 6.31
C LEU C 11 -1.22 -33.59 6.69
N CYS C 12 -1.18 -34.47 7.69
CA CYS C 12 -2.38 -35.24 8.03
C CYS C 12 -2.32 -35.66 9.49
N VAL C 13 -3.49 -35.98 10.04
CA VAL C 13 -3.62 -36.46 11.40
C VAL C 13 -4.76 -37.45 11.47
N LYS C 14 -4.59 -38.47 12.32
CA LYS C 14 -5.63 -39.47 12.53
C LYS C 14 -5.76 -39.78 14.01
N PHE C 15 -7.00 -39.82 14.49
CA PHE C 15 -7.31 -40.40 15.79
C PHE C 15 -7.32 -41.93 15.71
N TYR C 16 -6.75 -42.58 16.73
CA TYR C 16 -6.75 -44.05 16.78
C TYR C 16 -6.69 -44.49 18.25
N ASN C 17 -7.87 -44.74 18.83
CA ASN C 17 -7.96 -45.30 20.19
C ASN C 17 -6.98 -44.67 21.16
N ASP C 18 -7.16 -43.39 21.45
CA ASP C 18 -6.32 -42.66 22.42
C ASP C 18 -4.96 -42.28 21.85
N TYR C 19 -4.62 -42.66 20.63
CA TYR C 19 -3.47 -42.08 19.97
C TYR C 19 -3.93 -41.02 18.98
N VAL C 20 -3.06 -40.05 18.75
CA VAL C 20 -3.07 -39.27 17.52
C VAL C 20 -1.83 -39.67 16.74
N LEU C 21 -2.03 -40.07 15.50
CA LEU C 21 -0.93 -40.28 14.57
C LEU C 21 -0.92 -39.09 13.61
N ALA C 22 0.23 -38.42 13.51
CA ALA C 22 0.36 -37.24 12.68
C ALA C 22 1.43 -37.49 11.65
N GLY C 23 1.10 -37.31 10.37
CA GLY C 23 2.11 -37.18 9.35
C GLY C 23 2.83 -35.87 9.57
N TYR C 24 4.15 -35.92 9.75
CA TYR C 24 4.89 -34.76 10.26
C TYR C 24 6.19 -34.71 9.46
N GLY C 25 6.23 -33.91 8.41
CA GLY C 25 7.32 -34.03 7.48
C GLY C 25 7.32 -35.45 6.96
N PRO C 26 8.50 -36.05 6.83
CA PRO C 26 8.58 -37.45 6.39
C PRO C 26 8.38 -38.46 7.51
N PHE C 27 7.96 -38.02 8.71
CA PHE C 27 7.77 -38.91 9.85
C PHE C 27 6.30 -39.13 10.14
N ILE C 28 6.06 -40.15 10.95
CA ILE C 28 4.84 -40.29 11.74
C ILE C 28 5.20 -40.00 13.18
N HIS C 29 4.43 -39.12 13.81
CA HIS C 29 4.47 -38.88 15.24
C HIS C 29 3.27 -39.58 15.86
N VAL C 30 3.49 -40.31 16.95
CA VAL C 30 2.41 -40.95 17.70
C VAL C 30 2.35 -40.28 19.07
N TYR C 31 1.18 -39.72 19.40
CA TYR C 31 0.95 -39.02 20.65
C TYR C 31 -0.11 -39.73 21.48
N ASP C 32 0.07 -39.73 22.79
CA ASP C 32 -1.03 -39.97 23.71
C ASP C 32 -1.74 -38.63 23.90
N TYR C 33 -2.91 -38.47 23.30
CA TYR C 33 -3.42 -37.11 23.16
C TYR C 33 -4.06 -36.57 24.44
N HIS C 34 -4.49 -37.42 25.38
CA HIS C 34 -5.03 -36.88 26.62
C HIS C 34 -3.94 -36.22 27.47
N SER C 35 -2.72 -36.76 27.45
CA SER C 35 -1.63 -36.13 28.17
C SER C 35 -0.69 -35.33 27.28
N ALA C 36 -0.89 -35.36 25.96
CA ALA C 36 -0.04 -34.64 25.01
C ALA C 36 1.42 -35.12 25.05
N THR C 37 1.63 -36.40 25.27
CA THR C 37 3.01 -36.90 25.34
C THR C 37 3.39 -37.48 23.99
N LEU C 38 4.58 -37.13 23.51
CA LEU C 38 5.08 -37.70 22.27
C LEU C 38 5.63 -39.08 22.57
N ILE C 39 4.93 -40.11 22.11
CA ILE C 39 5.38 -41.47 22.38
C ILE C 39 6.56 -41.82 21.50
N ASN C 40 6.46 -41.55 20.20
CA ASN C 40 7.59 -41.84 19.32
C ASN C 40 7.51 -41.05 18.02
N LYS C 41 8.67 -40.81 17.42
CA LYS C 41 8.85 -40.24 16.10
C LYS C 41 9.51 -41.29 15.23
N CYS C 42 8.84 -41.71 14.16
CA CYS C 42 9.38 -42.73 13.27
C CYS C 42 9.41 -42.20 11.85
N ARG C 43 10.59 -42.16 11.23
CA ARG C 43 10.71 -41.72 9.85
C ARG C 43 10.18 -42.80 8.89
N LEU C 44 9.19 -42.46 8.07
CA LEU C 44 8.66 -43.40 7.08
C LEU C 44 9.28 -43.25 5.70
N PHE C 45 9.62 -42.03 5.26
CA PHE C 45 10.09 -41.79 3.90
C PHE C 45 11.48 -41.17 3.92
N HIS C 46 12.26 -41.42 2.87
CA HIS C 46 13.61 -40.85 2.83
C HIS C 46 13.57 -39.32 2.81
N TYR C 47 12.75 -38.75 1.93
CA TYR C 47 12.64 -37.30 1.86
C TYR C 47 11.20 -36.78 1.72
N ASN C 48 10.27 -37.57 1.18
CA ASN C 48 8.92 -37.10 0.93
C ASN C 48 8.14 -36.92 2.23
N LYS C 49 7.27 -35.92 2.23
CA LYS C 49 6.40 -35.76 3.38
C LYS C 49 5.25 -36.79 3.30
N VAL C 50 4.70 -37.11 4.46
CA VAL C 50 3.53 -37.98 4.56
C VAL C 50 2.31 -37.10 4.34
N HIS C 51 1.66 -37.29 3.20
CA HIS C 51 0.42 -36.58 2.89
C HIS C 51 -0.82 -37.23 3.48
N GLY C 52 -0.82 -38.55 3.64
CA GLY C 52 -1.99 -39.24 4.14
C GLY C 52 -1.61 -40.53 4.83
N LEU C 53 -2.44 -40.94 5.78
CA LEU C 53 -2.19 -42.19 6.46
C LEU C 53 -3.53 -42.74 6.90
N SER C 54 -3.63 -44.06 6.97
CA SER C 54 -4.81 -44.69 7.59
C SER C 54 -4.39 -46.01 8.24
N LEU C 55 -5.20 -46.45 9.19
CA LEU C 55 -4.89 -47.62 10.01
C LEU C 55 -5.92 -48.70 9.77
N SER C 56 -5.45 -49.93 9.57
CA SER C 56 -6.36 -51.07 9.63
C SER C 56 -6.71 -51.37 11.08
N SER C 57 -7.82 -52.09 11.26
CA SER C 57 -8.25 -52.48 12.61
C SER C 57 -7.16 -53.25 13.35
N GLU C 58 -6.32 -53.99 12.63
CA GLU C 58 -5.29 -54.83 13.23
C GLU C 58 -3.95 -54.12 13.36
N GLY C 59 -3.92 -52.79 13.29
CA GLY C 59 -2.70 -52.05 13.57
C GLY C 59 -1.73 -51.84 12.41
N LYS C 60 -2.10 -52.17 11.19
CA LYS C 60 -1.26 -51.82 10.05
C LYS C 60 -1.52 -50.36 9.64
N ILE C 61 -0.44 -49.66 9.29
CA ILE C 61 -0.52 -48.28 8.82
C ILE C 61 -0.21 -48.24 7.32
N LEU C 62 -1.14 -47.69 6.54
CA LEU C 62 -0.91 -47.36 5.13
C LEU C 62 -0.62 -45.87 5.01
N ALA C 63 0.55 -45.51 4.49
CA ALA C 63 0.94 -44.12 4.38
C ALA C 63 1.42 -43.81 2.97
N TYR C 64 1.13 -42.60 2.50
CA TYR C 64 1.54 -42.18 1.17
C TYR C 64 1.93 -40.70 1.20
N GLY C 65 2.66 -40.28 0.18
CA GLY C 65 3.02 -38.88 0.05
C GLY C 65 3.81 -38.65 -1.21
N ALA C 66 3.27 -37.82 -2.11
CA ALA C 66 3.86 -37.58 -3.43
C ALA C 66 3.90 -38.94 -4.12
N ARG C 67 5.05 -39.46 -4.49
CA ARG C 67 5.10 -40.78 -5.10
C ARG C 67 5.44 -41.89 -4.11
N SER C 68 5.53 -41.59 -2.82
CA SER C 68 5.87 -42.60 -1.83
C SER C 68 4.63 -43.25 -1.24
N VAL C 69 4.78 -44.54 -0.95
CA VAL C 69 3.76 -45.30 -0.24
C VAL C 69 4.48 -46.32 0.62
N THR C 70 3.89 -46.63 1.77
CA THR C 70 4.44 -47.65 2.63
C THR C 70 3.30 -48.30 3.41
N ILE C 71 3.52 -49.55 3.80
CA ILE C 71 2.67 -50.26 4.74
C ILE C 71 3.54 -50.69 5.91
N VAL C 72 3.16 -50.32 7.12
CA VAL C 72 4.06 -50.46 8.23
C VAL C 72 3.25 -50.79 9.46
N GLU C 73 3.90 -51.42 10.44
CA GLU C 73 3.21 -51.90 11.63
C GLU C 73 3.23 -50.85 12.74
N LEU C 74 2.04 -50.59 13.33
CA LEU C 74 1.94 -49.62 14.41
C LEU C 74 2.90 -49.95 15.54
N GLU C 75 3.09 -51.24 15.83
CA GLU C 75 4.01 -51.62 16.88
C GLU C 75 5.43 -51.24 16.54
N ASP C 76 5.81 -51.31 15.26
CA ASP C 76 7.15 -50.86 14.89
C ASP C 76 7.26 -49.34 14.93
N VAL C 77 6.21 -48.64 14.47
CA VAL C 77 6.22 -47.18 14.51
C VAL C 77 6.31 -46.69 15.94
N LEU C 78 5.75 -47.44 16.89
CA LEU C 78 5.84 -47.07 18.29
C LEU C 78 7.28 -47.11 18.81
N LYS C 79 8.17 -47.96 18.25
CA LYS C 79 9.47 -48.14 18.87
C LYS C 79 10.69 -47.93 17.98
N LYS C 80 10.54 -47.89 16.67
CA LYS C 80 11.71 -47.75 15.83
C LYS C 80 11.90 -46.30 15.41
N GLU C 81 13.17 -45.90 15.32
CA GLU C 81 13.54 -44.58 14.84
C GLU C 81 13.14 -44.37 13.38
N SER C 82 13.33 -45.40 12.54
CA SER C 82 13.11 -45.25 11.12
C SER C 82 12.66 -46.57 10.51
N LEU C 83 11.81 -46.47 9.49
CA LEU C 83 11.29 -47.59 8.74
C LEU C 83 11.35 -47.30 7.24
N VAL C 84 12.35 -46.51 6.82
CA VAL C 84 12.47 -46.06 5.43
C VAL C 84 12.74 -47.19 4.46
N ASP C 85 13.17 -48.36 4.93
CA ASP C 85 13.43 -49.46 4.00
C ASP C 85 12.15 -50.00 3.39
N PHE C 86 11.02 -49.78 4.06
CA PHE C 86 9.76 -50.25 3.53
C PHE C 86 9.13 -49.27 2.55
N GLU C 87 9.75 -48.10 2.36
CA GLU C 87 9.23 -47.12 1.43
C GLU C 87 9.27 -47.67 0.01
N ARG C 88 8.17 -47.52 -0.73
CA ARG C 88 8.14 -47.81 -2.16
C ARG C 88 7.77 -46.55 -2.94
N ILE C 89 8.31 -46.43 -4.14
CA ILE C 89 8.09 -45.27 -5.01
C ILE C 89 7.23 -45.69 -6.20
N ASN C 90 6.06 -45.07 -6.34
CA ASN C 90 5.22 -45.28 -7.52
C ASN C 90 5.62 -44.33 -8.63
N SER C 91 5.34 -44.73 -9.87
CA SER C 91 5.73 -43.90 -11.01
C SER C 91 4.95 -42.59 -11.07
N ASP C 92 3.70 -42.55 -10.61
CA ASP C 92 2.87 -41.36 -10.60
C ASP C 92 2.62 -40.87 -9.18
N TRP C 93 2.31 -39.58 -9.05
CA TRP C 93 1.87 -39.00 -7.79
C TRP C 93 0.68 -39.79 -7.24
N ILE C 94 0.70 -40.06 -5.93
CA ILE C 94 -0.36 -40.79 -5.25
C ILE C 94 -1.28 -39.78 -4.58
N THR C 95 -2.51 -39.69 -5.06
CA THR C 95 -3.51 -38.78 -4.51
C THR C 95 -4.22 -39.36 -3.29
N GLY C 96 -4.46 -40.68 -3.27
CA GLY C 96 -5.07 -41.29 -2.09
C GLY C 96 -4.71 -42.75 -1.95
N ALA C 97 -4.99 -43.29 -0.75
CA ALA C 97 -4.72 -44.68 -0.44
C ALA C 97 -5.70 -45.15 0.62
N THR C 98 -6.30 -46.33 0.43
CA THR C 98 -7.21 -46.96 1.39
C THR C 98 -6.92 -48.46 1.45
N PHE C 99 -7.12 -49.04 2.62
CA PHE C 99 -7.15 -50.49 2.71
C PHE C 99 -8.40 -51.04 2.03
N SER C 100 -8.26 -52.23 1.46
CA SER C 100 -9.46 -52.96 1.05
C SER C 100 -10.29 -53.27 2.29
N PHE C 101 -11.56 -53.60 2.06
CA PHE C 101 -12.48 -53.84 3.16
C PHE C 101 -11.93 -54.86 4.16
N ASP C 102 -11.30 -55.92 3.66
CA ASP C 102 -10.76 -56.94 4.55
C ASP C 102 -9.30 -56.70 4.92
N ASN C 103 -8.70 -55.59 4.50
CA ASN C 103 -7.33 -55.20 4.81
C ASN C 103 -6.30 -56.14 4.21
N LEU C 104 -6.67 -56.89 3.18
CA LEU C 104 -5.74 -57.79 2.50
C LEU C 104 -5.08 -57.14 1.28
N GLN C 105 -5.73 -56.16 0.66
CA GLN C 105 -5.12 -55.34 -0.38
C GLN C 105 -5.11 -53.87 0.05
N ILE C 106 -4.38 -53.06 -0.73
CA ILE C 106 -4.52 -51.60 -0.63
C ILE C 106 -4.94 -51.08 -2.01
N TYR C 107 -5.64 -49.95 -2.00
CA TYR C 107 -6.07 -49.26 -3.21
C TYR C 107 -5.36 -47.91 -3.28
N LEU C 108 -4.61 -47.68 -4.36
CA LEU C 108 -3.87 -46.45 -4.56
C LEU C 108 -4.50 -45.65 -5.69
N LEU C 109 -4.97 -44.44 -5.38
CA LEU C 109 -5.50 -43.55 -6.39
C LEU C 109 -4.38 -42.65 -6.88
N THR C 110 -4.08 -42.69 -8.18
CA THR C 110 -3.07 -41.79 -8.74
C THR C 110 -3.70 -40.47 -9.14
N CYS C 111 -2.83 -39.49 -9.43
CA CYS C 111 -3.29 -38.17 -9.85
C CYS C 111 -3.93 -38.18 -11.22
N TYR C 112 -3.83 -39.28 -11.96
CA TYR C 112 -4.51 -39.41 -13.24
C TYR C 112 -5.76 -40.26 -13.13
N ASN C 113 -6.29 -40.41 -11.91
CA ASN C 113 -7.57 -41.09 -11.68
C ASN C 113 -7.52 -42.56 -12.09
N LYS C 114 -6.37 -43.22 -11.94
CA LYS C 114 -6.26 -44.67 -12.04
C LYS C 114 -6.08 -45.22 -10.62
N VAL C 115 -6.69 -46.37 -10.35
CA VAL C 115 -6.56 -47.04 -9.07
C VAL C 115 -5.68 -48.28 -9.26
N LEU C 116 -4.66 -48.40 -8.42
CA LEU C 116 -3.78 -49.57 -8.42
C LEU C 116 -4.18 -50.44 -7.24
N ILE C 117 -4.64 -51.65 -7.52
CA ILE C 117 -4.94 -52.61 -6.46
C ILE C 117 -3.66 -53.39 -6.18
N CYS C 118 -3.13 -53.24 -4.97
CA CYS C 118 -1.84 -53.80 -4.59
C CYS C 118 -1.98 -54.79 -3.44
N ASP C 119 -0.94 -55.61 -3.26
CA ASP C 119 -0.86 -56.50 -2.11
C ASP C 119 -0.18 -55.78 -0.96
N LEU C 120 -0.10 -56.44 0.19
CA LEU C 120 0.48 -55.70 1.31
C LEU C 120 1.99 -55.55 1.23
N ASN C 121 2.64 -55.88 0.12
CA ASN C 121 3.99 -55.40 -0.15
C ASN C 121 3.99 -54.20 -1.09
N CYS C 122 2.81 -53.64 -1.38
CA CYS C 122 2.63 -52.53 -2.30
C CYS C 122 2.94 -52.91 -3.74
N GLU C 123 2.82 -54.19 -4.08
CA GLU C 123 3.02 -54.63 -5.45
C GLU C 123 1.67 -54.65 -6.15
N VAL C 124 1.66 -54.12 -7.37
CA VAL C 124 0.41 -53.99 -8.13
C VAL C 124 -0.07 -55.37 -8.53
N LEU C 125 -1.35 -55.63 -8.30
CA LEU C 125 -2.04 -56.81 -8.78
C LEU C 125 -2.80 -56.53 -10.08
N PHE C 126 -3.49 -55.41 -10.17
CA PHE C 126 -4.11 -54.97 -11.41
C PHE C 126 -4.53 -53.50 -11.23
N ARG C 127 -5.05 -52.92 -12.31
CA ARG C 127 -5.39 -51.51 -12.34
C ARG C 127 -6.82 -51.33 -12.80
N LYS C 128 -7.49 -50.33 -12.24
CA LYS C 128 -8.82 -49.97 -12.69
C LYS C 128 -8.80 -48.53 -13.17
N SER C 129 -9.59 -48.24 -14.19
CA SER C 129 -9.67 -46.88 -14.71
C SER C 129 -10.92 -46.72 -15.53
N LEU C 130 -11.29 -45.47 -15.74
CA LEU C 130 -12.44 -45.14 -16.56
C LEU C 130 -12.03 -45.10 -18.03
N GLY C 131 -13.04 -45.08 -18.90
CA GLY C 131 -12.85 -44.76 -20.30
C GLY C 131 -13.09 -43.28 -20.54
N GLY C 132 -12.60 -42.80 -21.67
CA GLY C 132 -12.71 -41.39 -21.99
C GLY C 132 -11.37 -40.68 -21.81
N GLU C 133 -11.43 -39.36 -21.79
CA GLU C 133 -10.19 -38.57 -21.76
C GLU C 133 -9.61 -38.58 -20.35
N ARG C 134 -8.28 -38.39 -20.28
CA ARG C 134 -7.64 -38.43 -18.98
C ARG C 134 -8.19 -37.32 -18.11
N SER C 135 -8.11 -37.53 -16.80
CA SER C 135 -8.42 -36.52 -15.80
C SER C 135 -7.19 -36.33 -14.94
N ILE C 136 -6.83 -35.07 -14.71
CA ILE C 136 -5.79 -34.69 -13.77
C ILE C 136 -6.48 -34.33 -12.47
N LEU C 137 -5.96 -34.86 -11.36
CA LEU C 137 -6.60 -34.69 -10.06
C LEU C 137 -5.76 -33.83 -9.14
N TYR C 138 -6.43 -32.94 -8.38
CA TYR C 138 -5.79 -32.29 -7.25
C TYR C 138 -6.19 -32.89 -5.92
N SER C 139 -7.19 -33.78 -5.92
CA SER C 139 -7.61 -34.46 -4.71
C SER C 139 -8.42 -35.69 -5.09
N GLY C 140 -8.70 -36.50 -4.08
CA GLY C 140 -9.62 -37.62 -4.23
C GLY C 140 -9.46 -38.59 -3.09
N ILE C 141 -10.51 -39.38 -2.86
CA ILE C 141 -10.43 -40.47 -1.90
C ILE C 141 -11.15 -41.68 -2.45
N ILE C 142 -10.72 -42.84 -1.96
CA ILE C 142 -11.38 -44.09 -2.21
C ILE C 142 -12.16 -44.47 -0.94
N LYS C 143 -13.47 -44.60 -1.09
CA LYS C 143 -14.41 -44.86 0.00
C LYS C 143 -14.90 -46.30 -0.11
N VAL C 144 -14.55 -47.11 0.88
CA VAL C 144 -14.87 -48.54 0.90
C VAL C 144 -16.16 -48.72 1.70
N PHE C 145 -17.28 -48.99 1.02
CA PHE C 145 -18.54 -49.23 1.72
C PHE C 145 -18.74 -50.68 2.10
N GLY C 146 -18.29 -51.62 1.28
CA GLY C 146 -18.40 -53.03 1.58
C GLY C 146 -17.34 -53.77 0.79
N PRO C 147 -17.33 -55.11 0.89
CA PRO C 147 -16.28 -55.88 0.20
C PRO C 147 -16.17 -55.57 -1.27
N ASP C 148 -17.31 -55.40 -1.95
CA ASP C 148 -17.36 -55.19 -3.40
C ASP C 148 -17.91 -53.81 -3.78
N LYS C 149 -18.13 -52.93 -2.82
CA LYS C 149 -18.72 -51.61 -3.07
C LYS C 149 -17.67 -50.56 -2.72
N VAL C 150 -16.87 -50.18 -3.72
CA VAL C 150 -15.78 -49.24 -3.54
C VAL C 150 -15.99 -48.08 -4.50
N TYR C 151 -16.12 -46.87 -3.96
CA TYR C 151 -16.30 -45.68 -4.78
C TYR C 151 -15.00 -44.89 -4.86
N VAL C 152 -14.59 -44.57 -6.07
CA VAL C 152 -13.46 -43.70 -6.33
C VAL C 152 -14.04 -42.31 -6.55
N ASN C 153 -13.60 -41.35 -5.73
CA ASN C 153 -14.18 -40.01 -5.69
C ASN C 153 -13.09 -39.02 -6.04
N ALA C 154 -13.06 -38.54 -7.28
CA ALA C 154 -11.91 -37.83 -7.84
C ALA C 154 -12.21 -36.35 -8.02
N GLY C 155 -11.34 -35.50 -7.46
CA GLY C 155 -11.50 -34.06 -7.63
C GLY C 155 -10.55 -33.53 -8.70
N THR C 156 -11.07 -33.18 -9.88
CA THR C 156 -10.23 -32.79 -11.01
C THR C 156 -9.80 -31.32 -10.93
N VAL C 157 -8.74 -31.01 -11.69
CA VAL C 157 -8.26 -29.64 -11.76
C VAL C 157 -9.28 -28.74 -12.44
N MET C 158 -10.06 -29.30 -13.38
CA MET C 158 -11.07 -28.57 -14.13
C MET C 158 -12.33 -28.30 -13.34
N GLY C 159 -12.45 -28.81 -12.11
CA GLY C 159 -13.57 -28.49 -11.25
C GLY C 159 -14.73 -29.46 -11.25
N GLY C 160 -14.58 -30.66 -11.82
CA GLY C 160 -15.57 -31.70 -11.67
C GLY C 160 -15.14 -32.69 -10.61
N VAL C 161 -16.13 -33.25 -9.92
CA VAL C 161 -15.95 -34.33 -8.96
C VAL C 161 -16.49 -35.61 -9.62
N ILE C 162 -15.59 -36.52 -9.99
CA ILE C 162 -15.97 -37.77 -10.65
C ILE C 162 -16.10 -38.85 -9.58
N ILE C 163 -17.28 -39.41 -9.45
CA ILE C 163 -17.53 -40.54 -8.55
C ILE C 163 -17.78 -41.77 -9.41
N TRP C 164 -16.92 -42.78 -9.26
CA TRP C 164 -17.08 -43.96 -10.08
C TRP C 164 -16.90 -45.23 -9.24
N ASP C 165 -17.52 -46.30 -9.72
CA ASP C 165 -17.49 -47.59 -9.04
C ASP C 165 -16.22 -48.33 -9.44
N LEU C 166 -15.42 -48.71 -8.44
CA LEU C 166 -14.08 -49.23 -8.70
C LEU C 166 -14.12 -50.51 -9.54
N PHE C 167 -14.83 -51.54 -9.09
CA PHE C 167 -14.64 -52.85 -9.70
C PHE C 167 -15.32 -52.95 -11.06
N SER C 168 -16.43 -52.26 -11.26
CA SER C 168 -17.06 -52.25 -12.57
C SER C 168 -16.49 -51.19 -13.52
N GLU C 169 -15.59 -50.32 -13.03
CA GLU C 169 -15.02 -49.26 -13.86
C GLU C 169 -16.12 -48.42 -14.52
N THR C 170 -17.12 -48.04 -13.74
CA THR C 170 -18.33 -47.42 -14.25
C THR C 170 -18.53 -46.05 -13.59
N LYS C 171 -18.74 -45.02 -14.40
CA LYS C 171 -19.02 -43.69 -13.90
C LYS C 171 -20.40 -43.65 -13.23
N ILE C 172 -20.45 -43.16 -12.01
CA ILE C 172 -21.69 -42.96 -11.28
C ILE C 172 -22.22 -41.54 -11.42
N HIS C 173 -21.34 -40.55 -11.24
CA HIS C 173 -21.73 -39.15 -11.24
C HIS C 173 -20.59 -38.31 -11.79
N ASN C 174 -20.94 -37.21 -12.43
CA ASN C 174 -20.00 -36.15 -12.75
C ASN C 174 -20.61 -34.92 -12.08
N LEU C 175 -20.16 -34.61 -10.87
CA LEU C 175 -20.71 -33.48 -10.12
C LEU C 175 -20.04 -32.20 -10.60
N LEU C 176 -20.82 -31.35 -11.26
CA LEU C 176 -20.37 -30.05 -11.77
C LEU C 176 -21.10 -28.94 -11.02
N GLY C 177 -20.44 -27.79 -10.89
CA GLY C 177 -20.99 -26.66 -10.17
C GLY C 177 -19.93 -25.77 -9.55
N HIS C 178 -18.85 -26.39 -9.06
CA HIS C 178 -17.71 -25.65 -8.56
C HIS C 178 -17.12 -24.77 -9.66
N GLU C 179 -16.41 -23.72 -9.26
CA GLU C 179 -15.79 -22.83 -10.24
C GLU C 179 -14.29 -23.05 -10.41
N GLY C 180 -13.60 -23.58 -9.41
CA GLY C 180 -12.18 -23.80 -9.60
C GLY C 180 -11.79 -25.26 -9.50
N SER C 181 -10.50 -25.52 -9.27
CA SER C 181 -10.01 -26.86 -9.03
C SER C 181 -10.57 -27.40 -7.71
N ILE C 182 -10.72 -28.73 -7.66
CA ILE C 182 -11.29 -29.41 -6.50
C ILE C 182 -10.14 -29.81 -5.58
N PHE C 183 -10.08 -29.23 -4.40
CA PHE C 183 -8.98 -29.59 -3.51
C PHE C 183 -9.38 -30.58 -2.44
N TYR C 184 -10.67 -30.88 -2.27
CA TYR C 184 -10.95 -32.05 -1.47
C TYR C 184 -12.36 -32.59 -1.73
N VAL C 185 -12.46 -33.91 -1.62
CA VAL C 185 -13.71 -34.65 -1.75
C VAL C 185 -13.81 -35.62 -0.58
N ASN C 186 -15.00 -35.71 0.03
CA ASN C 186 -15.21 -36.76 1.01
C ASN C 186 -16.65 -37.24 0.93
N LEU C 187 -16.90 -38.42 1.49
CA LEU C 187 -18.22 -39.03 1.47
C LEU C 187 -18.67 -39.30 2.89
N SER C 188 -19.95 -39.09 3.16
CA SER C 188 -20.49 -39.47 4.47
C SER C 188 -20.41 -40.99 4.66
N ASN C 189 -20.27 -41.41 5.92
CA ASN C 189 -20.18 -42.84 6.21
C ASN C 189 -21.46 -43.58 5.84
N ASN C 190 -22.63 -42.95 6.03
CA ASN C 190 -23.89 -43.62 5.73
C ASN C 190 -24.24 -43.62 4.24
N GLY C 191 -23.32 -43.26 3.35
CA GLY C 191 -23.57 -43.31 1.91
C GLY C 191 -24.53 -42.27 1.37
N ARG C 192 -24.97 -41.31 2.17
CA ARG C 192 -25.96 -40.35 1.67
C ARG C 192 -25.33 -39.23 0.84
N TYR C 193 -24.12 -38.78 1.20
CA TYR C 193 -23.67 -37.46 0.75
C TYR C 193 -22.22 -37.44 0.28
N VAL C 194 -21.98 -36.54 -0.66
CA VAL C 194 -20.63 -36.12 -1.04
C VAL C 194 -20.43 -34.68 -0.54
N ALA C 195 -19.21 -34.37 -0.12
CA ALA C 195 -18.79 -33.00 0.14
C ALA C 195 -17.53 -32.73 -0.66
N SER C 196 -17.49 -31.59 -1.35
CA SER C 196 -16.32 -31.17 -2.08
C SER C 196 -16.02 -29.72 -1.75
N CYS C 197 -14.76 -29.34 -1.91
CA CYS C 197 -14.31 -27.97 -1.71
C CYS C 197 -13.29 -27.62 -2.76
N SER C 198 -13.20 -26.32 -3.06
CA SER C 198 -12.40 -25.81 -4.15
C SER C 198 -11.63 -24.56 -3.72
N ASP C 199 -10.90 -23.95 -4.66
CA ASP C 199 -10.36 -22.62 -4.44
C ASP C 199 -11.34 -21.53 -4.85
N ASP C 200 -12.58 -21.88 -5.26
CA ASP C 200 -13.63 -20.88 -5.31
C ASP C 200 -14.14 -20.51 -3.93
N ARG C 201 -13.59 -21.10 -2.86
CA ARG C 201 -13.92 -20.87 -1.46
C ARG C 201 -15.25 -21.48 -1.04
N SER C 202 -15.91 -22.27 -1.89
CA SER C 202 -17.19 -22.85 -1.52
C SER C 202 -17.04 -24.32 -1.12
N ILE C 203 -17.92 -24.75 -0.22
CA ILE C 203 -18.13 -26.18 0.05
C ILE C 203 -19.45 -26.58 -0.57
N ARG C 204 -19.47 -27.70 -1.28
CA ARG C 204 -20.70 -28.18 -1.89
C ARG C 204 -21.08 -29.56 -1.36
N LEU C 205 -22.32 -29.65 -0.88
CA LEU C 205 -22.91 -30.88 -0.40
C LEU C 205 -23.73 -31.50 -1.54
N TRP C 206 -23.46 -32.75 -1.88
CA TRP C 206 -24.12 -33.40 -3.00
C TRP C 206 -24.86 -34.65 -2.53
N ASP C 207 -25.96 -34.95 -3.20
CA ASP C 207 -26.73 -36.17 -2.95
C ASP C 207 -26.04 -37.32 -3.67
N LEU C 208 -25.48 -38.27 -2.91
CA LEU C 208 -24.74 -39.35 -3.56
C LEU C 208 -25.65 -40.26 -4.40
N GLU C 209 -26.91 -40.41 -3.99
CA GLU C 209 -27.83 -41.24 -4.77
C GLU C 209 -28.22 -40.56 -6.09
N THR C 210 -28.78 -39.34 -6.00
CA THR C 210 -29.28 -38.66 -7.19
C THR C 210 -28.22 -37.83 -7.92
N GLY C 211 -27.05 -37.60 -7.33
CA GLY C 211 -26.05 -36.75 -7.95
C GLY C 211 -26.39 -35.27 -8.01
N LYS C 212 -27.40 -34.84 -7.27
CA LYS C 212 -27.81 -33.44 -7.26
C LYS C 212 -27.06 -32.65 -6.18
N GLN C 213 -26.74 -31.41 -6.48
CA GLN C 213 -26.19 -30.49 -5.50
C GLN C 213 -27.30 -30.04 -4.54
N LEU C 214 -27.06 -30.17 -3.24
CA LEU C 214 -28.06 -29.86 -2.24
C LEU C 214 -27.84 -28.52 -1.57
N SER C 215 -26.59 -28.14 -1.31
CA SER C 215 -26.31 -26.95 -0.52
C SER C 215 -24.93 -26.46 -0.88
N VAL C 216 -24.74 -25.14 -0.86
CA VAL C 216 -23.44 -24.53 -1.08
C VAL C 216 -23.15 -23.65 0.12
N GLY C 217 -22.02 -23.91 0.77
CA GLY C 217 -21.63 -23.19 1.97
C GLY C 217 -20.49 -22.24 1.65
N TRP C 218 -20.69 -20.97 1.97
CA TRP C 218 -19.66 -19.94 1.88
C TRP C 218 -19.35 -19.38 3.25
N SER C 219 -18.18 -19.72 3.78
CA SER C 219 -17.73 -19.13 5.04
C SER C 219 -16.24 -18.88 5.02
N HIS C 220 -15.45 -19.92 4.71
CA HIS C 220 -14.01 -19.76 4.60
C HIS C 220 -13.65 -18.58 3.70
N THR C 221 -12.54 -17.93 4.02
CA THR C 221 -12.11 -16.72 3.34
C THR C 221 -10.91 -16.94 2.44
N ALA C 222 -10.45 -18.19 2.31
CA ALA C 222 -9.42 -18.55 1.34
C ALA C 222 -9.61 -20.03 0.98
N ARG C 223 -8.64 -20.59 0.24
CA ARG C 223 -8.79 -21.93 -0.30
C ARG C 223 -8.94 -22.98 0.81
N ILE C 224 -9.75 -23.99 0.54
CA ILE C 224 -10.07 -25.02 1.52
C ILE C 224 -9.32 -26.28 1.14
N TRP C 225 -8.62 -26.89 2.10
CA TRP C 225 -7.69 -27.96 1.80
C TRP C 225 -8.16 -29.36 2.24
N ASN C 226 -9.15 -29.45 3.11
CA ASN C 226 -9.52 -30.74 3.68
C ASN C 226 -10.89 -30.61 4.33
N LEU C 227 -11.68 -31.69 4.26
CA LEU C 227 -12.97 -31.70 4.93
C LEU C 227 -13.42 -33.14 5.15
N MET C 228 -14.38 -33.31 6.05
CA MET C 228 -14.87 -34.65 6.38
C MET C 228 -16.17 -34.54 7.15
N PHE C 229 -16.98 -35.60 7.08
CA PHE C 229 -18.18 -35.76 7.87
C PHE C 229 -17.84 -36.35 9.23
N PHE C 230 -18.64 -36.01 10.24
CA PHE C 230 -18.43 -36.54 11.57
C PHE C 230 -19.74 -36.47 12.35
N ASP C 231 -19.74 -37.07 13.54
CA ASP C 231 -20.93 -37.13 14.41
C ASP C 231 -22.12 -37.77 13.68
N ASN C 232 -21.91 -39.03 13.28
CA ASN C 232 -22.93 -39.80 12.52
C ASN C 232 -23.41 -39.03 11.30
N ASP C 233 -22.47 -38.40 10.60
CA ASP C 233 -22.76 -37.72 9.34
C ASP C 233 -23.73 -36.56 9.53
N SER C 234 -23.90 -36.07 10.76
CA SER C 234 -24.76 -34.92 11.01
C SER C 234 -24.02 -33.59 10.91
N LYS C 235 -22.68 -33.62 10.85
CA LYS C 235 -21.87 -32.41 10.80
C LYS C 235 -20.72 -32.58 9.80
N LEU C 236 -20.18 -31.45 9.39
CA LEU C 236 -19.04 -31.39 8.50
C LEU C 236 -18.00 -30.44 9.09
N ILE C 237 -16.73 -30.82 8.99
CA ILE C 237 -15.62 -30.05 9.50
C ILE C 237 -14.67 -29.77 8.34
N SER C 238 -14.24 -28.52 8.21
CA SER C 238 -13.33 -28.13 7.13
C SER C 238 -12.21 -27.25 7.68
N VAL C 239 -11.16 -27.14 6.88
CA VAL C 239 -9.88 -26.65 7.34
C VAL C 239 -9.22 -25.98 6.14
N SER C 240 -8.57 -24.83 6.34
CA SER C 240 -8.34 -23.91 5.23
C SER C 240 -7.01 -23.15 5.25
N GLU C 241 -6.71 -22.59 4.08
CA GLU C 241 -5.66 -21.60 3.94
C GLU C 241 -5.90 -20.39 4.85
N ASP C 242 -7.15 -20.09 5.21
CA ASP C 242 -7.45 -18.98 6.10
C ASP C 242 -7.11 -19.28 7.56
N CYS C 243 -6.48 -20.41 7.85
CA CYS C 243 -6.06 -20.79 9.19
C CYS C 243 -7.22 -21.07 10.13
N THR C 244 -8.44 -21.20 9.63
CA THR C 244 -9.56 -21.57 10.48
C THR C 244 -10.00 -23.00 10.20
N CYS C 245 -10.52 -23.61 11.26
CA CYS C 245 -11.25 -24.86 11.20
C CYS C 245 -12.72 -24.53 11.42
N ARG C 246 -13.58 -24.97 10.51
CA ARG C 246 -14.99 -24.61 10.56
C ARG C 246 -15.86 -25.85 10.63
N VAL C 247 -16.82 -25.82 11.55
CA VAL C 247 -17.78 -26.88 11.76
C VAL C 247 -19.11 -26.45 11.15
N TRP C 248 -19.76 -27.38 10.44
CA TRP C 248 -21.02 -27.12 9.78
C TRP C 248 -22.04 -28.14 10.26
N ASN C 249 -23.29 -27.72 10.33
CA ASN C 249 -24.38 -28.64 10.59
C ASN C 249 -24.94 -29.08 9.25
N ILE C 250 -25.23 -30.38 9.14
CA ILE C 250 -26.04 -30.91 8.05
C ILE C 250 -27.48 -30.92 8.57
N ILE C 251 -28.32 -30.05 8.03
CA ILE C 251 -29.70 -29.94 8.49
C ILE C 251 -30.60 -30.60 7.46
N GLU C 252 -31.24 -31.69 7.85
CA GLU C 252 -32.05 -32.48 6.95
C GLU C 252 -33.51 -32.16 7.15
N SER C 253 -34.22 -31.89 6.06
CA SER C 253 -35.66 -31.67 6.07
C SER C 253 -36.24 -32.44 4.90
N ARG C 254 -37.57 -32.56 4.89
CA ARG C 254 -38.21 -33.21 3.74
C ARG C 254 -38.24 -32.28 2.52
N GLU C 255 -38.59 -31.01 2.72
CA GLU C 255 -38.82 -30.08 1.60
C GLU C 255 -37.53 -29.69 0.88
N ASN C 256 -36.38 -29.74 1.55
CA ASN C 256 -35.07 -29.70 0.93
C ASN C 256 -34.29 -30.86 1.52
N VAL C 257 -33.53 -31.58 0.70
CA VAL C 257 -32.97 -32.86 1.19
C VAL C 257 -32.10 -32.63 2.41
N ALA C 258 -31.13 -31.71 2.30
CA ALA C 258 -30.21 -31.37 3.37
C ALA C 258 -29.51 -30.07 3.01
N GLU C 259 -29.07 -29.33 4.02
CA GLU C 259 -28.33 -28.10 3.78
C GLU C 259 -27.25 -27.93 4.83
N LEU C 260 -26.13 -27.35 4.38
CA LEU C 260 -25.01 -26.97 5.23
C LEU C 260 -25.32 -25.65 5.93
N SER C 261 -25.04 -25.58 7.22
CA SER C 261 -25.26 -24.38 8.01
C SER C 261 -24.05 -24.17 8.90
N ILE C 262 -23.38 -23.01 8.77
CA ILE C 262 -22.17 -22.78 9.56
C ILE C 262 -22.52 -22.80 11.04
N SER C 263 -21.66 -23.43 11.84
CA SER C 263 -21.92 -23.61 13.27
C SER C 263 -20.84 -23.01 14.16
N ASN C 264 -19.57 -23.24 13.85
CA ASN C 264 -18.48 -22.75 14.69
C ASN C 264 -17.28 -22.48 13.80
N VAL C 265 -16.51 -21.46 14.17
CA VAL C 265 -15.30 -21.06 13.48
C VAL C 265 -14.18 -21.03 14.51
N TYR C 266 -13.10 -21.75 14.24
CA TYR C 266 -11.95 -21.80 15.14
C TYR C 266 -10.72 -21.37 14.38
N GLU C 267 -10.06 -20.32 14.87
CA GLU C 267 -8.78 -19.87 14.33
C GLU C 267 -7.67 -20.57 15.12
N VAL C 268 -6.93 -21.47 14.48
CA VAL C 268 -6.14 -22.46 15.23
C VAL C 268 -4.71 -22.63 14.75
N HIS C 269 -4.35 -22.05 13.61
CA HIS C 269 -2.99 -22.17 13.13
C HIS C 269 -2.42 -20.82 12.68
N LEU C 270 -1.11 -20.76 12.53
CA LEU C 270 -0.44 -19.55 12.11
C LEU C 270 -0.43 -19.44 10.59
N ILE C 271 -0.30 -18.20 10.12
CA ILE C 271 -0.27 -17.93 8.69
C ILE C 271 0.87 -18.74 8.03
N LYS C 272 0.54 -19.59 7.05
CA LYS C 272 -0.87 -19.76 6.72
C LYS C 272 -1.49 -21.19 6.75
N SER C 273 -1.34 -22.09 5.81
CA SER C 273 -2.45 -23.05 5.65
C SER C 273 -2.62 -24.11 6.77
N ILE C 274 -3.84 -24.70 6.83
CA ILE C 274 -4.12 -25.93 7.59
C ILE C 274 -4.38 -27.10 6.64
N TRP C 275 -3.64 -28.20 6.82
CA TRP C 275 -3.66 -29.34 5.90
C TRP C 275 -4.46 -30.54 6.39
N GLY C 276 -4.35 -30.92 7.67
CA GLY C 276 -4.95 -32.14 8.17
C GLY C 276 -6.02 -31.86 9.21
N VAL C 277 -6.98 -32.80 9.31
CA VAL C 277 -8.03 -32.72 10.32
C VAL C 277 -8.58 -34.12 10.57
N ASP C 278 -8.97 -34.38 11.82
CA ASP C 278 -9.70 -35.59 12.18
C ASP C 278 -10.51 -35.31 13.43
N VAL C 279 -11.61 -36.05 13.58
CA VAL C 279 -12.54 -35.88 14.68
C VAL C 279 -12.69 -37.22 15.41
N LYS C 280 -12.69 -37.16 16.74
CA LYS C 280 -12.99 -38.31 17.60
C LYS C 280 -14.45 -38.14 18.00
N ASP C 281 -15.35 -38.89 17.34
CA ASP C 281 -16.78 -38.73 17.57
C ASP C 281 -17.13 -38.94 19.05
N ASP C 282 -16.38 -39.81 19.73
CA ASP C 282 -16.62 -40.10 21.14
C ASP C 282 -16.67 -38.81 21.95
N GLU C 283 -15.56 -38.10 21.97
CA GLU C 283 -15.37 -36.96 22.84
C GLU C 283 -15.72 -35.64 22.17
N MET C 284 -16.13 -35.66 20.89
CA MET C 284 -16.34 -34.43 20.12
C MET C 284 -15.11 -33.52 20.21
N ILE C 285 -13.95 -34.12 19.95
CA ILE C 285 -12.67 -33.43 19.86
C ILE C 285 -12.20 -33.47 18.41
N ALA C 286 -11.57 -32.40 17.93
CA ALA C 286 -10.91 -32.41 16.64
C ALA C 286 -9.41 -32.24 16.81
N VAL C 287 -8.66 -32.71 15.82
CA VAL C 287 -7.22 -32.48 15.77
C VAL C 287 -6.92 -31.90 14.39
N THR C 288 -6.09 -30.85 14.33
CA THR C 288 -5.72 -30.23 13.06
C THR C 288 -4.20 -30.15 12.96
N SER C 289 -3.69 -30.28 11.72
CA SER C 289 -2.25 -30.21 11.48
C SER C 289 -1.95 -29.12 10.45
N GLY C 290 -0.94 -28.29 10.75
CA GLY C 290 -0.76 -27.07 10.00
C GLY C 290 0.54 -26.92 9.25
N ASN C 291 0.57 -25.97 8.31
CA ASN C 291 1.82 -25.63 7.68
C ASN C 291 2.83 -25.15 8.71
N ASP C 292 2.36 -24.58 9.83
CA ASP C 292 3.21 -24.14 10.93
C ASP C 292 3.77 -25.28 11.79
N GLY C 293 3.45 -26.55 11.52
CA GLY C 293 3.97 -27.61 12.35
C GLY C 293 3.28 -27.73 13.69
N ARG C 294 2.21 -26.99 13.88
CA ARG C 294 1.40 -27.10 15.07
C ARG C 294 0.41 -28.23 14.87
N LEU C 295 0.13 -28.98 15.95
CA LEU C 295 -0.97 -29.94 16.01
C LEU C 295 -1.90 -29.44 17.11
N LYS C 296 -3.11 -29.03 16.72
CA LYS C 296 -4.04 -28.39 17.64
C LYS C 296 -5.18 -29.35 17.96
N LEU C 297 -5.52 -29.45 19.24
CA LEU C 297 -6.70 -30.17 19.68
C LEU C 297 -7.81 -29.14 19.94
N ILE C 298 -8.99 -29.40 19.42
CA ILE C 298 -10.10 -28.46 19.49
C ILE C 298 -11.26 -29.11 20.22
N ASP C 299 -11.71 -28.49 21.30
CA ASP C 299 -12.92 -28.90 21.99
C ASP C 299 -14.11 -28.42 21.15
N LEU C 300 -14.76 -29.34 20.45
CA LEU C 300 -15.90 -28.95 19.63
C LEU C 300 -17.14 -28.59 20.44
N LEU C 301 -17.12 -28.81 21.76
CA LEU C 301 -18.25 -28.48 22.62
C LEU C 301 -17.85 -27.45 23.68
N GLN C 302 -16.98 -26.51 23.30
CA GLN C 302 -16.54 -25.48 24.24
C GLN C 302 -17.71 -24.74 24.83
N LEU C 303 -18.79 -24.59 24.07
CA LEU C 303 -19.95 -23.87 24.52
C LEU C 303 -21.03 -24.77 25.13
N LYS C 304 -20.83 -26.11 25.19
CA LYS C 304 -21.92 -27.01 25.57
C LYS C 304 -21.54 -28.13 26.53
N ARG C 305 -20.25 -28.44 26.72
CA ARG C 305 -19.85 -29.69 27.35
C ARG C 305 -20.40 -29.81 28.77
N HIS C 306 -20.30 -28.76 29.56
CA HIS C 306 -20.75 -28.85 30.94
C HIS C 306 -22.16 -28.34 31.16
N GLY C 307 -22.75 -27.68 30.18
CA GLY C 307 -24.16 -27.32 30.24
C GLY C 307 -24.46 -26.00 30.91
N ASP C 308 -23.47 -25.31 31.46
CA ASP C 308 -23.71 -23.98 32.01
C ASP C 308 -22.80 -22.93 31.39
N GLU C 309 -22.29 -23.16 30.18
CA GLU C 309 -21.30 -22.25 29.60
C GLU C 309 -21.89 -20.88 29.27
N GLU C 310 -23.15 -20.83 28.83
CA GLU C 310 -23.79 -19.61 28.36
C GLU C 310 -25.12 -19.41 29.03
N THR C 311 -25.34 -18.21 29.56
CA THR C 311 -26.56 -17.83 30.26
C THR C 311 -26.78 -16.34 30.06
N SER C 312 -28.03 -15.93 29.94
CA SER C 312 -28.26 -14.50 29.84
C SER C 312 -29.58 -14.17 30.51
N PHE C 313 -29.70 -12.94 30.98
CA PHE C 313 -30.89 -12.45 31.67
C PHE C 313 -31.16 -11.03 31.22
N SER C 314 -32.38 -10.77 30.77
CA SER C 314 -32.80 -9.39 30.64
C SER C 314 -33.29 -8.86 31.99
N LEU C 315 -33.51 -7.55 32.04
CA LEU C 315 -34.09 -6.99 33.26
C LEU C 315 -35.47 -7.58 33.57
N ASP C 316 -36.21 -8.02 32.54
CA ASP C 316 -37.53 -8.61 32.78
C ASP C 316 -37.41 -9.99 33.41
N ASP C 317 -36.47 -10.82 32.91
CA ASP C 317 -36.22 -12.09 33.55
C ASP C 317 -35.88 -11.88 35.02
N ILE C 318 -35.05 -10.90 35.31
CA ILE C 318 -34.62 -10.68 36.68
C ILE C 318 -35.81 -10.26 37.52
N ALA C 319 -36.62 -9.32 36.99
CA ALA C 319 -37.81 -8.86 37.69
C ALA C 319 -38.82 -9.98 37.92
N LYS C 320 -38.82 -11.00 37.05
CA LYS C 320 -39.75 -12.11 37.28
C LYS C 320 -39.43 -12.82 38.58
N GLN C 321 -38.19 -12.72 39.05
CA GLN C 321 -37.73 -13.38 40.25
C GLN C 321 -37.64 -12.45 41.46
N CYS C 322 -37.18 -11.21 41.26
CA CYS C 322 -37.13 -10.21 42.32
C CYS C 322 -38.46 -9.48 42.52
N GLY C 323 -39.37 -9.59 41.58
CA GLY C 323 -40.56 -8.75 41.59
C GLY C 323 -40.39 -7.52 40.70
N ASP C 324 -41.53 -6.89 40.44
CA ASP C 324 -41.60 -5.71 39.58
C ASP C 324 -41.14 -4.51 40.41
N ILE C 325 -39.82 -4.38 40.54
CA ILE C 325 -39.24 -3.37 41.42
C ILE C 325 -38.43 -2.31 40.70
N PHE C 326 -38.18 -2.46 39.41
CA PHE C 326 -37.27 -1.55 38.72
C PHE C 326 -38.03 -0.36 38.16
N GLU C 327 -37.38 0.80 38.21
CA GLU C 327 -37.96 2.04 37.74
C GLU C 327 -37.72 2.20 36.25
N LYS C 328 -38.42 3.17 35.67
CA LYS C 328 -38.17 3.53 34.29
C LYS C 328 -36.69 3.90 34.14
N ASN C 329 -36.05 3.32 33.12
CA ASN C 329 -34.68 3.60 32.71
C ASN C 329 -33.62 3.08 33.69
N GLU C 330 -33.97 2.19 34.61
CA GLU C 330 -33.01 1.63 35.56
C GLU C 330 -32.38 0.37 34.97
N SER C 331 -31.05 0.30 35.01
CA SER C 331 -30.35 -0.85 34.45
C SER C 331 -29.18 -1.22 35.34
N ILE C 332 -28.63 -2.41 35.08
CA ILE C 332 -27.48 -2.89 35.82
C ILE C 332 -26.26 -2.08 35.42
N LYS C 333 -25.54 -1.53 36.41
CA LYS C 333 -24.39 -0.69 36.14
C LYS C 333 -23.07 -1.22 36.69
N GLY C 334 -23.08 -2.33 37.42
CA GLY C 334 -21.86 -2.93 37.91
C GLY C 334 -22.14 -4.34 38.35
N PHE C 335 -21.09 -5.17 38.35
CA PHE C 335 -21.28 -6.57 38.75
C PHE C 335 -19.93 -7.18 39.08
N GLN C 336 -19.95 -8.15 39.99
CA GLN C 336 -18.76 -8.89 40.40
C GLN C 336 -19.14 -10.35 40.53
N TRP C 337 -18.17 -11.22 40.28
CA TRP C 337 -18.35 -12.65 40.49
C TRP C 337 -17.67 -13.07 41.78
N PHE C 338 -18.39 -13.83 42.61
CA PHE C 338 -17.89 -14.45 43.83
C PHE C 338 -18.21 -15.94 43.77
N SER C 339 -17.80 -16.67 44.81
CA SER C 339 -18.01 -18.12 44.84
C SER C 339 -19.47 -18.49 44.59
N PHE C 340 -20.39 -17.72 45.16
CA PHE C 340 -21.81 -18.03 45.06
C PHE C 340 -22.44 -17.57 43.76
N GLY C 341 -21.82 -16.65 43.06
CA GLY C 341 -22.44 -16.08 41.88
C GLY C 341 -22.19 -14.60 41.78
N VAL C 342 -23.19 -13.83 41.36
CA VAL C 342 -22.98 -12.44 41.00
C VAL C 342 -23.52 -11.54 42.08
N ILE C 343 -22.79 -10.47 42.36
CA ILE C 343 -23.34 -9.30 43.01
C ILE C 343 -23.34 -8.23 41.95
N ALA C 344 -24.49 -7.57 41.79
CA ALA C 344 -24.63 -6.51 40.81
C ALA C 344 -25.31 -5.32 41.49
N ILE C 345 -25.20 -4.16 40.86
CA ILE C 345 -25.81 -2.93 41.35
C ILE C 345 -26.44 -2.20 40.18
N THR C 346 -27.62 -1.62 40.40
CA THR C 346 -28.33 -0.87 39.38
C THR C 346 -27.97 0.62 39.42
N SER C 347 -28.40 1.31 38.37
CA SER C 347 -28.22 2.76 38.23
C SER C 347 -28.91 3.54 39.33
N LEU C 348 -29.81 2.90 40.07
CA LEU C 348 -30.50 3.48 41.20
C LEU C 348 -30.00 2.91 42.53
N GLY C 349 -28.88 2.20 42.53
CA GLY C 349 -28.33 1.72 43.77
C GLY C 349 -29.03 0.51 44.36
N LYS C 350 -29.75 -0.25 43.55
CA LYS C 350 -30.28 -1.53 44.00
C LYS C 350 -29.19 -2.59 43.86
N ILE C 351 -28.91 -3.29 44.94
CA ILE C 351 -27.87 -4.31 44.95
C ILE C 351 -28.55 -5.67 44.87
N LEU C 352 -28.21 -6.42 43.82
CA LEU C 352 -28.86 -7.68 43.50
C LEU C 352 -27.87 -8.83 43.60
N LYS C 353 -28.39 -10.02 43.87
CA LYS C 353 -27.55 -11.20 44.02
C LYS C 353 -28.10 -12.29 43.10
N TYR C 354 -27.23 -12.86 42.26
CA TYR C 354 -27.58 -14.00 41.44
C TYR C 354 -26.84 -15.21 42.00
N SER C 355 -27.58 -16.28 42.27
CA SER C 355 -27.00 -17.50 42.83
C SER C 355 -26.67 -18.48 41.72
N ASP C 356 -25.38 -18.83 41.59
CA ASP C 356 -25.00 -19.80 40.57
C ASP C 356 -25.66 -21.16 40.80
N VAL C 357 -25.99 -21.50 42.06
CA VAL C 357 -26.56 -22.81 42.36
C VAL C 357 -28.03 -22.87 41.96
N THR C 358 -28.86 -21.98 42.54
CA THR C 358 -30.30 -22.00 42.33
C THR C 358 -30.74 -21.31 41.05
N LYS C 359 -29.88 -20.52 40.42
CA LYS C 359 -30.20 -19.73 39.22
C LYS C 359 -31.19 -18.61 39.51
N GLN C 360 -31.36 -18.21 40.75
CA GLN C 360 -32.33 -17.18 41.12
C GLN C 360 -31.64 -15.85 41.40
N TRP C 361 -32.33 -14.77 41.03
CA TRP C 361 -31.96 -13.41 41.40
C TRP C 361 -32.79 -12.97 42.59
N LYS C 362 -32.23 -12.10 43.42
CA LYS C 362 -32.99 -11.51 44.52
C LYS C 362 -32.43 -10.13 44.89
N LEU C 363 -33.32 -9.26 45.33
CA LEU C 363 -32.90 -7.95 45.82
C LEU C 363 -32.22 -8.14 47.15
N LEU C 364 -31.03 -7.56 47.30
CA LEU C 364 -30.30 -7.69 48.55
C LEU C 364 -30.45 -6.47 49.45
N LEU C 365 -30.42 -5.27 48.87
CA LEU C 365 -30.62 -4.02 49.60
C LEU C 365 -30.48 -2.87 48.62
N THR C 366 -30.92 -1.70 49.07
CA THR C 366 -30.85 -0.50 48.27
C THR C 366 -30.06 0.54 49.04
N ASN C 367 -29.11 1.18 48.36
CA ASN C 367 -28.37 2.28 48.98
C ASN C 367 -28.44 3.45 47.99
N GLU C 368 -29.33 4.39 48.30
CA GLU C 368 -29.68 5.47 47.40
C GLU C 368 -28.50 6.37 47.06
N LYS C 369 -27.46 6.39 47.90
CA LYS C 369 -26.25 7.15 47.57
C LYS C 369 -25.67 6.74 46.22
N PHE C 370 -25.81 5.46 45.85
CA PHE C 370 -25.17 4.93 44.67
C PHE C 370 -26.11 4.89 43.46
N ASN C 371 -27.10 5.79 43.44
CA ASN C 371 -27.83 6.12 42.23
C ASN C 371 -27.16 7.25 41.47
N SER C 372 -25.93 7.58 41.84
CA SER C 372 -25.19 8.65 41.19
C SER C 372 -23.95 8.03 40.55
N TYR C 373 -24.17 7.30 39.45
CA TYR C 373 -23.11 6.71 38.64
C TYR C 373 -22.25 5.77 39.48
N PRO C 374 -22.81 4.67 39.98
CA PRO C 374 -22.02 3.75 40.81
C PRO C 374 -20.94 3.02 40.02
N ILE C 375 -19.81 2.80 40.68
CA ILE C 375 -18.71 2.03 40.14
C ILE C 375 -18.56 0.80 41.04
N THR C 376 -18.19 -0.33 40.45
CA THR C 376 -18.11 -1.59 41.15
C THR C 376 -16.70 -2.16 41.09
N ASN C 377 -16.23 -2.62 42.24
CA ASN C 377 -14.95 -3.27 42.36
C ASN C 377 -15.14 -4.44 43.31
N GLY C 378 -14.09 -5.23 43.51
CA GLY C 378 -14.20 -6.36 44.40
C GLY C 378 -12.87 -7.03 44.66
N ILE C 379 -12.83 -7.79 45.76
CA ILE C 379 -11.77 -8.73 46.06
C ILE C 379 -12.40 -10.11 45.97
N GLN C 380 -12.29 -10.75 44.79
CA GLN C 380 -13.08 -11.95 44.50
C GLN C 380 -12.84 -13.06 45.51
N THR C 381 -11.56 -13.35 45.80
CA THR C 381 -11.22 -14.48 46.64
C THR C 381 -11.74 -14.33 48.07
N GLN C 382 -12.04 -13.11 48.51
CA GLN C 382 -12.55 -12.92 49.86
C GLN C 382 -13.98 -12.41 49.89
N ASN C 383 -14.71 -12.46 48.77
CA ASN C 383 -16.15 -12.18 48.76
C ASN C 383 -16.46 -10.78 49.30
N ILE C 384 -15.70 -9.80 48.82
CA ILE C 384 -15.86 -8.41 49.23
C ILE C 384 -16.23 -7.59 48.00
N ALA C 385 -17.38 -6.92 48.06
CA ALA C 385 -17.83 -6.00 47.03
C ALA C 385 -17.50 -4.59 47.45
N VAL C 386 -17.12 -3.76 46.49
CA VAL C 386 -16.70 -2.38 46.72
C VAL C 386 -17.49 -1.47 45.80
N PHE C 387 -18.33 -0.61 46.37
CA PHE C 387 -19.16 0.29 45.59
C PHE C 387 -18.71 1.72 45.85
N SER C 388 -18.52 2.48 44.78
CA SER C 388 -18.18 3.89 44.89
C SER C 388 -19.10 4.68 43.98
N ASN C 389 -19.06 6.01 44.10
CA ASN C 389 -19.88 6.88 43.26
C ASN C 389 -19.06 8.11 42.92
N ASN C 390 -19.73 9.09 42.33
CA ASN C 390 -19.08 10.33 41.96
C ASN C 390 -19.13 11.38 43.07
N LYS C 391 -19.65 11.00 44.26
CA LYS C 391 -19.79 11.89 45.41
C LYS C 391 -18.93 11.47 46.58
N SER C 392 -17.78 10.83 46.32
CA SER C 392 -16.82 10.45 47.34
C SER C 392 -17.38 9.49 48.40
N ASP C 393 -18.36 8.66 48.05
CA ASP C 393 -18.90 7.69 48.99
C ASP C 393 -18.41 6.29 48.62
N ILE C 394 -18.21 5.46 49.65
CA ILE C 394 -17.74 4.08 49.48
C ILE C 394 -18.64 3.17 50.30
N LEU C 395 -18.96 2.00 49.74
CA LEU C 395 -19.69 0.97 50.46
C LEU C 395 -18.99 -0.37 50.26
N LEU C 396 -18.62 -1.02 51.36
CA LEU C 396 -17.97 -2.31 51.35
C LEU C 396 -18.91 -3.33 51.96
N ILE C 397 -19.01 -4.50 51.32
CA ILE C 397 -19.85 -5.57 51.83
C ILE C 397 -19.06 -6.86 51.68
N LYS C 398 -19.06 -7.67 52.73
CA LYS C 398 -18.47 -8.99 52.70
C LYS C 398 -19.57 -10.05 52.79
N PHE C 399 -19.42 -11.12 52.01
CA PHE C 399 -20.43 -12.16 51.90
C PHE C 399 -19.86 -13.49 52.37
N SER C 400 -20.69 -14.31 53.03
CA SER C 400 -20.28 -15.67 53.39
C SER C 400 -20.16 -16.55 52.15
N LYS C 401 -19.24 -17.53 52.21
CA LYS C 401 -18.82 -18.31 51.04
C LYS C 401 -19.98 -18.96 50.28
N ASP C 402 -20.68 -19.90 50.89
CA ASP C 402 -21.81 -20.53 50.20
C ASP C 402 -23.11 -19.78 50.45
N SER C 403 -23.30 -19.30 51.69
CA SER C 403 -24.58 -18.73 52.09
C SER C 403 -24.87 -17.44 51.32
N ALA C 404 -23.86 -16.58 51.14
CA ALA C 404 -23.93 -15.22 50.57
C ALA C 404 -24.58 -14.22 51.52
N ASP C 405 -24.73 -14.58 52.79
CA ASP C 405 -25.24 -13.61 53.77
C ASP C 405 -24.23 -12.49 53.95
N ILE C 406 -24.76 -11.28 54.17
CA ILE C 406 -23.92 -10.13 54.48
C ILE C 406 -23.39 -10.33 55.90
N ILE C 407 -22.07 -10.44 56.04
CA ILE C 407 -21.47 -10.67 57.33
C ILE C 407 -20.63 -9.48 57.80
N GLU C 408 -20.27 -8.56 56.91
CA GLU C 408 -19.63 -7.30 57.30
C GLU C 408 -20.04 -6.22 56.32
N THR C 409 -20.20 -5.01 56.83
CA THR C 409 -20.52 -3.89 55.95
C THR C 409 -19.92 -2.63 56.56
N GLU C 410 -19.40 -1.76 55.70
CA GLU C 410 -18.87 -0.48 56.13
C GLU C 410 -19.09 0.54 55.04
N GLU C 411 -19.26 1.77 55.46
CA GLU C 411 -19.57 2.86 54.55
C GLU C 411 -18.81 4.09 55.02
N PHE C 412 -18.30 4.89 54.09
CA PHE C 412 -17.68 6.14 54.51
C PHE C 412 -17.62 7.09 53.33
N HIS C 413 -17.26 8.33 53.65
CA HIS C 413 -17.21 9.44 52.73
C HIS C 413 -15.86 10.11 52.89
N LEU C 414 -15.22 10.52 51.78
CA LEU C 414 -13.89 11.14 51.87
C LEU C 414 -14.02 12.64 51.61
N ASP C 415 -13.88 13.41 52.69
CA ASP C 415 -14.00 14.86 52.61
C ASP C 415 -12.91 15.48 51.74
N GLU C 416 -11.74 14.84 51.64
CA GLU C 416 -10.66 15.38 50.80
C GLU C 416 -11.03 15.44 49.33
N LEU C 417 -12.04 14.70 48.91
CA LEU C 417 -12.39 14.54 47.51
C LEU C 417 -13.74 15.21 47.25
N SER C 418 -13.76 16.14 46.30
CA SER C 418 -15.01 16.83 45.96
C SER C 418 -15.88 15.95 45.08
N LYS C 419 -15.37 15.62 43.90
CA LYS C 419 -16.00 14.78 42.91
C LYS C 419 -15.06 13.59 42.72
N THR C 420 -15.58 12.40 42.52
CA THR C 420 -14.74 11.24 42.36
C THR C 420 -15.04 10.56 41.04
N ASN C 421 -13.99 10.21 40.29
CA ASN C 421 -14.16 9.63 38.97
C ASN C 421 -13.44 8.30 38.77
N ASN C 422 -12.72 7.79 39.78
CA ASN C 422 -12.04 6.50 39.61
C ASN C 422 -11.71 5.85 40.94
N CYS C 423 -12.10 4.57 41.07
CA CYS C 423 -11.83 3.76 42.24
C CYS C 423 -11.20 2.45 41.79
N LEU C 424 -9.99 2.17 42.29
CA LEU C 424 -9.26 0.94 42.01
C LEU C 424 -9.02 0.20 43.32
N VAL C 425 -8.92 -1.13 43.22
CA VAL C 425 -8.63 -1.98 44.37
C VAL C 425 -7.58 -3.00 43.97
N THR C 426 -6.80 -3.46 44.95
CA THR C 426 -5.84 -4.51 44.74
C THR C 426 -5.58 -5.19 46.07
N GLU C 427 -5.08 -6.42 46.01
CA GLU C 427 -4.74 -7.14 47.22
C GLU C 427 -3.46 -6.58 47.84
N TYR C 428 -3.37 -6.67 49.16
CA TYR C 428 -2.20 -6.15 49.86
C TYR C 428 -1.45 -7.26 50.59
N ASP C 429 -2.05 -7.89 51.59
CA ASP C 429 -1.42 -9.02 52.28
C ASP C 429 -2.54 -9.85 52.88
N ASP C 430 -2.16 -10.79 53.77
CA ASP C 430 -3.12 -11.76 54.29
C ASP C 430 -4.27 -11.10 55.07
N ASP C 431 -4.09 -9.87 55.54
CA ASP C 431 -5.09 -9.26 56.40
C ASP C 431 -5.77 -8.02 55.81
N SER C 432 -5.33 -7.50 54.67
CA SER C 432 -5.93 -6.27 54.19
C SER C 432 -5.80 -6.15 52.69
N PHE C 433 -6.57 -5.23 52.13
CA PHE C 433 -6.47 -4.87 50.73
C PHE C 433 -6.36 -3.36 50.63
N LEU C 434 -6.02 -2.88 49.43
CA LEU C 434 -5.89 -1.46 49.17
C LEU C 434 -7.04 -0.99 48.27
N LEU C 435 -7.37 0.30 48.42
CA LEU C 435 -8.41 0.96 47.65
C LEU C 435 -7.93 2.38 47.39
N THR C 436 -7.91 2.79 46.12
CA THR C 436 -7.54 4.15 45.77
C THR C 436 -8.72 4.87 45.14
N LEU C 437 -8.80 6.16 45.43
CA LEU C 437 -9.88 7.02 44.97
C LEU C 437 -9.26 8.32 44.53
N GLN C 438 -9.74 8.84 43.42
CA GLN C 438 -9.15 9.99 42.76
C GLN C 438 -10.29 10.92 42.34
N SER C 439 -9.94 12.17 42.14
CA SER C 439 -10.85 13.21 41.70
C SER C 439 -10.22 13.91 40.52
N PRO C 440 -11.01 14.65 39.73
CA PRO C 440 -10.42 15.42 38.62
C PRO C 440 -9.79 16.75 39.03
N ASN C 441 -10.01 17.28 40.25
CA ASN C 441 -9.33 18.53 40.64
C ASN C 441 -7.84 18.28 40.73
N PRO C 442 -7.01 19.06 40.02
CA PRO C 442 -5.57 18.81 40.04
C PRO C 442 -4.95 19.01 41.41
N ARG C 443 -5.56 19.84 42.24
CA ARG C 443 -5.02 20.12 43.56
C ARG C 443 -5.46 19.13 44.63
N GLU C 444 -6.59 18.42 44.44
CA GLU C 444 -6.97 17.40 45.41
C GLU C 444 -5.99 16.23 45.40
N LYS C 445 -6.09 15.40 46.43
CA LYS C 445 -5.10 14.35 46.64
C LYS C 445 -5.50 13.05 45.94
N PHE C 446 -4.50 12.21 45.68
CA PHE C 446 -4.72 10.82 45.34
C PHE C 446 -4.73 10.03 46.64
N VAL C 447 -5.87 9.42 46.96
CA VAL C 447 -6.11 8.80 48.27
C VAL C 447 -6.01 7.28 48.18
N CYS C 448 -5.16 6.70 49.03
CA CYS C 448 -5.04 5.25 49.12
C CYS C 448 -5.36 4.78 50.55
N LEU C 449 -6.36 3.91 50.67
CA LEU C 449 -6.81 3.35 51.93
C LEU C 449 -6.38 1.90 52.06
N GLU C 450 -5.88 1.53 53.23
CA GLU C 450 -5.61 0.14 53.56
C GLU C 450 -6.76 -0.36 54.41
N ILE C 451 -7.43 -1.41 53.95
CA ILE C 451 -8.71 -1.82 54.53
C ILE C 451 -8.60 -3.25 54.99
N SER C 452 -9.18 -3.53 56.15
CA SER C 452 -9.14 -4.87 56.71
C SER C 452 -9.97 -5.85 55.87
N LEU C 453 -9.38 -7.00 55.57
CA LEU C 453 -10.14 -8.10 54.99
C LEU C 453 -11.12 -8.71 55.98
N GLN C 454 -10.94 -8.49 57.28
CA GLN C 454 -11.78 -9.19 58.26
C GLN C 454 -13.07 -8.43 58.55
N ASN C 455 -13.00 -7.12 58.75
CA ASN C 455 -14.17 -6.33 59.11
C ASN C 455 -14.31 -5.06 58.28
N LEU C 456 -13.53 -4.91 57.21
CA LEU C 456 -13.69 -3.80 56.25
C LEU C 456 -13.48 -2.44 56.90
N LYS C 457 -12.72 -2.37 57.99
CA LYS C 457 -12.42 -1.07 58.54
C LYS C 457 -11.10 -0.54 57.98
N ILE C 458 -10.98 0.79 57.98
CA ILE C 458 -9.80 1.48 57.49
C ILE C 458 -8.67 1.36 58.51
N LYS C 459 -7.53 0.84 58.06
CA LYS C 459 -6.33 0.68 58.87
C LYS C 459 -5.43 1.88 58.74
N SER C 460 -5.37 2.46 57.56
CA SER C 460 -4.57 3.66 57.34
C SER C 460 -5.00 4.30 56.04
N LYS C 461 -4.91 5.61 56.01
CA LYS C 461 -5.25 6.42 54.88
C LYS C 461 -4.01 7.21 54.48
N HIS C 462 -3.69 7.20 53.19
CA HIS C 462 -2.55 7.92 52.64
C HIS C 462 -3.05 8.87 51.56
N CYS C 463 -2.50 10.08 51.57
CA CYS C 463 -2.89 11.11 50.61
C CYS C 463 -1.63 11.58 49.89
N PHE C 464 -1.62 11.44 48.57
CA PHE C 464 -0.48 11.79 47.75
C PHE C 464 -0.83 12.92 46.80
N ASN C 465 0.18 13.72 46.47
CA ASN C 465 0.01 14.73 45.42
C ASN C 465 0.07 14.06 44.05
N LYS C 466 -0.79 14.51 43.16
CA LYS C 466 -0.83 13.91 41.83
C LYS C 466 0.16 14.61 40.92
N PRO C 467 1.03 13.87 40.23
CA PRO C 467 1.85 14.49 39.19
C PRO C 467 0.96 15.11 38.11
N GLU C 468 1.60 15.81 37.17
CA GLU C 468 0.86 16.73 36.33
C GLU C 468 -0.12 16.01 35.40
N ASN C 469 0.35 15.08 34.59
CA ASN C 469 -0.52 14.48 33.57
C ASN C 469 -0.84 13.05 34.01
N PHE C 470 -1.79 12.93 34.95
CA PHE C 470 -1.99 11.69 35.69
C PHE C 470 -3.47 11.44 35.90
N SER C 471 -3.95 10.30 35.39
CA SER C 471 -5.29 9.82 35.65
C SER C 471 -5.17 8.32 35.86
N SER C 472 -5.43 7.84 37.07
CA SER C 472 -5.13 6.47 37.44
C SER C 472 -6.02 5.47 36.68
N SER C 473 -5.43 4.39 36.17
CA SER C 473 -6.21 3.40 35.42
C SER C 473 -6.09 1.99 35.92
N CYS C 474 -5.04 1.66 36.65
CA CYS C 474 -4.93 0.33 37.22
C CYS C 474 -4.01 0.42 38.43
N LEU C 475 -4.06 -0.61 39.28
CA LEU C 475 -3.37 -0.54 40.55
C LEU C 475 -2.80 -1.90 40.93
N THR C 476 -1.56 -1.92 41.38
CA THR C 476 -0.98 -3.09 42.00
C THR C 476 -0.11 -2.64 43.17
N SER C 477 0.09 -3.52 44.13
CA SER C 477 0.90 -3.21 45.31
C SER C 477 2.09 -4.16 45.38
N PHE C 478 3.22 -3.63 45.83
CA PHE C 478 4.43 -4.44 45.93
C PHE C 478 5.21 -3.96 47.15
N ARG C 479 5.42 -4.85 48.09
CA ARG C 479 6.09 -4.51 49.36
C ARG C 479 5.37 -3.31 49.97
N ASN C 480 6.05 -2.16 50.08
CA ASN C 480 5.43 -0.98 50.69
C ASN C 480 5.09 0.10 49.67
N HIS C 481 5.04 -0.24 48.39
CA HIS C 481 4.75 0.72 47.34
C HIS C 481 3.48 0.33 46.60
N ILE C 482 2.85 1.33 46.01
CA ILE C 482 1.79 1.06 45.04
C ILE C 482 2.27 1.53 43.67
N LEU C 483 2.04 0.69 42.66
CA LEU C 483 2.29 1.03 41.26
C LEU C 483 0.96 1.38 40.64
N VAL C 484 0.80 2.61 40.17
CA VAL C 484 -0.48 3.10 39.67
C VAL C 484 -0.36 3.32 38.16
N GLY C 485 -1.03 2.47 37.38
CA GLY C 485 -1.10 2.72 35.95
C GLY C 485 -1.90 3.98 35.67
N SER C 486 -1.44 4.73 34.68
CA SER C 486 -2.06 6.01 34.33
C SER C 486 -2.22 6.09 32.82
N ARG C 487 -2.90 7.14 32.39
CA ARG C 487 -2.97 7.47 30.99
C ARG C 487 -1.59 7.86 30.44
N PHE C 488 -1.53 7.99 29.12
CA PHE C 488 -0.32 8.39 28.41
C PHE C 488 0.82 7.41 28.64
N SER C 489 0.47 6.17 28.94
CA SER C 489 1.45 5.11 29.20
C SER C 489 2.34 5.40 30.41
N THR C 490 1.87 6.25 31.31
CA THR C 490 2.60 6.63 32.50
C THR C 490 2.33 5.63 33.61
N LEU C 491 3.33 5.40 34.45
CA LEU C 491 3.18 4.57 35.64
C LEU C 491 3.77 5.36 36.80
N VAL C 492 2.98 5.58 37.86
CA VAL C 492 3.40 6.34 39.04
C VAL C 492 3.51 5.40 40.24
N ILE C 493 4.67 5.38 40.88
CA ILE C 493 4.94 4.52 42.03
C ILE C 493 4.99 5.40 43.28
N TYR C 494 4.11 5.13 44.23
CA TYR C 494 4.09 5.84 45.51
C TYR C 494 4.60 4.93 46.62
N ASN C 495 5.02 5.59 47.70
CA ASN C 495 5.59 4.95 48.88
C ASN C 495 4.56 5.08 49.99
N LEU C 496 3.97 3.96 50.41
CA LEU C 496 2.95 4.02 51.44
C LEU C 496 3.50 4.47 52.80
N LEU C 497 4.81 4.40 53.01
CA LEU C 497 5.42 4.82 54.26
C LEU C 497 5.71 6.32 54.31
N ASP C 498 5.63 7.02 53.18
CA ASP C 498 6.05 8.41 53.18
C ASP C 498 5.31 9.12 52.04
N GLU C 499 4.15 9.69 52.36
CA GLU C 499 3.34 10.37 51.37
C GLU C 499 3.89 11.76 51.01
N SER C 500 5.01 12.16 51.60
CA SER C 500 5.69 13.36 51.14
C SER C 500 6.84 13.06 50.20
N GLU C 501 7.30 11.81 50.14
CA GLU C 501 8.37 11.44 49.22
C GLU C 501 7.93 11.68 47.78
N GLU C 502 8.87 12.08 46.95
CA GLU C 502 8.53 12.33 45.55
C GLU C 502 8.20 11.01 44.86
N PRO C 503 7.07 10.91 44.17
CA PRO C 503 6.76 9.66 43.47
C PRO C 503 7.80 9.35 42.41
N PHE C 504 8.02 8.06 42.20
CA PHE C 504 8.84 7.60 41.08
C PHE C 504 7.92 7.50 39.87
N ILE C 505 8.23 8.27 38.82
CA ILE C 505 7.34 8.43 37.67
C ILE C 505 8.02 7.84 36.45
N ILE C 506 7.39 6.85 35.86
CA ILE C 506 7.84 6.28 34.59
C ILE C 506 6.94 6.85 33.52
N ARG C 507 7.48 7.66 32.62
CA ARG C 507 6.64 8.26 31.58
C ARG C 507 6.74 7.44 30.31
N ARG C 508 5.69 7.51 29.49
CA ARG C 508 5.74 7.04 28.10
C ARG C 508 6.43 5.70 27.99
N LEU C 509 5.80 4.62 28.48
CA LEU C 509 6.36 3.29 28.34
C LEU C 509 6.12 2.71 26.96
N SER C 510 5.15 3.26 26.23
CA SER C 510 4.69 2.72 24.97
C SER C 510 4.00 3.84 24.23
N PRO C 511 3.71 3.65 22.93
CA PRO C 511 2.97 4.69 22.19
C PRO C 511 1.54 4.85 22.64
N GLY C 512 1.04 3.99 23.55
CA GLY C 512 -0.36 3.98 23.89
C GLY C 512 -0.77 5.02 24.92
N ASP C 513 -2.04 4.89 25.34
CA ASP C 513 -2.64 5.80 26.28
C ASP C 513 -2.87 5.04 27.57
N THR C 514 -4.04 4.44 27.79
CA THR C 514 -4.41 3.90 29.10
C THR C 514 -3.62 2.64 29.47
N THR C 515 -2.97 2.67 30.64
CA THR C 515 -2.34 1.48 31.22
C THR C 515 -3.42 0.56 31.80
N THR C 516 -3.47 -0.70 31.35
CA THR C 516 -4.61 -1.53 31.70
C THR C 516 -4.33 -2.52 32.83
N SER C 517 -3.09 -2.91 33.05
CA SER C 517 -2.78 -3.87 34.11
C SER C 517 -1.30 -3.75 34.44
N ILE C 518 -0.98 -3.98 35.72
CA ILE C 518 0.39 -4.10 36.22
C ILE C 518 0.45 -5.38 37.03
N GLU C 519 1.37 -6.27 36.66
CA GLU C 519 1.36 -7.57 37.29
C GLU C 519 2.77 -8.00 37.63
N PHE C 520 2.98 -8.32 38.92
CA PHE C 520 4.27 -8.79 39.38
C PHE C 520 4.58 -10.13 38.74
N VAL C 521 5.81 -10.30 38.30
CA VAL C 521 6.22 -11.51 37.58
C VAL C 521 7.18 -12.34 38.39
N GLU C 522 8.29 -11.75 38.82
CA GLU C 522 9.37 -12.47 39.47
C GLU C 522 10.34 -11.44 40.04
N ASP C 523 11.16 -11.89 40.99
CA ASP C 523 12.17 -11.00 41.56
C ASP C 523 13.46 -11.78 41.71
N LYS C 524 14.56 -11.05 41.70
CA LYS C 524 15.87 -11.66 41.88
C LYS C 524 16.80 -10.58 42.41
N ASP C 525 17.64 -10.96 43.38
CA ASP C 525 18.54 -9.99 44.04
C ASP C 525 17.75 -8.78 44.52
N ASN C 526 18.11 -7.59 44.06
CA ASN C 526 17.39 -6.38 44.41
C ASN C 526 16.51 -5.86 43.27
N SER C 527 16.00 -6.75 42.43
CA SER C 527 15.18 -6.33 41.31
C SER C 527 13.88 -7.12 41.24
N ALA C 528 12.81 -6.44 40.87
CA ALA C 528 11.52 -7.07 40.64
C ALA C 528 11.06 -6.78 39.21
N VAL C 529 10.38 -7.76 38.59
CA VAL C 529 9.95 -7.63 37.19
C VAL C 529 8.43 -7.54 37.14
N PHE C 530 7.90 -6.59 36.38
CA PHE C 530 6.46 -6.42 36.24
C PHE C 530 6.04 -6.42 34.78
N SER C 531 4.91 -7.06 34.53
CA SER C 531 4.21 -6.97 33.26
C SER C 531 3.31 -5.75 33.31
N VAL C 532 3.39 -4.91 32.30
CA VAL C 532 2.58 -3.69 32.20
C VAL C 532 1.93 -3.69 30.84
N THR C 533 0.60 -3.75 30.82
CA THR C 533 -0.13 -3.80 29.57
C THR C 533 -0.78 -2.46 29.32
N ASN C 534 -0.99 -2.17 28.05
CA ASN C 534 -1.57 -0.91 27.60
C ASN C 534 -2.75 -1.21 26.67
N ARG C 535 -3.83 -0.44 26.82
CA ARG C 535 -5.06 -0.72 26.09
C ARG C 535 -4.83 -0.81 24.58
N ASP C 536 -3.93 0.01 24.04
CA ASP C 536 -3.73 0.04 22.60
C ASP C 536 -2.93 -1.13 22.06
N GLY C 537 -2.56 -2.08 22.91
CA GLY C 537 -1.97 -3.33 22.48
C GLY C 537 -0.55 -3.55 22.93
N TYR C 538 0.13 -2.52 23.43
CA TYR C 538 1.52 -2.67 23.84
C TYR C 538 1.59 -3.27 25.22
N TYR C 539 2.59 -4.12 25.42
CA TYR C 539 2.92 -4.61 26.73
C TYR C 539 4.43 -4.49 26.90
N VAL C 540 4.82 -4.14 28.11
CA VAL C 540 6.21 -3.90 28.47
C VAL C 540 6.46 -4.64 29.77
N PHE C 541 7.65 -5.23 29.90
CA PHE C 541 8.13 -5.78 31.16
C PHE C 541 9.20 -4.83 31.69
N ILE C 542 8.99 -4.29 32.90
CA ILE C 542 9.96 -3.39 33.50
C ILE C 542 10.60 -4.11 34.66
N GLU C 543 11.85 -3.73 34.91
CA GLU C 543 12.66 -4.19 36.03
C GLU C 543 12.85 -3.04 36.99
N LEU C 544 12.38 -3.21 38.22
CA LEU C 544 12.52 -2.24 39.31
C LEU C 544 13.60 -2.69 40.26
N THR C 545 14.58 -1.83 40.50
CA THR C 545 15.70 -2.15 41.37
C THR C 545 15.82 -1.15 42.52
N LYS C 546 16.02 -1.68 43.73
CA LYS C 546 16.34 -0.89 44.93
C LYS C 546 17.85 -0.81 45.09
N ASN C 547 18.40 0.39 44.93
CA ASN C 547 19.85 0.57 45.05
C ASN C 547 20.29 1.02 46.45
N ARG C 555 16.58 4.28 47.22
CA ARG C 555 16.43 4.77 45.85
C ARG C 555 16.03 3.70 44.82
N LEU C 556 15.15 4.05 43.87
CA LEU C 556 14.77 3.13 42.81
C LEU C 556 15.28 3.59 41.46
N SER C 557 15.47 2.59 40.59
CA SER C 557 15.72 2.79 39.17
C SER C 557 14.94 1.73 38.41
N TYR C 558 14.80 1.93 37.10
CA TYR C 558 14.07 0.96 36.32
C TYR C 558 14.70 0.80 34.94
N LYS C 559 14.50 -0.38 34.37
CA LYS C 559 14.89 -0.71 33.00
C LYS C 559 13.73 -1.43 32.32
N VAL C 560 13.61 -1.24 31.02
CA VAL C 560 12.64 -1.98 30.21
C VAL C 560 13.32 -3.27 29.75
N LEU C 561 12.78 -4.42 30.15
CA LEU C 561 13.35 -5.68 29.72
C LEU C 561 12.69 -6.22 28.47
N HIS C 562 11.39 -5.96 28.28
CA HIS C 562 10.64 -6.54 27.19
C HIS C 562 9.64 -5.52 26.67
N SER C 563 9.49 -5.47 25.35
CA SER C 563 8.44 -4.68 24.74
C SER C 563 7.91 -5.42 23.54
N ASN C 564 6.60 -5.31 23.33
CA ASN C 564 5.97 -5.97 22.20
C ASN C 564 4.59 -5.39 22.03
N LYS C 565 3.97 -5.71 20.91
CA LYS C 565 2.60 -5.30 20.65
C LYS C 565 1.78 -6.52 20.27
N MET C 566 0.57 -6.63 20.82
CA MET C 566 -0.37 -7.64 20.38
C MET C 566 -0.63 -7.45 18.89
N MET C 567 -0.96 -8.55 18.22
CA MET C 567 -1.27 -8.49 16.80
C MET C 567 -2.42 -7.53 16.52
N LYS C 568 -3.44 -7.54 17.37
CA LYS C 568 -4.71 -6.92 17.01
C LYS C 568 -5.47 -6.54 18.28
N GLY C 569 -6.17 -5.41 18.24
CA GLY C 569 -7.22 -5.15 19.21
C GLY C 569 -6.73 -4.56 20.52
N PHE C 570 -7.69 -4.32 21.41
CA PHE C 570 -7.38 -3.74 22.70
C PHE C 570 -6.84 -4.80 23.65
N LEU C 571 -5.80 -4.43 24.40
CA LEU C 571 -5.19 -5.31 25.39
C LEU C 571 -5.58 -4.82 26.78
N GLU C 572 -6.44 -5.58 27.46
CA GLU C 572 -7.04 -5.15 28.72
C GLU C 572 -6.37 -5.75 29.94
N GLY C 573 -5.52 -6.77 29.76
CA GLY C 573 -4.82 -7.37 30.88
C GLY C 573 -4.02 -8.57 30.45
N ALA C 574 -3.09 -9.02 31.30
CA ALA C 574 -2.27 -10.18 31.02
C ALA C 574 -1.75 -10.74 32.33
N PHE C 575 -1.60 -12.07 32.38
CA PHE C 575 -1.13 -12.77 33.56
C PHE C 575 -0.37 -13.99 33.12
N PHE C 576 0.35 -14.60 34.06
CA PHE C 576 1.05 -15.84 33.78
C PHE C 576 0.26 -17.01 34.38
N ASN C 577 0.10 -18.06 33.60
CA ASN C 577 -0.61 -19.23 34.09
C ASN C 577 0.37 -20.15 34.82
N SER C 578 -0.11 -21.30 35.31
CA SER C 578 0.78 -22.15 36.10
C SER C 578 1.90 -22.74 35.28
N LYS C 579 1.74 -22.80 33.96
CA LYS C 579 2.80 -23.32 33.12
C LYS C 579 3.82 -22.26 32.75
N GLY C 580 3.66 -21.03 33.23
CA GLY C 580 4.58 -19.98 32.87
C GLY C 580 4.31 -19.33 31.53
N GLU C 581 3.10 -19.47 31.00
CA GLU C 581 2.77 -18.93 29.69
C GLU C 581 2.02 -17.62 29.88
N TYR C 582 2.35 -16.64 29.05
CA TYR C 582 1.75 -15.31 29.14
C TYR C 582 0.39 -15.37 28.47
N ILE C 583 -0.66 -15.17 29.27
CA ILE C 583 -2.04 -15.20 28.81
C ILE C 583 -2.54 -13.76 28.80
N THR C 584 -3.26 -13.38 27.76
CA THR C 584 -3.68 -12.00 27.51
C THR C 584 -5.17 -11.99 27.23
N TYR C 585 -5.81 -10.86 27.49
CA TYR C 585 -7.22 -10.73 27.16
C TYR C 585 -7.54 -9.30 26.76
N GLY C 586 -8.59 -9.17 25.97
CA GLY C 586 -8.96 -7.87 25.43
C GLY C 586 -10.09 -8.01 24.44
N PHE C 587 -10.20 -7.01 23.57
CA PHE C 587 -11.22 -6.96 22.55
C PHE C 587 -10.63 -6.61 21.19
N LYS C 588 -11.16 -7.26 20.17
CA LYS C 588 -10.93 -6.97 18.76
C LYS C 588 -12.30 -6.52 18.27
N SER C 589 -12.54 -5.22 18.28
CA SER C 589 -13.84 -4.65 17.95
C SER C 589 -14.86 -5.26 18.90
N SER C 590 -15.86 -6.00 18.42
CA SER C 590 -16.91 -6.44 19.31
C SER C 590 -16.60 -7.75 20.01
N LEU C 591 -15.44 -8.35 19.75
CA LEU C 591 -15.13 -9.71 20.17
C LEU C 591 -14.18 -9.71 21.36
N PHE C 592 -14.59 -10.35 22.46
CA PHE C 592 -13.68 -10.60 23.56
C PHE C 592 -12.75 -11.74 23.17
N TYR C 593 -11.47 -11.63 23.54
CA TYR C 593 -10.53 -12.72 23.33
C TYR C 593 -9.78 -13.02 24.61
N LEU C 594 -9.42 -14.29 24.77
CA LEU C 594 -8.44 -14.77 25.73
C LEU C 594 -7.38 -15.52 24.92
N TYR C 595 -6.13 -15.08 24.99
CA TYR C 595 -5.11 -15.46 24.00
C TYR C 595 -3.83 -15.88 24.68
N ASN C 596 -3.32 -17.03 24.28
CA ASN C 596 -2.04 -17.52 24.79
C ASN C 596 -0.96 -16.85 23.95
N GLU C 597 -0.34 -15.80 24.51
CA GLU C 597 0.62 -15.00 23.74
C GLU C 597 2.00 -15.64 23.65
N THR C 598 2.32 -16.56 24.57
CA THR C 598 3.59 -17.27 24.48
C THR C 598 3.63 -18.18 23.26
N ASN C 599 2.56 -18.93 23.02
CA ASN C 599 2.53 -19.89 21.93
C ASN C 599 1.58 -19.49 20.82
N CYS C 600 0.98 -18.29 20.89
CA CYS C 600 0.26 -17.67 19.78
C CYS C 600 -0.94 -18.50 19.32
N TYR C 601 -1.85 -18.78 20.25
CA TYR C 601 -3.15 -19.30 19.84
C TYR C 601 -4.23 -18.78 20.78
N GLU C 602 -5.43 -18.64 20.23
CA GLU C 602 -6.57 -18.17 20.99
C GLU C 602 -7.11 -19.29 21.87
N LEU C 603 -7.41 -18.95 23.13
CA LEU C 603 -8.04 -19.89 24.05
C LEU C 603 -9.56 -19.82 23.97
N ALA C 604 -10.12 -18.64 23.71
CA ALA C 604 -11.57 -18.47 23.72
C ALA C 604 -11.94 -17.11 23.18
N SER C 605 -13.20 -16.98 22.80
CA SER C 605 -13.66 -15.72 22.26
C SER C 605 -15.15 -15.64 22.51
N GLU C 606 -15.66 -14.41 22.47
CA GLU C 606 -17.06 -14.17 22.78
C GLU C 606 -17.48 -12.86 22.16
N VAL C 607 -18.67 -12.85 21.55
CA VAL C 607 -19.21 -11.64 20.94
C VAL C 607 -19.91 -10.86 22.04
N CYS C 608 -19.32 -9.72 22.44
CA CYS C 608 -19.91 -8.83 23.40
C CYS C 608 -20.51 -7.63 22.68
N GLY C 609 -20.89 -6.61 23.45
CA GLY C 609 -21.59 -5.48 22.88
C GLY C 609 -20.79 -4.37 22.21
N GLY C 610 -20.14 -4.69 21.08
CA GLY C 610 -19.50 -3.72 20.18
C GLY C 610 -18.77 -2.55 20.81
N SER C 611 -19.54 -1.66 21.47
CA SER C 611 -18.98 -0.69 22.40
C SER C 611 -18.41 -1.37 23.65
N HIS C 612 -19.00 -2.52 24.03
CA HIS C 612 -18.66 -3.32 25.22
C HIS C 612 -18.34 -2.43 26.43
N ARG C 613 -19.31 -1.57 26.80
CA ARG C 613 -18.98 -0.59 27.83
C ARG C 613 -18.84 -1.25 29.20
N LEU C 614 -19.61 -2.30 29.49
CA LEU C 614 -19.62 -2.93 30.81
C LEU C 614 -19.32 -4.42 30.70
N TRP C 615 -18.22 -4.84 31.28
CA TRP C 615 -17.80 -6.24 31.24
C TRP C 615 -16.88 -6.48 32.42
N ASN C 616 -16.71 -7.75 32.75
CA ASN C 616 -15.86 -8.12 33.84
C ASN C 616 -15.44 -9.57 33.61
N LEU C 617 -14.21 -9.87 33.96
CA LEU C 617 -13.64 -11.20 33.85
C LEU C 617 -13.22 -11.66 35.23
N ALA C 618 -13.51 -12.91 35.58
CA ALA C 618 -13.06 -13.43 36.87
C ALA C 618 -12.54 -14.86 36.74
N LYS C 619 -11.51 -15.17 37.54
CA LYS C 619 -10.96 -16.52 37.56
C LYS C 619 -11.79 -17.40 38.48
N ILE C 620 -12.07 -18.61 38.02
CA ILE C 620 -12.81 -19.62 38.77
C ILE C 620 -12.06 -20.92 38.66
N THR C 621 -12.37 -21.85 39.55
CA THR C 621 -11.72 -23.15 39.47
C THR C 621 -12.11 -23.81 38.15
N ASP C 622 -11.11 -24.15 37.35
CA ASP C 622 -11.24 -24.74 36.03
C ASP C 622 -11.65 -23.75 34.94
N GLY C 623 -11.37 -22.46 35.11
CA GLY C 623 -11.56 -21.53 34.02
C GLY C 623 -11.78 -20.08 34.40
N HIS C 624 -12.68 -19.44 33.68
CA HIS C 624 -13.03 -18.05 33.92
C HIS C 624 -14.51 -17.89 33.70
N VAL C 625 -15.06 -16.86 34.32
CA VAL C 625 -16.39 -16.35 34.02
C VAL C 625 -16.23 -14.95 33.44
N LEU C 626 -16.83 -14.73 32.29
CA LEU C 626 -16.88 -13.42 31.64
C LEU C 626 -18.31 -12.90 31.80
N MET C 627 -18.45 -11.72 32.37
CA MET C 627 -19.73 -11.07 32.58
C MET C 627 -19.77 -9.85 31.67
N TYR C 628 -20.91 -9.61 31.01
CA TYR C 628 -21.01 -8.41 30.18
C TYR C 628 -22.47 -8.12 29.86
N ILE C 629 -22.70 -6.86 29.49
CA ILE C 629 -24.01 -6.38 29.07
C ILE C 629 -23.99 -6.28 27.55
N LYS C 630 -24.96 -6.93 26.89
CA LYS C 630 -25.11 -6.83 25.45
C LYS C 630 -26.60 -6.76 25.14
N ALA C 631 -27.00 -5.72 24.41
CA ALA C 631 -28.35 -5.57 23.88
C ALA C 631 -29.38 -5.81 24.98
N SER C 632 -29.26 -5.03 26.06
CA SER C 632 -30.21 -5.06 27.17
C SER C 632 -30.26 -6.43 27.85
N ARG C 633 -29.20 -7.22 27.74
CA ARG C 633 -29.09 -8.48 28.45
C ARG C 633 -27.81 -8.52 29.27
N PHE C 634 -27.90 -9.09 30.46
CA PHE C 634 -26.73 -9.45 31.25
C PHE C 634 -26.36 -10.89 30.92
N HIS C 635 -25.14 -11.08 30.39
CA HIS C 635 -24.62 -12.36 29.94
C HIS C 635 -23.56 -12.92 30.89
N LEU C 636 -23.62 -14.22 31.14
CA LEU C 636 -22.56 -14.95 31.84
C LEU C 636 -22.01 -16.00 30.89
N ARG C 637 -20.74 -15.87 30.54
CA ARG C 637 -20.05 -16.85 29.72
C ARG C 637 -19.00 -17.52 30.58
N LYS C 638 -19.11 -18.83 30.75
CA LYS C 638 -18.11 -19.61 31.45
C LYS C 638 -17.14 -20.17 30.44
N ILE C 639 -15.85 -19.96 30.68
CA ILE C 639 -14.80 -20.37 29.78
C ILE C 639 -14.02 -21.44 30.51
N TYR C 640 -14.31 -22.69 30.22
CA TYR C 640 -13.69 -23.79 30.93
C TYR C 640 -12.35 -24.12 30.31
N ASN C 641 -11.42 -24.60 31.14
CA ASN C 641 -10.20 -25.17 30.58
C ASN C 641 -10.56 -26.30 29.63
N SER C 642 -9.81 -26.42 28.54
CA SER C 642 -10.14 -27.44 27.57
C SER C 642 -10.08 -28.80 28.22
N ILE C 643 -11.00 -29.68 27.80
CA ILE C 643 -10.99 -31.05 28.29
C ILE C 643 -9.75 -31.82 27.84
N VAL C 644 -9.05 -31.37 26.78
CA VAL C 644 -7.79 -32.01 26.38
C VAL C 644 -6.73 -30.92 26.29
N PRO C 645 -5.42 -31.24 26.22
CA PRO C 645 -4.42 -30.18 26.02
C PRO C 645 -4.70 -29.36 24.76
N GLU C 646 -4.23 -28.12 24.77
CA GLU C 646 -4.50 -27.23 23.65
C GLU C 646 -3.76 -27.69 22.40
N THR C 647 -2.50 -28.13 22.55
CA THR C 647 -1.67 -28.53 21.43
C THR C 647 -0.94 -29.82 21.75
N LEU C 648 -0.61 -30.56 20.69
CA LEU C 648 0.35 -31.65 20.77
C LEU C 648 1.75 -31.22 20.35
N GLU C 649 1.83 -30.22 19.46
CA GLU C 649 3.04 -29.44 19.19
C GLU C 649 2.61 -27.99 19.06
N ASN C 650 3.39 -27.07 19.66
CA ASN C 650 2.99 -25.67 19.58
C ASN C 650 3.20 -25.08 18.18
N GLY C 651 4.25 -25.52 17.47
CA GLY C 651 4.52 -25.08 16.12
C GLY C 651 5.47 -23.89 16.07
N VAL C 652 5.94 -23.62 14.84
CA VAL C 652 6.80 -22.48 14.55
C VAL C 652 6.11 -21.62 13.51
N HIS C 653 6.87 -20.82 12.76
CA HIS C 653 6.27 -20.02 11.70
C HIS C 653 5.59 -20.93 10.68
N GLY C 654 4.51 -20.44 10.09
CA GLY C 654 3.84 -21.10 8.98
C GLY C 654 4.18 -20.53 7.62
N ARG C 655 5.20 -19.65 7.55
CA ARG C 655 5.77 -19.11 6.32
C ARG C 655 7.28 -19.25 6.38
N GLU C 656 7.94 -18.88 5.29
CA GLU C 656 9.39 -19.02 5.15
C GLU C 656 10.16 -18.40 6.30
N ILE C 657 11.21 -19.11 6.73
CA ILE C 657 12.15 -18.65 7.74
C ILE C 657 13.36 -18.16 6.97
N ARG C 658 13.51 -16.83 6.88
CA ARG C 658 14.57 -16.19 6.11
C ARG C 658 15.89 -16.09 6.86
N ASP C 659 15.87 -16.14 8.19
CA ASP C 659 17.13 -16.09 8.91
C ASP C 659 16.95 -16.70 10.29
N ILE C 660 18.06 -17.15 10.84
CA ILE C 660 18.13 -17.79 12.15
C ILE C 660 19.39 -17.27 12.83
N SER C 661 19.29 -16.97 14.14
CA SER C 661 20.48 -16.60 14.88
C SER C 661 20.40 -17.19 16.29
N ILE C 662 21.49 -17.83 16.70
CA ILE C 662 21.64 -18.38 18.04
C ILE C 662 22.38 -17.36 18.88
N CYS C 663 21.92 -17.15 20.11
CA CYS C 663 22.58 -16.22 21.02
C CYS C 663 23.94 -16.79 21.39
N PRO C 664 25.02 -16.07 21.16
CA PRO C 664 26.35 -16.65 21.38
C PRO C 664 26.62 -16.88 22.87
N VAL C 665 27.41 -17.93 23.13
CA VAL C 665 27.85 -18.23 24.48
C VAL C 665 28.69 -17.07 25.00
N SER C 666 28.65 -16.87 26.31
CA SER C 666 29.23 -15.69 26.95
C SER C 666 29.93 -16.07 28.24
N ASN C 667 30.72 -15.14 28.77
CA ASN C 667 31.20 -15.19 30.14
C ASN C 667 30.22 -14.56 31.13
N THR C 668 29.13 -13.95 30.66
CA THR C 668 28.18 -13.30 31.55
C THR C 668 27.35 -14.35 32.28
N ASN C 669 26.46 -13.89 33.15
CA ASN C 669 25.67 -14.79 34.00
C ASN C 669 24.30 -15.08 33.37
N THR C 670 24.34 -15.88 32.29
CA THR C 670 23.12 -16.44 31.73
C THR C 670 22.55 -17.48 32.68
N ASN C 671 21.23 -17.47 32.83
CA ASN C 671 20.59 -18.26 33.87
C ASN C 671 20.82 -19.74 33.64
N ASP C 672 20.90 -20.47 34.76
CA ASP C 672 21.16 -21.89 34.74
C ASP C 672 20.01 -22.66 34.10
N ASN C 673 18.80 -22.14 34.02
CA ASN C 673 17.78 -22.93 33.34
C ASN C 673 18.13 -23.18 31.88
N PHE C 674 18.87 -22.27 31.25
CA PHE C 674 19.21 -22.37 29.85
C PHE C 674 20.47 -23.19 29.55
N LYS C 675 21.14 -23.75 30.58
CA LYS C 675 22.43 -24.43 30.41
C LYS C 675 22.34 -25.64 29.50
N ASP C 676 21.18 -26.29 29.38
CA ASP C 676 21.07 -27.49 28.54
C ASP C 676 20.75 -27.17 27.08
N GLY C 677 20.78 -25.92 26.71
CA GLY C 677 20.37 -25.55 25.36
C GLY C 677 20.84 -24.20 24.99
N HIS C 678 20.07 -23.56 24.11
CA HIS C 678 20.46 -22.26 23.56
C HIS C 678 19.21 -21.44 23.27
N ILE C 679 19.32 -20.15 23.51
CA ILE C 679 18.31 -19.20 23.07
C ILE C 679 18.58 -18.86 21.62
N PHE C 680 17.53 -18.76 20.80
CA PHE C 680 17.74 -18.42 19.39
C PHE C 680 16.51 -17.71 18.84
N CYS C 681 16.68 -17.10 17.68
CA CYS C 681 15.68 -16.33 16.97
C CYS C 681 15.43 -16.92 15.58
N THR C 682 14.18 -16.87 15.14
CA THR C 682 13.85 -17.13 13.74
C THR C 682 13.17 -15.89 13.19
N ALA C 683 13.47 -15.56 11.94
CA ALA C 683 12.95 -14.37 11.29
C ALA C 683 12.26 -14.79 10.02
N SER C 684 11.00 -14.42 9.88
CA SER C 684 10.12 -15.05 8.89
C SER C 684 9.53 -14.04 7.93
N GLU C 685 9.09 -14.57 6.77
CA GLU C 685 8.31 -13.76 5.84
C GLU C 685 6.96 -13.38 6.44
N ASP C 686 6.55 -14.03 7.54
CA ASP C 686 5.28 -13.65 8.18
C ASP C 686 5.39 -12.32 8.96
N THR C 687 6.56 -11.67 8.91
CA THR C 687 6.91 -10.35 9.47
C THR C 687 7.21 -10.42 10.97
N THR C 688 7.30 -11.60 11.56
CA THR C 688 7.57 -11.73 12.98
C THR C 688 8.97 -12.27 13.21
N ILE C 689 9.50 -11.98 14.39
CA ILE C 689 10.70 -12.63 14.92
C ILE C 689 10.26 -13.45 16.12
N LYS C 690 10.56 -14.74 16.12
CA LYS C 690 10.20 -15.62 17.23
C LYS C 690 11.44 -15.95 18.02
N LEU C 691 11.36 -15.74 19.32
CA LEU C 691 12.47 -15.98 20.24
C LEU C 691 12.13 -17.23 21.06
N GLY C 692 12.97 -18.24 20.96
CA GLY C 692 12.73 -19.47 21.66
C GLY C 692 14.03 -20.06 22.16
N TYR C 693 13.99 -21.37 22.39
CA TYR C 693 15.09 -22.13 22.94
C TYR C 693 15.02 -23.55 22.36
N PHE C 694 16.19 -24.17 22.22
CA PHE C 694 16.24 -25.58 21.88
C PHE C 694 17.16 -26.31 22.83
N ASN C 695 16.80 -27.55 23.13
CA ASN C 695 17.65 -28.43 23.94
C ASN C 695 18.76 -29.01 23.10
N ASN C 696 19.99 -28.97 23.62
CA ASN C 696 21.16 -29.42 22.86
C ASN C 696 21.11 -30.91 22.56
N ARG C 697 20.59 -31.70 23.49
CA ARG C 697 20.62 -33.14 23.30
C ARG C 697 19.50 -33.61 22.37
N THR C 698 18.30 -33.10 22.59
CA THR C 698 17.10 -33.57 21.93
C THR C 698 16.67 -32.69 20.76
N GLY C 699 17.19 -31.47 20.64
CA GLY C 699 16.71 -30.54 19.64
C GLY C 699 15.27 -30.10 19.81
N LYS C 700 14.67 -30.39 20.95
CA LYS C 700 13.31 -29.95 21.24
C LYS C 700 13.25 -28.43 21.35
N VAL C 701 12.21 -27.83 20.77
CA VAL C 701 12.13 -26.37 20.67
C VAL C 701 11.00 -25.88 21.55
N GLN C 702 11.27 -24.81 22.30
CA GLN C 702 10.26 -24.08 23.07
C GLN C 702 10.21 -22.64 22.61
N ASN C 703 8.99 -22.11 22.53
CA ASN C 703 8.76 -20.72 22.20
C ASN C 703 8.71 -19.89 23.47
N PHE C 704 9.20 -18.65 23.36
CA PHE C 704 8.96 -17.65 24.39
C PHE C 704 8.13 -16.51 23.87
N TRP C 705 8.57 -15.84 22.80
CA TRP C 705 7.95 -14.60 22.36
C TRP C 705 7.88 -14.53 20.84
N THR C 706 6.88 -13.82 20.34
CA THR C 706 6.73 -13.51 18.93
C THR C 706 6.75 -11.99 18.85
N GLN C 707 7.88 -11.42 18.39
CA GLN C 707 8.03 -9.97 18.31
C GLN C 707 7.45 -9.43 17.00
N ARG C 708 6.60 -8.39 17.09
CA ARG C 708 5.81 -7.98 15.94
C ARG C 708 6.11 -6.59 15.39
N LYS C 709 7.19 -5.94 15.83
CA LYS C 709 7.44 -4.57 15.37
C LYS C 709 7.53 -4.47 13.83
N HIS C 710 8.20 -5.41 13.16
CA HIS C 710 8.41 -5.27 11.71
C HIS C 710 7.09 -5.23 10.94
N VAL C 711 7.03 -4.33 9.96
CA VAL C 711 5.85 -4.20 9.13
C VAL C 711 5.85 -5.15 7.93
N SER C 712 6.99 -5.64 7.50
CA SER C 712 7.03 -6.49 6.33
C SER C 712 7.97 -7.66 6.61
N GLY C 713 8.14 -8.52 5.61
CA GLY C 713 8.81 -9.79 5.85
C GLY C 713 10.26 -9.60 6.25
N LEU C 714 10.70 -10.41 7.21
CA LEU C 714 12.08 -10.30 7.69
C LEU C 714 13.07 -10.72 6.62
N GLN C 715 14.24 -10.09 6.62
CA GLN C 715 15.35 -10.48 5.76
C GLN C 715 16.49 -11.09 6.56
N ARG C 716 16.89 -10.42 7.62
CA ARG C 716 18.03 -10.80 8.43
C ARG C 716 17.68 -10.65 9.89
N CYS C 717 18.30 -11.49 10.72
CA CYS C 717 18.40 -11.29 12.16
C CYS C 717 19.73 -11.90 12.58
N GLN C 718 20.44 -11.19 13.43
CA GLN C 718 21.72 -11.72 13.86
C GLN C 718 22.00 -11.20 15.28
N PHE C 719 22.31 -12.12 16.17
CA PHE C 719 22.87 -11.73 17.46
C PHE C 719 24.29 -11.23 17.20
N ILE C 720 24.51 -9.93 17.40
CA ILE C 720 25.84 -9.39 17.19
C ILE C 720 26.74 -9.57 18.40
N ASN C 721 26.19 -9.86 19.57
CA ASN C 721 26.97 -10.36 20.70
C ASN C 721 25.99 -11.07 21.63
N HIS C 722 26.42 -11.28 22.88
CA HIS C 722 25.62 -12.06 23.83
C HIS C 722 24.32 -11.39 24.23
N LYS C 723 24.19 -10.06 24.05
CA LYS C 723 22.95 -9.40 24.46
C LYS C 723 22.35 -8.45 23.43
N LEU C 724 22.93 -8.29 22.24
CA LEU C 724 22.40 -7.40 21.23
C LEU C 724 22.05 -8.19 19.98
N MET C 725 20.99 -7.78 19.30
CA MET C 725 20.52 -8.49 18.12
C MET C 725 19.95 -7.48 17.14
N ILE C 726 20.29 -7.63 15.86
CA ILE C 726 19.85 -6.71 14.83
C ILE C 726 19.00 -7.48 13.83
N SER C 727 17.86 -6.92 13.50
CA SER C 727 16.99 -7.46 12.49
C SER C 727 16.71 -6.41 11.43
N SER C 728 16.47 -6.83 10.21
CA SER C 728 16.12 -5.92 9.16
C SER C 728 15.22 -6.53 8.16
N SER C 729 14.22 -5.80 7.73
CA SER C 729 13.25 -6.31 6.83
C SER C 729 13.21 -5.69 5.43
N ALA C 730 12.37 -4.68 5.26
CA ALA C 730 12.33 -3.78 4.12
C ALA C 730 11.71 -2.57 4.75
N ARG C 731 11.39 -1.55 3.98
CA ARG C 731 10.92 -0.31 4.57
C ARG C 731 12.02 0.28 5.39
N GLU C 732 13.24 -0.16 5.16
CA GLU C 732 14.37 0.38 5.84
C GLU C 732 14.30 0.10 7.28
N GLU C 733 13.52 -0.88 7.64
CA GLU C 733 13.43 -1.30 8.99
C GLU C 733 14.70 -2.01 9.40
N LEU C 734 15.50 -1.41 10.25
CA LEU C 734 16.54 -2.11 10.91
C LEU C 734 16.40 -1.74 12.36
N PHE C 735 16.34 -2.74 13.23
CA PHE C 735 16.10 -2.59 14.66
C PHE C 735 17.25 -3.22 15.43
N LEU C 736 17.78 -2.48 16.40
CA LEU C 736 18.72 -3.02 17.36
C LEU C 736 17.92 -3.46 18.59
N TRP C 737 18.07 -4.71 18.98
CA TRP C 737 17.34 -5.26 20.09
C TRP C 737 18.32 -5.60 21.20
N GLU C 738 17.84 -5.54 22.44
CA GLU C 738 18.61 -5.98 23.60
C GLU C 738 17.91 -7.16 24.27
N LEU C 739 18.67 -8.21 24.51
CA LEU C 739 18.17 -9.42 25.12
C LEU C 739 18.58 -9.48 26.58
N ASN C 740 17.69 -9.99 27.42
CA ASN C 740 18.00 -10.24 28.83
C ASN C 740 17.66 -11.67 29.13
N ASP C 741 18.66 -12.45 29.56
CA ASP C 741 18.46 -13.85 29.91
C ASP C 741 18.86 -14.14 31.36
N LYS C 742 18.64 -13.18 32.26
CA LYS C 742 19.14 -13.32 33.62
C LYS C 742 18.18 -14.00 34.54
N TYR C 743 16.89 -14.05 34.19
CA TYR C 743 15.88 -14.61 35.06
C TYR C 743 15.63 -16.09 34.74
N ASN C 744 14.74 -16.70 35.51
CA ASN C 744 14.69 -18.15 35.66
C ASN C 744 13.90 -18.83 34.55
N LYS C 745 12.86 -18.20 34.04
CA LYS C 745 11.97 -18.94 33.17
C LYS C 745 12.07 -18.57 31.71
N ARG C 746 12.41 -17.33 31.37
CA ARG C 746 12.32 -16.92 29.98
C ARG C 746 13.27 -15.76 29.76
N PRO C 747 13.78 -15.61 28.55
CA PRO C 747 14.47 -14.37 28.19
C PRO C 747 13.47 -13.27 27.89
N TYR C 748 13.96 -12.06 27.88
CA TYR C 748 13.18 -10.88 27.55
C TYR C 748 13.90 -10.13 26.44
N MET C 749 13.14 -9.45 25.58
CA MET C 749 13.78 -8.70 24.51
C MET C 749 13.05 -7.39 24.27
N THR C 750 13.81 -6.32 24.06
CA THR C 750 13.19 -5.04 23.82
C THR C 750 13.98 -4.27 22.78
N ILE C 751 13.30 -3.35 22.12
CA ILE C 751 13.94 -2.54 21.10
C ILE C 751 14.85 -1.52 21.77
N ARG C 752 16.08 -1.42 21.30
CA ARG C 752 16.90 -0.35 21.84
C ARG C 752 16.92 0.87 20.93
N GLN C 753 16.96 0.68 19.62
CA GLN C 753 16.84 1.81 18.72
C GLN C 753 16.59 1.31 17.31
N ALA C 754 15.91 2.13 16.52
CA ALA C 754 15.68 1.88 15.10
C ALA C 754 16.62 2.74 14.26
N LEU C 755 17.01 2.21 13.10
CA LEU C 755 17.91 2.94 12.23
C LEU C 755 17.17 4.11 11.60
N PRO C 756 17.82 5.27 11.45
CA PRO C 756 17.21 6.37 10.68
C PRO C 756 16.85 5.91 9.28
N VAL C 757 15.77 6.46 8.76
CA VAL C 757 15.28 6.06 7.45
C VAL C 757 15.25 7.28 6.53
N SER C 758 15.54 7.02 5.26
CA SER C 758 15.58 8.05 4.23
C SER C 758 14.27 8.83 4.11
N ASP C 763 9.73 2.27 -2.73
CA ASP C 763 10.64 2.42 -1.62
C ASP C 763 11.75 1.34 -1.72
N LEU C 764 12.62 1.25 -0.71
CA LEU C 764 13.82 0.43 -0.84
C LEU C 764 14.11 -0.35 0.44
N ARG C 765 14.84 -1.45 0.28
CA ARG C 765 15.11 -2.44 1.32
C ARG C 765 16.55 -2.40 1.79
N ILE C 766 16.75 -2.76 3.05
CA ILE C 766 18.08 -3.04 3.59
C ILE C 766 18.33 -4.52 3.34
N MET C 767 19.16 -4.81 2.35
CA MET C 767 19.42 -6.19 1.99
C MET C 767 20.30 -6.91 3.00
N ASP C 768 21.23 -6.20 3.65
CA ASP C 768 22.15 -6.86 4.57
C ASP C 768 22.84 -5.80 5.42
N PHE C 769 23.58 -6.27 6.42
CA PHE C 769 24.30 -5.35 7.28
C PHE C 769 25.44 -6.15 7.89
N ASP C 770 26.40 -5.42 8.45
CA ASP C 770 27.41 -6.06 9.28
C ASP C 770 27.89 -5.02 10.29
N VAL C 771 28.52 -5.49 11.36
CA VAL C 771 28.88 -4.63 12.48
C VAL C 771 30.31 -4.96 12.88
N LYS C 772 31.02 -3.94 13.36
CA LYS C 772 32.30 -4.13 14.01
C LYS C 772 32.30 -3.36 15.32
N PHE C 773 32.71 -4.04 16.40
CA PHE C 773 32.64 -3.40 17.70
C PHE C 773 33.84 -2.47 17.93
N ILE C 774 33.58 -1.40 18.67
CA ILE C 774 34.61 -0.42 19.01
C ILE C 774 35.22 -0.80 20.36
N SER C 775 36.14 -1.77 20.33
CA SER C 775 36.91 -2.24 21.47
C SER C 775 35.99 -2.42 22.68
N GLN C 776 36.38 -1.77 23.79
CA GLN C 776 35.64 -1.76 25.05
C GLN C 776 34.17 -1.32 24.97
N SER C 777 33.80 -0.56 23.95
CA SER C 777 32.78 0.48 24.11
C SER C 777 31.37 -0.07 24.27
N GLY C 778 31.03 -1.13 23.56
CA GLY C 778 29.61 -1.36 23.33
C GLY C 778 29.02 -0.44 22.28
N ASP C 779 29.74 0.60 21.86
CA ASP C 779 29.49 1.24 20.57
C ASP C 779 29.96 0.30 19.46
N PHE C 780 29.49 0.55 18.25
CA PHE C 780 29.93 -0.27 17.12
C PHE C 780 29.70 0.49 15.83
N LEU C 781 30.40 0.05 14.78
CA LEU C 781 30.19 0.54 13.43
C LEU C 781 29.23 -0.39 12.72
N LEU C 782 28.35 0.19 11.91
CA LEU C 782 27.34 -0.56 11.17
C LEU C 782 27.43 -0.19 9.70
N VAL C 783 27.46 -1.20 8.82
CA VAL C 783 27.33 -0.99 7.40
C VAL C 783 26.02 -1.61 6.94
N THR C 784 25.26 -0.88 6.13
CA THR C 784 24.05 -1.37 5.53
C THR C 784 24.14 -1.16 4.02
N VAL C 785 23.56 -2.08 3.25
CA VAL C 785 23.48 -1.97 1.80
C VAL C 785 22.02 -2.11 1.36
N TYR C 786 21.66 -1.44 0.28
CA TYR C 786 20.26 -1.25 -0.07
C TYR C 786 19.95 -1.75 -1.48
N SER C 787 18.65 -1.84 -1.77
CA SER C 787 18.19 -2.28 -3.09
C SER C 787 18.67 -1.34 -4.19
N ASP C 788 18.91 -0.07 -3.89
CA ASP C 788 19.30 0.90 -4.90
C ASP C 788 20.80 1.02 -5.06
N SER C 789 21.56 0.04 -4.56
CA SER C 789 23.01 0.00 -4.62
C SER C 789 23.67 0.97 -3.66
N THR C 790 22.91 1.64 -2.80
CA THR C 790 23.59 2.57 -1.91
C THR C 790 24.26 1.81 -0.78
N ILE C 791 25.26 2.45 -0.19
CA ILE C 791 26.02 1.90 0.92
C ILE C 791 26.09 3.00 1.95
N LYS C 792 25.81 2.65 3.21
CA LYS C 792 25.91 3.59 4.31
C LYS C 792 26.67 2.95 5.45
N ILE C 793 27.53 3.74 6.08
CA ILE C 793 28.28 3.33 7.26
C ILE C 793 27.77 4.19 8.41
N TRP C 794 27.53 3.57 9.56
CA TRP C 794 26.95 4.25 10.72
C TRP C 794 27.80 4.00 11.95
N HIS C 795 27.78 4.97 12.86
CA HIS C 795 28.32 4.81 14.20
C HIS C 795 27.13 4.72 15.14
N TYR C 796 27.03 3.59 15.83
CA TYR C 796 26.04 3.41 16.89
C TYR C 796 26.71 3.76 18.20
N ARG C 797 26.10 4.68 18.92
CA ARG C 797 26.67 5.17 20.16
C ARG C 797 25.76 4.80 21.31
N GLU C 798 26.30 4.08 22.30
CA GLU C 798 25.45 3.52 23.34
C GLU C 798 24.81 4.63 24.17
N ASN C 799 25.64 5.51 24.76
CA ASN C 799 25.17 6.48 25.74
C ASN C 799 24.08 7.38 25.18
N GLN C 800 24.25 7.91 23.97
CA GLN C 800 23.16 8.69 23.41
C GLN C 800 22.21 7.84 22.58
N ASN C 801 22.43 6.53 22.55
CA ASN C 801 21.54 5.59 21.87
C ASN C 801 21.09 6.12 20.52
N LYS C 802 22.05 6.44 19.66
CA LYS C 802 21.65 6.90 18.33
C LYS C 802 22.65 6.39 17.29
N PHE C 803 22.18 6.39 16.05
CA PHE C 803 22.97 6.01 14.88
C PHE C 803 23.37 7.27 14.15
N ASP C 804 24.68 7.51 14.01
CA ASP C 804 25.19 8.62 13.21
C ASP C 804 25.74 8.12 11.86
N LEU C 805 25.26 8.72 10.78
CA LEU C 805 25.78 8.45 9.45
C LEU C 805 27.17 9.06 9.29
N ILE C 806 28.19 8.23 9.07
CA ILE C 806 29.55 8.73 8.88
C ILE C 806 30.07 8.53 7.46
N MET C 807 29.36 7.78 6.61
CA MET C 807 29.79 7.56 5.24
C MET C 807 28.60 7.09 4.41
N GLN C 808 28.56 7.55 3.17
CA GLN C 808 27.56 7.07 2.23
C GLN C 808 28.15 7.11 0.83
N GLY C 809 27.64 6.21 0.00
CA GLY C 809 28.05 6.10 -1.37
C GLY C 809 27.14 5.13 -2.07
N ARG C 810 27.54 4.71 -3.25
CA ARG C 810 26.74 3.75 -4.00
C ARG C 810 27.66 2.96 -4.88
N TYR C 811 27.26 1.73 -5.18
CA TYR C 811 28.10 0.88 -6.02
C TYR C 811 27.87 1.21 -7.49
N LYS C 812 26.64 1.03 -7.93
CA LYS C 812 26.15 1.50 -9.20
C LYS C 812 24.66 1.75 -9.05
N THR C 813 23.86 1.15 -9.90
CA THR C 813 22.46 0.95 -9.62
C THR C 813 21.83 -0.40 -9.27
N CYS C 814 22.56 -1.51 -9.43
CA CYS C 814 21.95 -2.81 -9.17
C CYS C 814 21.86 -3.07 -7.67
N CYS C 815 21.04 -4.05 -7.31
CA CYS C 815 20.86 -4.40 -5.91
C CYS C 815 22.16 -4.97 -5.33
N LEU C 816 22.35 -4.75 -4.03
CA LEU C 816 23.50 -5.26 -3.29
C LEU C 816 23.02 -6.29 -2.28
N PHE C 817 23.44 -7.52 -2.43
CA PHE C 817 22.82 -8.55 -1.62
C PHE C 817 23.49 -8.78 -0.27
N ASN C 818 24.82 -8.70 -0.19
CA ASN C 818 25.51 -9.00 1.06
C ASN C 818 26.61 -7.98 1.30
N VAL C 819 26.97 -7.82 2.56
CA VAL C 819 28.05 -6.92 2.91
C VAL C 819 28.70 -7.47 4.15
N VAL C 820 30.00 -7.23 4.28
CA VAL C 820 30.74 -7.77 5.42
C VAL C 820 31.91 -6.83 5.70
N PHE C 821 32.18 -6.59 6.98
CA PHE C 821 33.39 -5.90 7.40
C PHE C 821 34.51 -6.90 7.46
N ILE C 822 35.69 -6.55 6.92
CA ILE C 822 36.87 -7.35 7.10
C ILE C 822 37.99 -6.44 7.57
N ALA C 823 38.57 -6.77 8.72
CA ALA C 823 39.69 -6.04 9.28
C ALA C 823 40.95 -6.86 9.05
N LEU C 824 41.88 -6.31 8.28
CA LEU C 824 43.17 -6.95 8.01
C LEU C 824 44.26 -5.94 8.32
N LYS C 825 45.26 -6.37 9.11
CA LYS C 825 46.34 -5.48 9.54
C LYS C 825 45.72 -4.23 10.15
N GLU C 826 45.99 -3.06 9.59
CA GLU C 826 45.45 -1.83 10.13
C GLU C 826 44.39 -1.22 9.21
N GLU C 827 43.80 -2.02 8.32
CA GLU C 827 42.81 -1.54 7.38
C GLU C 827 41.43 -2.08 7.72
N LEU C 828 40.43 -1.24 7.55
CA LEU C 828 39.03 -1.62 7.66
C LEU C 828 38.46 -1.72 6.24
N LEU C 829 38.13 -2.93 5.81
CA LEU C 829 37.62 -3.18 4.47
C LEU C 829 36.12 -3.47 4.50
N VAL C 830 35.44 -3.01 3.45
CA VAL C 830 34.05 -3.35 3.21
C VAL C 830 33.98 -4.17 1.92
N VAL C 831 33.35 -5.34 2.01
CA VAL C 831 33.22 -6.27 0.90
C VAL C 831 31.74 -6.43 0.60
N ILE C 832 31.35 -6.14 -0.65
CA ILE C 832 29.97 -6.31 -1.10
C ILE C 832 29.91 -7.31 -2.24
N SER C 833 28.72 -7.82 -2.47
CA SER C 833 28.46 -8.78 -3.54
C SER C 833 27.22 -8.30 -4.30
N PRO C 834 27.42 -7.49 -5.33
CA PRO C 834 26.29 -7.03 -6.15
C PRO C 834 25.71 -8.18 -6.97
N THR C 835 24.54 -7.92 -7.54
CA THR C 835 23.87 -8.88 -8.40
C THR C 835 24.63 -9.13 -9.71
N ASP C 836 25.64 -8.33 -10.03
CA ASP C 836 26.48 -8.65 -11.18
C ASP C 836 27.42 -9.81 -10.91
N GLY C 837 27.48 -10.31 -9.68
CA GLY C 837 28.32 -11.45 -9.36
C GLY C 837 29.74 -11.13 -8.99
N HIS C 838 30.10 -9.85 -8.82
CA HIS C 838 31.44 -9.46 -8.42
C HIS C 838 31.61 -9.45 -6.90
N LEU C 839 32.85 -9.63 -6.46
CA LEU C 839 33.27 -9.28 -5.10
C LEU C 839 33.96 -7.93 -5.22
N VAL C 840 33.43 -6.93 -4.51
CA VAL C 840 33.90 -5.55 -4.57
C VAL C 840 34.38 -5.14 -3.19
N VAL C 841 35.61 -4.61 -3.12
CA VAL C 841 36.27 -4.27 -1.87
C VAL C 841 36.46 -2.77 -1.78
N TYR C 842 36.14 -2.21 -0.61
CA TYR C 842 36.43 -0.82 -0.31
C TYR C 842 37.33 -0.79 0.92
N ASN C 843 38.27 0.16 0.92
CA ASN C 843 39.15 0.40 2.05
C ASN C 843 38.74 1.75 2.61
N ILE C 844 38.01 1.74 3.74
CA ILE C 844 37.42 2.98 4.21
C ILE C 844 38.25 3.65 5.30
N THR C 845 39.42 3.09 5.65
CA THR C 845 40.16 3.49 6.85
C THR C 845 40.45 4.98 6.91
N GLU C 846 41.00 5.52 5.82
CA GLU C 846 41.38 6.93 5.78
C GLU C 846 40.20 7.87 5.95
N TYR C 847 38.98 7.40 5.70
CA TYR C 847 37.83 8.29 5.65
C TYR C 847 36.89 8.15 6.83
N VAL C 848 37.22 7.33 7.82
CA VAL C 848 36.40 7.28 9.03
C VAL C 848 37.26 7.53 10.25
N PRO C 849 36.75 8.20 11.25
CA PRO C 849 37.54 8.59 12.44
C PRO C 849 37.80 7.44 13.40
N PHE C 850 38.24 6.30 12.89
CA PHE C 850 38.50 5.11 13.69
C PHE C 850 39.80 4.46 13.23
N SER C 851 40.42 3.70 14.14
CA SER C 851 41.66 3.01 13.84
C SER C 851 41.50 1.51 14.08
N VAL C 852 42.28 0.72 13.37
CA VAL C 852 42.20 -0.74 13.46
C VAL C 852 43.44 -1.25 14.19
N ASP C 853 43.20 -2.01 15.26
CA ASP C 853 44.27 -2.68 15.97
C ASP C 853 44.78 -3.81 15.09
N PRO C 854 46.11 -3.96 14.93
CA PRO C 854 46.62 -4.97 13.97
C PRO C 854 46.16 -6.41 14.18
N ILE C 855 45.84 -6.87 15.40
CA ILE C 855 45.35 -8.25 15.53
C ILE C 855 44.17 -8.55 16.47
N SER C 856 43.33 -9.48 16.01
CA SER C 856 41.87 -9.55 16.15
C SER C 856 41.11 -8.30 15.69
N GLY C 857 41.81 -7.33 15.07
CA GLY C 857 41.18 -6.32 14.25
C GLY C 857 40.13 -5.48 14.96
N ASP C 858 40.52 -4.85 16.07
CA ASP C 858 39.60 -4.14 16.93
C ASP C 858 39.58 -2.67 16.56
N LEU C 859 38.40 -2.07 16.55
CA LEU C 859 38.30 -0.65 16.25
C LEU C 859 38.66 0.20 17.48
N VAL C 860 39.26 1.36 17.22
CA VAL C 860 39.58 2.33 18.27
C VAL C 860 38.98 3.69 17.90
N ASP C 861 38.16 4.23 18.81
CA ASP C 861 37.46 5.50 18.59
C ASP C 861 38.43 6.67 18.77
N HIS C 862 38.49 7.56 17.77
CA HIS C 862 39.30 8.78 17.83
C HIS C 862 38.53 9.95 18.44
N LYS C 863 37.22 9.79 18.68
CA LYS C 863 36.43 10.81 19.36
C LYS C 863 36.45 12.14 18.62
N LEU C 864 36.13 12.08 17.33
CA LEU C 864 36.02 13.23 16.44
C LEU C 864 34.56 13.50 16.11
N ASP C 865 34.31 14.66 15.51
CA ASP C 865 32.97 15.07 15.17
C ASP C 865 32.49 14.36 13.90
N ALA C 866 31.17 14.28 13.76
CA ALA C 866 30.55 13.48 12.70
C ALA C 866 30.49 14.26 11.40
N THR C 867 31.30 13.85 10.42
CA THR C 867 31.16 14.29 9.04
C THR C 867 30.76 13.09 8.19
N ILE C 868 30.01 13.35 7.13
CA ILE C 868 29.58 12.29 6.23
C ILE C 868 30.62 12.21 5.12
N SER C 869 31.52 11.23 5.20
CA SER C 869 32.46 11.03 4.12
C SER C 869 31.75 10.41 2.93
N ASN C 870 32.32 10.63 1.76
CA ASN C 870 31.87 9.91 0.59
C ASN C 870 32.60 8.58 0.52
N LEU C 871 31.94 7.58 -0.03
CA LEU C 871 32.55 6.28 -0.18
C LEU C 871 33.63 6.35 -1.26
N PRO C 872 34.86 5.90 -0.97
CA PRO C 872 35.90 5.91 -2.01
C PRO C 872 35.59 4.90 -3.11
N ALA C 873 36.35 5.06 -4.20
CA ALA C 873 36.30 4.09 -5.28
C ALA C 873 36.84 2.75 -4.78
N PRO C 874 36.34 1.64 -5.35
CA PRO C 874 36.78 0.33 -4.87
C PRO C 874 38.26 0.11 -5.13
N VAL C 875 38.90 -0.61 -4.20
CA VAL C 875 40.29 -1.02 -4.41
C VAL C 875 40.40 -2.39 -5.06
N ALA C 876 39.32 -3.17 -5.13
CA ALA C 876 39.35 -4.46 -5.82
C ALA C 876 37.97 -4.82 -6.34
N GLN C 877 37.93 -5.43 -7.51
CA GLN C 877 36.66 -5.81 -8.16
C GLN C 877 36.90 -7.14 -8.85
N LEU C 878 36.40 -8.22 -8.25
CA LEU C 878 36.65 -9.51 -8.85
C LEU C 878 35.34 -10.14 -9.28
N PRO C 879 35.18 -10.46 -10.56
CA PRO C 879 33.99 -11.23 -10.98
C PRO C 879 34.12 -12.67 -10.51
N VAL C 880 33.04 -13.20 -9.94
CA VAL C 880 33.12 -14.53 -9.35
C VAL C 880 31.99 -15.41 -9.88
N HIS C 881 30.77 -14.92 -9.73
CA HIS C 881 29.59 -15.64 -10.14
C HIS C 881 28.99 -14.97 -11.35
N GLN C 882 28.12 -15.71 -12.00
CA GLN C 882 27.49 -15.25 -13.21
C GLN C 882 26.22 -14.44 -12.93
N SER C 883 25.82 -14.35 -11.68
CA SER C 883 24.56 -13.70 -11.32
C SER C 883 24.65 -13.32 -9.84
N GLY C 884 23.49 -13.14 -9.21
CA GLY C 884 23.48 -12.66 -7.85
C GLY C 884 24.15 -13.63 -6.89
N VAL C 885 24.78 -13.07 -5.87
CA VAL C 885 25.45 -13.83 -4.82
C VAL C 885 24.51 -13.85 -3.63
N LYS C 886 24.03 -15.03 -3.28
CA LYS C 886 23.08 -15.17 -2.20
C LYS C 886 23.73 -15.33 -0.84
N SER C 887 24.93 -15.92 -0.77
CA SER C 887 25.54 -16.10 0.54
C SER C 887 26.98 -15.61 0.52
N LEU C 888 27.39 -14.98 1.62
CA LEU C 888 28.71 -14.39 1.73
C LEU C 888 29.23 -14.66 3.13
N ASP C 889 30.43 -15.19 3.23
CA ASP C 889 31.08 -15.47 4.51
C ASP C 889 32.58 -15.26 4.30
N TYR C 890 33.32 -15.16 5.39
CA TYR C 890 34.76 -14.98 5.27
C TYR C 890 35.41 -15.50 6.53
N VAL C 891 36.69 -15.84 6.43
CA VAL C 891 37.52 -16.13 7.61
C VAL C 891 38.92 -15.61 7.35
N ALA C 892 39.46 -14.88 8.32
CA ALA C 892 40.79 -14.31 8.22
C ALA C 892 41.83 -15.25 8.80
N ASN C 893 43.05 -15.17 8.28
CA ASN C 893 44.11 -16.04 8.76
C ASN C 893 44.60 -15.57 10.14
N ALA C 894 45.55 -16.32 10.70
CA ALA C 894 45.99 -16.06 12.08
C ALA C 894 46.66 -14.70 12.21
N THR C 895 47.37 -14.24 11.18
CA THR C 895 48.04 -12.95 11.22
C THR C 895 47.19 -11.81 10.70
N ARG C 896 45.93 -12.06 10.34
CA ARG C 896 45.02 -11.04 9.84
C ARG C 896 45.67 -10.25 8.71
N THR C 897 46.40 -10.97 7.87
CA THR C 897 46.95 -10.41 6.65
C THR C 897 46.15 -10.80 5.43
N SER C 898 45.23 -11.76 5.57
CA SER C 898 44.43 -12.24 4.47
C SER C 898 43.16 -12.91 4.99
N ALA C 899 42.18 -13.01 4.11
CA ALA C 899 40.95 -13.68 4.44
C ALA C 899 40.47 -14.45 3.22
N THR C 900 39.90 -15.63 3.46
CA THR C 900 39.30 -16.40 2.40
C THR C 900 37.79 -16.16 2.42
N ILE C 901 37.22 -15.92 1.25
CA ILE C 901 35.85 -15.45 1.11
C ILE C 901 35.06 -16.52 0.37
N LEU C 902 33.98 -17.00 0.99
CA LEU C 902 33.12 -18.04 0.42
C LEU C 902 31.82 -17.45 -0.08
N THR C 903 31.45 -17.75 -1.33
CA THR C 903 30.22 -17.22 -1.92
C THR C 903 29.37 -18.33 -2.52
N GLY C 904 28.07 -18.27 -2.27
CA GLY C 904 27.11 -19.17 -2.87
C GLY C 904 26.22 -18.37 -3.82
N GLY C 905 26.00 -18.92 -5.01
CA GLY C 905 25.38 -18.11 -6.03
C GLY C 905 24.00 -18.52 -6.46
N ASP C 906 23.23 -17.58 -7.02
CA ASP C 906 22.01 -17.93 -7.72
C ASP C 906 22.31 -18.78 -8.96
N ASP C 907 23.57 -18.90 -9.36
CA ASP C 907 23.97 -19.73 -10.50
C ASP C 907 24.29 -21.18 -10.07
N ASN C 908 23.85 -21.59 -8.89
CA ASN C 908 24.19 -22.83 -8.20
C ASN C 908 25.69 -23.16 -8.22
N GLY C 909 26.54 -22.13 -8.25
CA GLY C 909 27.96 -22.28 -8.05
C GLY C 909 28.43 -21.86 -6.67
N LEU C 910 29.58 -22.41 -6.26
CA LEU C 910 30.18 -22.13 -4.96
C LEU C 910 31.60 -21.60 -5.15
N GLY C 911 31.83 -20.37 -4.73
CA GLY C 911 33.10 -19.68 -5.00
C GLY C 911 33.95 -19.49 -3.76
N LEU C 912 35.25 -19.61 -3.93
CA LEU C 912 36.21 -19.40 -2.85
C LEU C 912 37.27 -18.44 -3.34
N SER C 913 37.36 -17.29 -2.68
CA SER C 913 38.26 -16.24 -3.10
C SER C 913 39.19 -15.88 -1.96
N ASN C 914 40.30 -15.24 -2.32
CA ASN C 914 41.34 -14.82 -1.38
C ASN C 914 41.49 -13.32 -1.42
N LEU C 915 41.44 -12.70 -0.25
CA LEU C 915 41.64 -11.26 -0.10
C LEU C 915 42.95 -11.09 0.66
N LYS C 916 43.93 -10.41 0.05
CA LYS C 916 45.23 -10.31 0.69
C LYS C 916 45.80 -8.89 0.63
N LEU C 917 46.55 -8.56 1.68
CA LEU C 917 47.32 -7.34 1.78
C LEU C 917 48.78 -7.75 1.70
N ASP C 918 49.56 -7.06 0.87
CA ASP C 918 50.99 -7.33 0.89
C ASP C 918 51.66 -6.46 1.96
N ASP C 919 53.00 -6.42 1.93
CA ASP C 919 53.73 -5.62 2.92
C ASP C 919 53.40 -4.13 2.82
N SER C 920 53.02 -3.66 1.63
CA SER C 920 52.67 -2.27 1.41
C SER C 920 51.19 -1.97 1.61
N ASN C 921 50.40 -2.95 2.08
CA ASN C 921 48.96 -2.81 2.29
C ASN C 921 48.17 -2.55 1.00
N LYS C 922 48.61 -3.10 -0.13
CA LYS C 922 47.78 -3.04 -1.32
C LYS C 922 46.87 -4.26 -1.34
N VAL C 923 45.62 -4.03 -1.72
CA VAL C 923 44.59 -5.06 -1.67
C VAL C 923 44.60 -5.79 -3.00
N THR C 924 44.64 -7.11 -2.95
CA THR C 924 44.40 -7.95 -4.12
C THR C 924 43.36 -9.01 -3.77
N LEU C 925 42.41 -9.20 -4.67
CA LEU C 925 41.35 -10.19 -4.53
C LEU C 925 41.44 -11.12 -5.73
N LYS C 926 41.75 -12.38 -5.49
CA LYS C 926 41.87 -13.36 -6.56
C LYS C 926 41.11 -14.63 -6.19
N THR C 927 40.59 -15.30 -7.20
CA THR C 927 39.72 -16.44 -6.93
C THR C 927 40.53 -17.74 -6.85
N SER C 928 40.19 -18.55 -5.85
CA SER C 928 40.96 -19.73 -5.48
C SER C 928 40.36 -21.03 -6.00
N ASP C 929 39.05 -21.05 -6.25
CA ASP C 929 38.35 -22.23 -6.76
C ASP C 929 36.94 -21.80 -7.08
N PHE C 930 36.30 -22.54 -7.99
CA PHE C 930 34.89 -22.31 -8.30
C PHE C 930 34.26 -23.62 -8.71
N ILE C 931 33.27 -24.10 -7.94
CA ILE C 931 32.54 -25.33 -8.25
C ILE C 931 31.26 -24.91 -8.95
N ALA C 932 31.23 -25.05 -10.27
CA ALA C 932 30.12 -24.52 -11.08
C ALA C 932 28.81 -25.23 -10.81
N ALA C 933 28.85 -26.52 -10.46
CA ALA C 933 27.61 -27.22 -10.20
C ALA C 933 27.57 -27.71 -8.75
N ALA C 934 27.77 -26.77 -7.83
CA ALA C 934 27.78 -27.08 -6.40
C ALA C 934 26.43 -27.54 -5.90
N ALA C 935 25.35 -27.22 -6.60
CA ALA C 935 24.01 -27.63 -6.18
C ALA C 935 23.13 -27.66 -7.41
N SER C 936 21.96 -28.26 -7.29
CA SER C 936 21.01 -28.32 -8.40
C SER C 936 20.25 -27.01 -8.60
N SER C 937 20.22 -26.15 -7.58
CA SER C 937 19.47 -24.91 -7.64
C SER C 937 20.17 -23.88 -6.79
N THR C 938 19.52 -22.74 -6.61
CA THR C 938 20.10 -21.61 -5.88
C THR C 938 20.75 -22.04 -4.56
N ILE C 939 22.01 -21.64 -4.39
CA ILE C 939 22.66 -21.81 -3.09
C ILE C 939 22.27 -20.63 -2.22
N THR C 940 21.69 -20.92 -1.06
CA THR C 940 21.08 -19.89 -0.22
C THR C 940 21.85 -19.61 1.06
N SER C 941 22.73 -20.49 1.50
CA SER C 941 23.59 -20.28 2.65
C SER C 941 24.92 -20.97 2.41
N GLY C 942 25.99 -20.35 2.87
CA GLY C 942 27.30 -20.97 2.81
C GLY C 942 28.15 -20.45 3.94
N MET C 943 28.41 -21.27 4.95
CA MET C 943 29.11 -20.81 6.13
C MET C 943 30.41 -21.58 6.30
N LEU C 944 31.46 -20.85 6.68
CA LEU C 944 32.75 -21.44 7.00
C LEU C 944 32.77 -21.83 8.46
N ILE C 945 33.32 -23.02 8.74
CA ILE C 945 33.46 -23.54 10.09
C ILE C 945 34.86 -24.13 10.22
N ASN C 946 35.24 -24.44 11.46
CA ASN C 946 36.52 -25.06 11.80
C ASN C 946 37.69 -24.28 11.19
N GLY C 947 37.75 -23.00 11.56
CA GLY C 947 38.82 -22.13 11.09
C GLY C 947 38.92 -22.02 9.59
N GLY C 948 37.80 -22.12 8.89
CA GLY C 948 37.85 -22.06 7.45
C GLY C 948 38.16 -23.36 6.75
N LYS C 949 38.33 -24.45 7.49
CA LYS C 949 38.69 -25.71 6.83
C LYS C 949 37.49 -26.40 6.19
N GLU C 950 36.28 -26.14 6.68
CA GLU C 950 35.10 -26.84 6.20
C GLU C 950 34.02 -25.83 5.81
N VAL C 951 33.02 -26.31 5.07
CA VAL C 951 31.93 -25.48 4.60
C VAL C 951 30.64 -26.28 4.71
N ILE C 952 29.60 -25.67 5.23
CA ILE C 952 28.25 -26.21 5.16
C ILE C 952 27.46 -25.30 4.26
N THR C 953 26.79 -25.87 3.26
CA THR C 953 25.94 -25.10 2.40
C THR C 953 24.52 -25.62 2.46
N THR C 954 23.62 -24.72 2.12
CA THR C 954 22.20 -24.95 2.04
C THR C 954 21.77 -24.49 0.65
N SER C 955 20.74 -25.13 0.10
CA SER C 955 20.24 -24.70 -1.19
C SER C 955 18.80 -25.16 -1.35
N VAL C 956 18.13 -24.53 -2.32
CA VAL C 956 16.74 -24.77 -2.62
C VAL C 956 16.46 -26.18 -3.14
N ASP C 957 17.51 -26.92 -3.52
CA ASP C 957 17.33 -28.33 -3.86
C ASP C 957 17.13 -29.21 -2.64
N GLN C 958 17.15 -28.64 -1.42
CA GLN C 958 16.92 -29.37 -0.18
C GLN C 958 18.00 -30.40 0.10
N VAL C 959 19.22 -30.14 -0.36
CA VAL C 959 20.37 -30.96 -0.07
C VAL C 959 21.35 -30.14 0.76
N ILE C 960 21.64 -30.60 1.96
CA ILE C 960 22.67 -29.99 2.80
C ILE C 960 24.02 -30.60 2.40
N ARG C 961 24.99 -29.76 2.07
CA ARG C 961 26.29 -30.26 1.65
C ARG C 961 27.38 -29.82 2.61
N ALA C 962 28.25 -30.75 2.99
CA ALA C 962 29.43 -30.48 3.79
C ALA C 962 30.66 -30.53 2.89
N TRP C 963 31.54 -29.56 3.02
CA TRP C 963 32.69 -29.47 2.13
C TRP C 963 33.97 -29.38 2.96
N GLU C 964 35.09 -29.70 2.32
CA GLU C 964 36.40 -29.46 2.89
C GLU C 964 37.21 -28.59 1.95
N ILE C 965 38.05 -27.75 2.55
CA ILE C 965 38.93 -26.85 1.82
C ILE C 965 40.36 -27.28 2.07
N THR C 966 41.07 -27.63 1.00
CA THR C 966 42.48 -28.02 1.09
C THR C 966 43.24 -27.23 0.03
N ALA C 967 44.19 -26.42 0.48
CA ALA C 967 45.00 -25.57 -0.41
C ALA C 967 44.12 -24.69 -1.29
N GLY C 968 43.15 -24.02 -0.67
CA GLY C 968 42.27 -23.13 -1.40
C GLY C 968 41.35 -23.83 -2.38
N LYS C 969 41.18 -25.15 -2.26
CA LYS C 969 40.40 -25.92 -3.20
C LYS C 969 39.31 -26.68 -2.45
N LEU C 970 38.11 -26.71 -3.03
CA LEU C 970 36.94 -27.26 -2.38
C LEU C 970 36.65 -28.67 -2.88
N SER C 971 36.29 -29.56 -1.96
CA SER C 971 35.81 -30.88 -2.34
C SER C 971 34.59 -31.23 -1.50
N LEU C 972 33.57 -31.79 -2.16
CA LEU C 972 32.36 -32.19 -1.46
C LEU C 972 32.63 -33.46 -0.68
N VAL C 973 32.40 -33.42 0.62
CA VAL C 973 32.68 -34.58 1.47
C VAL C 973 31.42 -35.24 2.02
N ASP C 974 30.28 -34.56 2.09
CA ASP C 974 29.07 -35.21 2.57
C ASP C 974 27.87 -34.42 2.07
N LYS C 975 26.73 -35.10 2.01
CA LYS C 975 25.49 -34.47 1.62
C LYS C 975 24.34 -35.23 2.28
N LYS C 976 23.21 -34.57 2.43
CA LYS C 976 22.07 -35.14 3.16
C LYS C 976 20.84 -34.31 2.85
N ARG C 977 19.73 -34.98 2.53
CA ARG C 977 18.50 -34.27 2.21
C ARG C 977 17.78 -33.83 3.47
N THR C 978 17.04 -32.71 3.35
CA THR C 978 16.13 -32.24 4.41
C THR C 978 14.72 -32.07 3.84
N THR C 979 13.70 -32.28 4.68
CA THR C 979 12.34 -31.96 4.24
C THR C 979 12.07 -30.49 4.16
N VAL C 980 12.93 -29.66 4.72
CA VAL C 980 12.66 -28.24 4.76
C VAL C 980 12.69 -27.71 3.34
N ALA C 981 11.51 -27.52 2.75
CA ALA C 981 11.43 -27.02 1.38
C ALA C 981 11.94 -25.59 1.32
N ASP C 982 12.47 -25.21 0.14
CA ASP C 982 12.90 -23.83 -0.11
C ASP C 982 13.98 -23.43 0.91
N THR C 983 14.93 -24.34 1.09
CA THR C 983 15.93 -24.25 2.15
C THR C 983 16.73 -22.99 1.93
N GLY C 984 16.68 -22.08 2.91
CA GLY C 984 17.13 -20.72 2.71
C GLY C 984 17.85 -20.08 3.87
N SER C 985 17.95 -20.74 5.04
CA SER C 985 18.66 -20.18 6.17
C SER C 985 19.40 -21.27 6.93
N LEU C 986 20.51 -20.85 7.55
CA LEU C 986 21.41 -21.77 8.21
C LEU C 986 22.10 -21.05 9.36
N GLU C 987 22.16 -21.72 10.50
CA GLU C 987 22.89 -21.21 11.64
C GLU C 987 23.62 -22.39 12.28
N ILE C 988 24.85 -22.14 12.72
CA ILE C 988 25.70 -23.18 13.29
C ILE C 988 26.31 -22.66 14.59
N ILE C 989 26.33 -23.50 15.61
CA ILE C 989 27.05 -23.23 16.84
C ILE C 989 27.85 -24.46 17.27
N SER C 990 29.05 -24.25 17.79
CA SER C 990 29.92 -25.31 18.27
C SER C 990 29.56 -25.66 19.71
N ASN C 991 29.77 -26.92 20.06
CA ASN C 991 29.36 -27.30 21.41
C ASN C 991 30.42 -26.92 22.44
N ASP C 992 31.69 -27.20 22.16
CA ASP C 992 32.78 -26.66 22.98
C ASP C 992 34.04 -26.45 22.14
N SER C 997 35.45 -29.90 16.29
CA SER C 997 34.45 -30.00 17.34
C SER C 997 33.05 -30.29 16.77
N GLU C 998 32.23 -30.99 17.54
CA GLU C 998 30.86 -31.31 17.13
C GLU C 998 30.02 -30.04 17.05
N LYS C 999 29.15 -29.96 16.05
CA LYS C 999 28.38 -28.75 15.77
C LYS C 999 26.88 -29.03 15.77
N THR C 1000 26.12 -27.99 16.08
CA THR C 1000 24.67 -28.02 15.95
C THR C 1000 24.28 -27.15 14.75
N LEU C 1001 23.46 -27.70 13.86
CA LEU C 1001 23.01 -26.97 12.69
C LEU C 1001 21.52 -26.67 12.82
N LEU C 1002 21.14 -25.43 12.57
CA LEU C 1002 19.75 -25.04 12.46
C LEU C 1002 19.48 -24.70 11.01
N ILE C 1003 18.48 -25.36 10.43
CA ILE C 1003 18.18 -25.36 9.01
C ILE C 1003 16.79 -24.80 8.83
N GLY C 1004 16.67 -23.70 8.09
CA GLY C 1004 15.40 -23.04 7.94
C GLY C 1004 14.97 -22.84 6.50
N GLY C 1005 13.66 -22.84 6.32
CA GLY C 1005 12.99 -22.52 5.07
C GLY C 1005 11.52 -22.54 5.36
N VAL C 1006 10.77 -23.42 4.71
CA VAL C 1006 9.42 -23.73 5.16
C VAL C 1006 9.56 -24.87 6.16
N GLY C 1007 9.72 -24.50 7.42
CA GLY C 1007 10.02 -25.44 8.48
C GLY C 1007 11.39 -25.17 9.08
N LEU C 1008 11.66 -25.91 10.15
CA LEU C 1008 12.91 -25.79 10.90
C LEU C 1008 13.40 -27.17 11.31
N SER C 1009 14.66 -27.47 11.02
CA SER C 1009 15.28 -28.72 11.42
C SER C 1009 16.57 -28.42 12.16
N ILE C 1010 16.87 -29.27 13.14
CA ILE C 1010 18.07 -29.18 13.95
C ILE C 1010 18.87 -30.45 13.73
N TRP C 1011 20.14 -30.31 13.38
CA TRP C 1011 21.00 -31.43 13.08
C TRP C 1011 22.28 -31.33 13.91
N LYS C 1012 22.99 -32.45 13.99
CA LYS C 1012 24.30 -32.50 14.61
C LYS C 1012 25.31 -32.93 13.57
N LYS C 1013 26.52 -32.40 13.67
CA LYS C 1013 27.58 -32.81 12.76
C LYS C 1013 28.79 -33.34 13.52
N ARG D 9 3.14 -5.86 -8.12
CA ARG D 9 2.89 -4.80 -7.16
C ARG D 9 4.11 -3.85 -7.10
N ASP D 10 5.17 -4.26 -7.80
CA ASP D 10 6.50 -3.67 -7.68
C ASP D 10 6.80 -2.77 -8.88
N LEU D 11 8.08 -2.57 -9.16
CA LEU D 11 8.56 -1.92 -10.36
C LEU D 11 7.84 -2.42 -11.61
N TYR D 12 7.94 -3.72 -11.90
CA TYR D 12 7.51 -4.18 -13.22
C TYR D 12 5.99 -4.16 -13.40
N TYR D 13 5.22 -4.39 -12.32
CA TYR D 13 3.77 -4.19 -12.43
C TYR D 13 3.47 -2.76 -12.85
N ARG D 14 4.21 -1.80 -12.30
CA ARG D 14 4.11 -0.41 -12.73
C ARG D 14 4.50 -0.24 -14.20
N LYS D 15 5.69 -0.73 -14.58
CA LYS D 15 6.12 -0.56 -15.96
C LYS D 15 5.34 -1.43 -16.97
N ALA D 16 4.63 -2.47 -16.51
CA ALA D 16 3.75 -3.17 -17.44
C ALA D 16 2.58 -2.27 -17.82
N LYS D 17 1.98 -1.58 -16.84
CA LYS D 17 0.89 -0.65 -17.14
C LYS D 17 1.37 0.52 -18.00
N GLU D 18 2.60 0.99 -17.78
CA GLU D 18 3.13 2.10 -18.55
C GLU D 18 3.37 1.73 -20.01
N GLN D 19 3.70 0.47 -20.28
CA GLN D 19 4.00 0.02 -21.63
C GLN D 19 2.84 -0.73 -22.27
N GLY D 20 1.69 -0.78 -21.59
CA GLY D 20 0.56 -1.49 -22.18
C GLY D 20 0.72 -2.99 -22.24
N TYR D 21 1.58 -3.58 -21.40
CA TYR D 21 1.72 -5.02 -21.36
C TYR D 21 0.71 -5.59 -20.38
N ARG D 22 0.14 -6.74 -20.75
CA ARG D 22 -0.95 -7.28 -19.94
C ARG D 22 -0.47 -7.74 -18.56
N ALA D 23 0.80 -8.10 -18.42
CA ALA D 23 1.32 -8.51 -17.12
C ALA D 23 2.78 -8.14 -17.01
N ARG D 24 3.25 -8.07 -15.76
CA ARG D 24 4.67 -7.84 -15.51
C ARG D 24 5.54 -8.93 -16.14
N SER D 25 4.99 -10.14 -16.29
CA SER D 25 5.77 -11.26 -16.84
C SER D 25 6.30 -10.96 -18.23
N ALA D 26 5.76 -9.95 -18.91
CA ALA D 26 6.25 -9.59 -20.23
C ALA D 26 7.75 -9.31 -20.21
N PHE D 27 8.25 -8.78 -19.10
CA PHE D 27 9.66 -8.45 -19.00
C PHE D 27 10.53 -9.68 -18.82
N LYS D 28 9.99 -10.77 -18.26
CA LYS D 28 10.78 -12.00 -18.19
C LYS D 28 11.17 -12.50 -19.57
N LEU D 29 10.27 -12.44 -20.56
CA LEU D 29 10.66 -12.88 -21.90
C LEU D 29 11.56 -11.87 -22.59
N LEU D 30 11.39 -10.58 -22.31
CA LEU D 30 12.30 -9.57 -22.88
C LEU D 30 13.69 -9.71 -22.25
N GLN D 31 13.78 -9.62 -20.92
CA GLN D 31 15.04 -9.83 -20.21
C GLN D 31 15.66 -11.17 -20.55
N LEU D 32 14.84 -12.14 -20.96
CA LEU D 32 15.41 -13.39 -21.47
C LEU D 32 16.12 -13.13 -22.79
N ASN D 33 15.45 -12.43 -23.72
CA ASN D 33 15.97 -12.28 -25.08
C ASN D 33 17.12 -11.27 -25.14
N ASP D 34 17.34 -10.47 -24.10
CA ASP D 34 18.56 -9.69 -23.94
C ASP D 34 19.82 -10.57 -23.93
N GLN D 35 19.63 -11.89 -24.02
CA GLN D 35 20.66 -12.88 -24.33
C GLN D 35 19.94 -14.01 -25.03
N PHE D 36 20.71 -14.93 -25.62
CA PHE D 36 20.14 -16.01 -26.43
C PHE D 36 19.65 -15.42 -27.74
N HIS D 37 19.08 -14.21 -27.66
CA HIS D 37 18.66 -13.43 -28.82
C HIS D 37 17.86 -14.26 -29.81
N PHE D 38 17.06 -15.22 -29.29
CA PHE D 38 16.29 -16.12 -30.14
C PHE D 38 15.12 -15.44 -30.83
N LEU D 39 14.83 -14.18 -30.46
CA LEU D 39 13.81 -13.39 -31.14
C LEU D 39 14.37 -12.13 -31.79
N ASP D 40 15.69 -12.00 -31.90
CA ASP D 40 16.37 -10.94 -32.63
C ASP D 40 16.84 -11.36 -34.02
N ASP D 41 16.47 -12.56 -34.44
CA ASP D 41 16.84 -13.18 -35.71
C ASP D 41 15.99 -12.70 -36.88
N PRO D 42 16.65 -12.20 -37.90
CA PRO D 42 15.93 -11.89 -39.16
C PRO D 42 15.20 -13.11 -39.76
N ASN D 43 15.80 -14.32 -39.69
CA ASN D 43 15.21 -15.55 -40.22
C ASN D 43 14.03 -16.07 -39.38
N LEU D 44 13.79 -15.53 -38.17
CA LEU D 44 12.78 -16.09 -37.29
C LEU D 44 11.38 -15.87 -37.87
N LYS D 45 10.58 -16.93 -37.94
CA LYS D 45 9.34 -16.75 -38.69
C LYS D 45 8.12 -17.22 -37.89
N ARG D 46 8.10 -18.38 -37.24
CA ARG D 46 6.88 -18.79 -36.52
C ARG D 46 7.11 -19.14 -35.08
N VAL D 47 6.19 -18.71 -34.24
CA VAL D 47 6.39 -18.90 -32.83
C VAL D 47 5.07 -19.48 -32.34
N VAL D 48 5.13 -20.30 -31.30
CA VAL D 48 3.96 -20.79 -30.60
C VAL D 48 4.12 -20.43 -29.14
N ASP D 49 3.13 -19.75 -28.58
CA ASP D 49 3.09 -19.36 -27.17
C ASP D 49 2.04 -20.24 -26.52
N LEU D 50 2.47 -21.15 -25.65
CA LEU D 50 1.58 -22.12 -25.02
C LEU D 50 1.18 -21.67 -23.62
N CYS D 51 -0.09 -21.88 -23.28
CA CYS D 51 -0.66 -21.43 -22.00
C CYS D 51 -0.46 -19.92 -21.86
N ALA D 52 -0.85 -19.18 -22.89
CA ALA D 52 -0.45 -17.78 -23.02
C ALA D 52 -1.24 -16.81 -22.16
N ALA D 53 -2.40 -17.19 -21.64
CA ALA D 53 -3.29 -16.25 -20.94
C ALA D 53 -2.61 -15.58 -19.76
N PRO D 54 -2.78 -14.26 -19.60
CA PRO D 54 -3.63 -13.38 -20.42
C PRO D 54 -2.97 -12.87 -21.72
N GLY D 55 -1.73 -13.23 -22.01
CA GLY D 55 -1.11 -12.94 -23.30
C GLY D 55 0.07 -11.97 -23.34
N SER D 56 0.73 -11.70 -22.22
CA SER D 56 1.80 -10.69 -22.23
C SER D 56 3.01 -11.19 -23.01
N TRP D 57 3.33 -12.49 -22.96
CA TRP D 57 4.41 -12.97 -23.82
C TRP D 57 4.03 -12.88 -25.29
N SER D 58 2.75 -13.02 -25.60
CA SER D 58 2.32 -12.93 -26.99
C SER D 58 2.37 -11.48 -27.48
N GLN D 59 2.13 -10.52 -26.59
CA GLN D 59 2.36 -9.13 -26.93
C GLN D 59 3.83 -8.91 -27.27
N VAL D 60 4.73 -9.41 -26.41
CA VAL D 60 6.17 -9.26 -26.65
C VAL D 60 6.52 -9.90 -27.98
N LEU D 61 5.96 -11.07 -28.26
CA LEU D 61 6.19 -11.71 -29.54
C LEU D 61 5.68 -10.83 -30.67
N SER D 62 4.55 -10.17 -30.45
CA SER D 62 3.98 -9.33 -31.51
C SER D 62 4.84 -8.10 -31.74
N ARG D 63 5.22 -7.43 -30.66
CA ARG D 63 6.00 -6.22 -30.76
C ARG D 63 7.37 -6.48 -31.38
N LYS D 64 8.01 -7.59 -31.00
CA LYS D 64 9.32 -7.88 -31.53
C LYS D 64 9.25 -8.28 -33.00
N LEU D 65 8.25 -9.10 -33.36
CA LEU D 65 8.18 -9.66 -34.71
C LEU D 65 7.51 -8.75 -35.74
N PHE D 66 6.75 -7.74 -35.31
CA PHE D 66 6.05 -6.93 -36.29
C PHE D 66 6.30 -5.44 -36.07
N ASP D 67 5.86 -4.89 -34.94
CA ASP D 67 6.05 -3.47 -34.67
C ASP D 67 7.51 -3.03 -34.77
N GLU D 68 8.46 -3.88 -34.40
CA GLU D 68 9.86 -3.49 -34.37
C GLU D 68 10.72 -4.21 -35.42
N SER D 69 10.12 -4.76 -36.48
CA SER D 69 10.94 -5.49 -37.44
C SER D 69 10.75 -4.97 -38.85
N PRO D 70 11.84 -4.82 -39.63
CA PRO D 70 11.74 -4.40 -41.03
C PRO D 70 10.72 -5.20 -41.82
N SER D 71 10.02 -4.51 -42.73
CA SER D 71 8.96 -5.13 -43.51
C SER D 71 9.45 -6.34 -44.29
N SER D 72 10.75 -6.39 -44.63
CA SER D 72 11.31 -7.55 -45.34
C SER D 72 11.50 -8.77 -44.42
N ASP D 73 11.49 -8.60 -43.10
CA ASP D 73 11.54 -9.77 -42.22
C ASP D 73 10.16 -10.21 -41.72
N LYS D 74 9.09 -9.49 -42.09
CA LYS D 74 7.71 -9.82 -41.72
C LYS D 74 6.99 -10.81 -42.64
N GLU D 75 7.62 -11.65 -43.47
CA GLU D 75 6.85 -12.43 -44.44
C GLU D 75 6.73 -13.86 -43.98
N ASP D 76 5.51 -14.35 -44.06
CA ASP D 76 5.09 -15.64 -43.57
C ASP D 76 5.25 -15.77 -42.07
N ARG D 77 5.58 -14.69 -41.35
CA ARG D 77 5.65 -14.73 -39.90
C ARG D 77 4.26 -14.94 -39.34
N LYS D 78 4.16 -15.85 -38.37
CA LYS D 78 2.86 -16.26 -37.84
C LYS D 78 3.00 -16.58 -36.36
N ILE D 79 2.16 -15.95 -35.53
CA ILE D 79 2.19 -16.15 -34.10
C ILE D 79 0.87 -16.80 -33.71
N VAL D 80 0.95 -17.99 -33.12
CA VAL D 80 -0.20 -18.68 -32.56
C VAL D 80 0.00 -18.79 -31.06
N SER D 81 -1.00 -18.37 -30.29
CA SER D 81 -0.97 -18.45 -28.84
C SER D 81 -2.17 -19.28 -28.38
N VAL D 82 -1.89 -20.27 -27.53
CA VAL D 82 -2.86 -21.28 -27.13
C VAL D 82 -3.10 -21.21 -25.63
N ASP D 83 -4.37 -21.24 -25.25
CA ASP D 83 -4.75 -21.39 -23.86
C ASP D 83 -6.18 -21.92 -23.84
N LEU D 84 -6.50 -22.75 -22.86
CA LEU D 84 -7.89 -23.17 -22.70
C LEU D 84 -8.74 -22.04 -22.16
N GLN D 85 -8.11 -21.04 -21.54
CA GLN D 85 -8.88 -19.87 -21.22
C GLN D 85 -8.99 -18.99 -22.46
N PRO D 86 -10.09 -18.26 -22.61
CA PRO D 86 -10.18 -17.30 -23.71
C PRO D 86 -9.29 -16.10 -23.43
N MET D 87 -8.73 -15.55 -24.51
CA MET D 87 -7.80 -14.45 -24.45
C MET D 87 -8.31 -13.28 -25.27
N SER D 88 -8.08 -12.06 -24.78
CA SER D 88 -8.38 -10.90 -25.59
C SER D 88 -7.44 -10.88 -26.81
N PRO D 89 -7.94 -10.50 -27.99
CA PRO D 89 -7.13 -10.62 -29.21
C PRO D 89 -5.92 -9.69 -29.20
N ILE D 90 -4.86 -10.14 -29.87
CA ILE D 90 -3.62 -9.38 -29.98
C ILE D 90 -3.27 -9.17 -31.45
N PRO D 91 -2.92 -7.95 -31.86
CA PRO D 91 -2.52 -7.71 -33.25
C PRO D 91 -1.43 -8.66 -33.71
N HIS D 92 -1.64 -9.27 -34.86
CA HIS D 92 -0.72 -10.20 -35.51
C HIS D 92 -0.58 -11.52 -34.76
N VAL D 93 -1.54 -11.88 -33.93
CA VAL D 93 -1.53 -13.14 -33.20
C VAL D 93 -2.85 -13.86 -33.44
N THR D 94 -2.77 -15.13 -33.85
CA THR D 94 -3.94 -15.98 -33.89
C THR D 94 -4.05 -16.68 -32.53
N THR D 95 -5.12 -16.39 -31.80
CA THR D 95 -5.32 -16.95 -30.48
C THR D 95 -6.26 -18.15 -30.59
N LEU D 96 -5.79 -19.31 -30.13
CA LEU D 96 -6.56 -20.55 -30.13
C LEU D 96 -6.99 -20.85 -28.71
N GLN D 97 -8.28 -21.12 -28.52
CA GLN D 97 -8.81 -21.55 -27.24
C GLN D 97 -8.94 -23.06 -27.33
N ALA D 98 -7.88 -23.75 -26.93
CA ALA D 98 -7.82 -25.18 -27.12
C ALA D 98 -6.94 -25.79 -26.05
N ASP D 99 -6.99 -27.12 -25.97
CA ASP D 99 -6.20 -27.87 -25.02
C ASP D 99 -4.94 -28.34 -25.71
N ILE D 100 -3.80 -28.11 -25.07
CA ILE D 100 -2.55 -28.50 -25.67
C ILE D 100 -2.44 -30.01 -25.84
N THR D 101 -3.39 -30.80 -25.33
CA THR D 101 -3.32 -32.25 -25.56
C THR D 101 -4.26 -32.78 -26.66
N HIS D 102 -5.35 -32.01 -27.04
CA HIS D 102 -6.53 -32.41 -27.80
C HIS D 102 -6.19 -32.49 -29.29
N PRO D 103 -7.23 -32.56 -30.18
CA PRO D 103 -7.17 -33.43 -31.41
C PRO D 103 -6.33 -32.92 -32.54
N LYS D 104 -7.01 -32.07 -33.25
CA LYS D 104 -6.59 -31.16 -34.25
C LYS D 104 -5.79 -30.05 -33.64
N THR D 105 -5.75 -29.93 -32.31
CA THR D 105 -5.01 -28.79 -31.85
C THR D 105 -3.54 -28.92 -32.17
N LEU D 106 -3.01 -30.14 -32.33
CA LEU D 106 -1.78 -29.80 -33.04
C LEU D 106 -2.04 -29.79 -34.54
N ALA D 107 -3.02 -30.56 -35.03
CA ALA D 107 -3.38 -30.49 -36.46
C ALA D 107 -3.81 -29.07 -36.84
N ARG D 108 -4.60 -28.42 -35.98
CA ARG D 108 -5.03 -27.07 -36.30
C ARG D 108 -3.83 -26.13 -36.26
N ILE D 109 -2.97 -26.27 -35.25
CA ILE D 109 -1.79 -25.42 -35.18
C ILE D 109 -0.92 -25.54 -36.44
N LEU D 110 -0.60 -26.76 -36.91
CA LEU D 110 0.18 -26.88 -38.15
C LEU D 110 -0.51 -26.20 -39.32
N LYS D 111 -1.83 -26.38 -39.44
CA LYS D 111 -2.53 -25.81 -40.60
C LYS D 111 -2.29 -24.31 -40.70
N LEU D 112 -2.28 -23.61 -39.56
CA LEU D 112 -2.04 -22.17 -39.60
C LEU D 112 -0.63 -21.81 -40.02
N PHE D 113 0.29 -22.75 -39.99
CA PHE D 113 1.53 -22.62 -40.74
C PHE D 113 1.40 -23.40 -42.05
N GLY D 114 2.33 -23.20 -42.96
CA GLY D 114 2.23 -23.94 -44.21
C GLY D 114 2.59 -25.41 -44.03
N ASN D 115 1.98 -26.06 -43.02
CA ASN D 115 2.42 -27.36 -42.46
C ASN D 115 3.89 -27.42 -42.22
N GLU D 116 4.40 -26.34 -41.75
CA GLU D 116 5.79 -26.23 -41.43
C GLU D 116 6.00 -26.14 -39.92
N LYS D 117 7.17 -26.63 -39.52
CA LYS D 117 7.54 -26.61 -38.12
C LYS D 117 7.83 -25.19 -37.65
N ALA D 118 7.57 -24.98 -36.36
CA ALA D 118 7.74 -23.70 -35.72
C ALA D 118 9.21 -23.44 -35.47
N ASP D 119 9.61 -22.18 -35.60
CA ASP D 119 10.98 -21.81 -35.26
C ASP D 119 11.23 -21.98 -33.76
N PHE D 120 10.22 -21.74 -32.94
CA PHE D 120 10.41 -21.53 -31.51
C PHE D 120 9.07 -21.60 -30.81
N VAL D 121 9.02 -22.33 -29.69
CA VAL D 121 7.83 -22.51 -28.87
C VAL D 121 8.18 -22.06 -27.44
N CYS D 122 7.33 -21.21 -26.87
CA CYS D 122 7.54 -20.74 -25.51
C CYS D 122 6.30 -21.05 -24.67
N SER D 123 6.52 -21.17 -23.36
CA SER D 123 5.42 -21.34 -22.42
C SER D 123 5.80 -20.69 -21.10
N ASP D 124 4.97 -19.77 -20.64
CA ASP D 124 5.14 -19.14 -19.33
C ASP D 124 4.07 -19.58 -18.35
N GLY D 125 3.44 -20.71 -18.62
CA GLY D 125 2.32 -21.15 -17.81
C GLY D 125 2.76 -21.69 -16.46
N ALA D 126 1.97 -21.37 -15.44
CA ALA D 126 2.09 -21.99 -14.13
C ALA D 126 0.79 -21.79 -13.36
N PRO D 127 0.29 -22.85 -12.73
CA PRO D 127 -0.85 -22.69 -11.83
C PRO D 127 -0.44 -21.89 -10.61
N ASP D 128 -1.45 -21.33 -9.94
CA ASP D 128 -1.22 -20.65 -8.66
C ASP D 128 -0.66 -21.64 -7.67
N VAL D 129 0.42 -21.26 -6.99
CA VAL D 129 1.02 -22.18 -6.04
C VAL D 129 0.10 -22.37 -4.84
N THR D 130 0.11 -23.58 -4.29
CA THR D 130 -0.65 -23.87 -3.08
C THR D 130 0.13 -23.58 -1.82
N GLY D 131 1.45 -23.58 -1.90
CA GLY D 131 2.27 -23.54 -0.71
C GLY D 131 2.79 -24.91 -0.32
N LEU D 132 2.25 -25.96 -0.93
CA LEU D 132 2.77 -27.32 -0.76
C LEU D 132 3.80 -27.53 -1.86
N HIS D 133 5.08 -27.42 -1.50
CA HIS D 133 6.12 -27.35 -2.53
C HIS D 133 6.19 -28.63 -3.37
N ASP D 134 6.09 -29.82 -2.74
CA ASP D 134 6.19 -31.04 -3.54
C ASP D 134 5.04 -31.11 -4.53
N LEU D 135 3.84 -30.74 -4.12
CA LEU D 135 2.74 -30.69 -5.06
C LEU D 135 2.98 -29.63 -6.14
N ASP D 136 3.40 -28.42 -5.73
CA ASP D 136 3.56 -27.34 -6.69
C ASP D 136 4.59 -27.70 -7.76
N GLU D 137 5.71 -28.31 -7.33
CA GLU D 137 6.75 -28.68 -8.27
C GLU D 137 6.29 -29.80 -9.21
N TYR D 138 5.59 -30.80 -8.66
CA TYR D 138 5.13 -31.90 -9.51
C TYR D 138 4.15 -31.40 -10.56
N VAL D 139 3.19 -30.58 -10.14
CA VAL D 139 2.23 -30.01 -11.06
C VAL D 139 2.94 -29.20 -12.15
N GLN D 140 3.98 -28.44 -11.78
CA GLN D 140 4.73 -27.70 -12.78
C GLN D 140 5.44 -28.65 -13.76
N GLN D 141 6.01 -29.75 -13.24
CA GLN D 141 6.59 -30.75 -14.14
C GLN D 141 5.54 -31.33 -15.07
N GLN D 142 4.32 -31.50 -14.57
CA GLN D 142 3.21 -31.98 -15.40
C GLN D 142 2.99 -31.05 -16.58
N LEU D 143 2.80 -29.75 -16.31
CA LEU D 143 2.58 -28.77 -17.37
C LEU D 143 3.71 -28.79 -18.40
N ILE D 144 4.94 -28.89 -17.94
CA ILE D 144 6.06 -28.88 -18.88
C ILE D 144 6.02 -30.11 -19.76
N MET D 145 5.76 -31.28 -19.17
CA MET D 145 5.70 -32.53 -19.94
C MET D 145 4.63 -32.44 -21.02
N SER D 146 3.39 -32.12 -20.64
CA SER D 146 2.32 -32.05 -21.63
C SER D 146 2.62 -30.98 -22.68
N ALA D 147 3.18 -29.83 -22.27
CA ALA D 147 3.66 -28.85 -23.23
C ALA D 147 4.75 -29.45 -24.10
N LEU D 148 5.60 -30.30 -23.51
CA LEU D 148 6.67 -30.91 -24.30
C LEU D 148 6.15 -31.78 -25.43
N GLN D 149 4.93 -32.29 -25.34
CA GLN D 149 4.52 -33.22 -26.39
C GLN D 149 4.13 -32.49 -27.68
N LEU D 150 3.60 -31.27 -27.58
CA LEU D 150 3.41 -30.50 -28.82
C LEU D 150 4.73 -30.01 -29.35
N THR D 151 5.56 -29.49 -28.45
CA THR D 151 6.87 -29.04 -28.88
C THR D 151 7.66 -30.19 -29.50
N ALA D 152 7.37 -31.44 -29.08
CA ALA D 152 8.03 -32.60 -29.66
C ALA D 152 7.86 -32.64 -31.18
N CYS D 153 6.67 -32.30 -31.66
CA CYS D 153 6.34 -32.35 -33.09
C CYS D 153 6.61 -30.99 -33.75
N ILE D 154 5.73 -30.01 -33.48
CA ILE D 154 5.70 -28.73 -34.19
C ILE D 154 7.04 -28.01 -34.19
N LEU D 155 7.91 -28.32 -33.24
CA LEU D 155 9.16 -27.60 -33.20
C LEU D 155 10.05 -28.08 -34.34
N LYS D 156 10.63 -27.12 -35.06
CA LYS D 156 11.60 -27.41 -36.09
C LYS D 156 12.85 -28.01 -35.48
N LYS D 157 13.36 -29.05 -36.12
CA LYS D 157 14.64 -29.63 -35.73
C LYS D 157 15.68 -28.52 -35.59
N GLY D 158 16.31 -28.43 -34.42
CA GLY D 158 17.24 -27.36 -34.16
C GLY D 158 16.62 -26.07 -33.67
N GLY D 159 15.36 -26.08 -33.25
CA GLY D 159 14.67 -24.87 -32.79
C GLY D 159 14.50 -24.84 -31.28
N THR D 160 14.54 -23.63 -30.72
CA THR D 160 14.55 -23.47 -29.28
C THR D 160 13.15 -23.61 -28.69
N PHE D 161 13.08 -24.15 -27.46
CA PHE D 161 11.86 -24.29 -26.66
C PHE D 161 12.12 -23.70 -25.27
N VAL D 162 11.23 -22.80 -24.85
CA VAL D 162 11.39 -22.04 -23.60
C VAL D 162 10.19 -22.32 -22.71
N ALA D 163 10.46 -22.59 -21.42
CA ALA D 163 9.42 -22.94 -20.48
C ALA D 163 9.78 -22.45 -19.10
N LYS D 164 8.75 -22.08 -18.33
CA LYS D 164 8.92 -21.72 -16.94
C LYS D 164 8.96 -22.96 -16.08
N ILE D 165 9.91 -23.02 -15.15
CA ILE D 165 10.08 -24.16 -14.25
C ILE D 165 10.00 -23.72 -12.81
N PHE D 166 9.76 -24.71 -11.96
CA PHE D 166 9.83 -24.61 -10.51
C PHE D 166 11.19 -25.20 -10.14
N ARG D 167 12.14 -24.34 -9.82
CA ARG D 167 13.55 -24.73 -9.68
C ARG D 167 13.85 -25.30 -8.29
N GLY D 168 13.12 -26.37 -7.92
CA GLY D 168 13.16 -26.95 -6.57
C GLY D 168 13.90 -28.28 -6.46
N ARG D 169 13.36 -29.17 -5.63
CA ARG D 169 14.06 -30.38 -5.21
C ARG D 169 14.31 -31.36 -6.36
N ASP D 170 13.35 -31.50 -7.29
CA ASP D 170 13.42 -32.52 -8.33
C ASP D 170 13.73 -31.95 -9.71
N ILE D 171 14.25 -30.72 -9.78
CA ILE D 171 14.48 -30.11 -11.09
C ILE D 171 15.51 -30.92 -11.87
N ASP D 172 16.50 -31.48 -11.19
CA ASP D 172 17.55 -32.20 -11.91
C ASP D 172 17.02 -33.44 -12.63
N MET D 173 15.88 -33.99 -12.21
CA MET D 173 15.24 -35.05 -13.00
C MET D 173 14.75 -34.52 -14.34
N LEU D 174 14.04 -33.37 -14.31
CA LEU D 174 13.55 -32.78 -15.54
C LEU D 174 14.69 -32.52 -16.50
N TYR D 175 15.85 -32.11 -15.98
CA TYR D 175 17.00 -31.85 -16.84
C TYR D 175 17.46 -33.12 -17.58
N SER D 176 17.43 -34.28 -16.91
CA SER D 176 17.88 -35.53 -17.52
C SER D 176 16.90 -35.94 -18.58
N GLN D 177 15.64 -35.96 -18.14
CA GLN D 177 14.52 -36.30 -18.97
C GLN D 177 14.51 -35.47 -20.22
N LEU D 178 15.11 -34.28 -20.16
CA LEU D 178 15.21 -33.44 -21.33
C LEU D 178 16.58 -33.55 -22.00
N GLY D 179 17.50 -34.34 -21.46
CA GLY D 179 18.80 -34.48 -22.11
C GLY D 179 18.68 -35.14 -23.46
N TYR D 180 17.76 -36.11 -23.57
CA TYR D 180 17.60 -36.87 -24.80
C TYR D 180 17.23 -35.99 -25.99
N LEU D 181 16.71 -34.78 -25.74
CA LEU D 181 16.07 -34.00 -26.80
C LEU D 181 16.70 -32.66 -27.12
N PHE D 182 17.81 -32.26 -26.50
CA PHE D 182 18.33 -30.93 -26.82
C PHE D 182 19.84 -30.89 -26.82
N ASP D 183 20.37 -29.96 -27.63
CA ASP D 183 21.82 -29.76 -27.74
C ASP D 183 22.38 -29.13 -26.47
N LYS D 184 21.81 -28.01 -26.05
CA LYS D 184 22.28 -27.30 -24.87
C LYS D 184 21.06 -26.92 -24.06
N ILE D 185 20.96 -27.48 -22.86
CA ILE D 185 19.88 -27.18 -21.94
C ILE D 185 20.37 -26.15 -20.95
N VAL D 186 19.63 -25.06 -20.86
CA VAL D 186 20.02 -23.91 -20.09
C VAL D 186 18.91 -23.64 -19.06
N CYS D 187 19.29 -22.94 -18.00
CA CYS D 187 18.39 -22.58 -16.94
C CYS D 187 18.71 -21.15 -16.59
N ALA D 188 17.68 -20.31 -16.47
CA ALA D 188 17.90 -18.88 -16.31
C ALA D 188 16.86 -18.22 -15.42
N LYS D 189 17.29 -17.56 -14.39
CA LYS D 189 16.40 -16.50 -13.97
C LYS D 189 16.62 -15.29 -14.88
N PRO D 190 15.57 -14.50 -15.12
CA PRO D 190 15.78 -13.13 -15.56
C PRO D 190 16.01 -12.30 -14.33
N ARG D 191 15.65 -11.03 -14.38
CA ARG D 191 15.81 -10.13 -13.25
C ARG D 191 14.49 -9.52 -12.80
N SER D 192 13.48 -9.55 -13.66
CA SER D 192 12.10 -9.33 -13.26
C SER D 192 11.47 -10.54 -12.57
N SER D 193 12.21 -11.63 -12.43
CA SER D 193 11.72 -12.77 -11.65
C SER D 193 11.95 -12.51 -10.17
N ARG D 194 10.84 -12.39 -9.42
CA ARG D 194 10.87 -12.05 -8.00
C ARG D 194 11.82 -12.97 -7.22
N GLY D 195 12.69 -12.37 -6.41
CA GLY D 195 13.57 -13.14 -5.54
C GLY D 195 12.83 -14.13 -4.66
N THR D 196 11.59 -13.81 -4.27
CA THR D 196 10.73 -14.63 -3.42
C THR D 196 10.03 -15.76 -4.18
N SER D 197 10.38 -16.01 -5.44
CA SER D 197 9.81 -17.09 -6.23
C SER D 197 10.88 -18.12 -6.54
N LEU D 198 10.48 -19.39 -6.54
CA LEU D 198 11.34 -20.50 -6.96
C LEU D 198 11.43 -20.61 -8.48
N GLU D 199 11.09 -19.51 -9.17
CA GLU D 199 10.91 -19.48 -10.59
C GLU D 199 12.25 -19.50 -11.31
N ALA D 200 12.23 -20.12 -12.49
CA ALA D 200 13.35 -20.04 -13.41
C ALA D 200 12.81 -20.42 -14.77
N PHE D 201 13.67 -20.38 -15.77
CA PHE D 201 13.26 -20.71 -17.11
C PHE D 201 14.26 -21.68 -17.68
N ILE D 202 13.75 -22.69 -18.34
CA ILE D 202 14.56 -23.70 -18.99
C ILE D 202 14.59 -23.31 -20.46
N VAL D 203 15.73 -22.76 -20.89
CA VAL D 203 15.89 -22.24 -22.25
C VAL D 203 16.58 -23.33 -23.04
N CYS D 204 15.79 -24.16 -23.72
CA CYS D 204 16.33 -25.31 -24.44
C CYS D 204 16.72 -24.88 -25.84
N LEU D 205 18.03 -24.91 -26.13
CA LEU D 205 18.55 -24.50 -27.43
C LEU D 205 18.88 -25.71 -28.30
N GLY D 206 18.71 -25.53 -29.61
CA GLY D 206 19.01 -26.56 -30.58
C GLY D 206 18.21 -27.84 -30.41
N TYR D 207 16.98 -27.87 -30.89
CA TYR D 207 16.16 -29.08 -30.81
C TYR D 207 16.86 -30.23 -31.53
N ASN D 208 17.14 -31.30 -30.78
CA ASN D 208 17.86 -32.48 -31.23
C ASN D 208 16.87 -33.65 -31.49
N PRO D 209 17.29 -34.91 -31.67
CA PRO D 209 16.35 -35.89 -32.22
C PRO D 209 15.37 -36.37 -31.16
N PRO D 210 14.05 -36.22 -31.40
CA PRO D 210 13.07 -36.91 -30.56
C PRO D 210 12.96 -38.38 -30.95
N SER D 211 11.97 -39.08 -30.41
CA SER D 211 11.83 -40.51 -30.62
C SER D 211 11.31 -40.93 -32.01
N ASN D 212 10.87 -42.18 -32.08
CA ASN D 212 10.47 -42.83 -33.30
C ASN D 212 9.42 -43.90 -33.03
N ASN D 233 -6.69 -41.08 -22.40
CA ASN D 233 -6.45 -41.93 -21.23
C ASN D 233 -5.58 -43.14 -21.55
N LYS D 234 -4.29 -42.92 -21.80
CA LYS D 234 -3.33 -44.02 -21.97
C LYS D 234 -1.93 -43.40 -21.92
N LEU D 235 -0.95 -44.15 -22.43
CA LEU D 235 0.46 -43.80 -22.37
C LEU D 235 0.76 -42.40 -22.91
N CYS D 236 1.48 -41.60 -22.12
CA CYS D 236 1.86 -40.22 -22.44
C CYS D 236 3.36 -40.00 -22.26
N ILE D 237 3.83 -38.81 -22.64
CA ILE D 237 5.26 -38.51 -22.63
C ILE D 237 5.86 -38.61 -21.23
N SER D 238 5.09 -38.19 -20.21
CA SER D 238 5.62 -38.23 -18.85
C SER D 238 5.89 -39.66 -18.42
N ASP D 239 5.02 -40.60 -18.80
CA ASP D 239 5.30 -42.01 -18.54
C ASP D 239 6.32 -42.58 -19.51
N LYS D 240 6.46 -42.02 -20.72
CA LYS D 240 7.52 -42.52 -21.59
C LYS D 240 8.89 -41.91 -21.24
N LEU D 241 8.91 -40.69 -20.71
CA LEU D 241 10.16 -40.14 -20.18
C LEU D 241 10.48 -40.70 -18.80
N SER D 242 9.44 -41.01 -18.00
CA SER D 242 9.64 -41.78 -16.79
C SER D 242 10.10 -43.21 -17.10
N HIS D 243 9.70 -43.73 -18.27
CA HIS D 243 10.11 -45.08 -18.67
C HIS D 243 11.62 -45.17 -18.83
N TRP D 244 12.21 -44.28 -19.65
CA TRP D 244 13.62 -44.34 -19.99
C TRP D 244 14.52 -43.77 -18.90
N ASN D 245 14.25 -42.53 -18.50
CA ASN D 245 15.03 -41.77 -17.52
C ASN D 245 15.49 -42.47 -16.26
N GLU D 246 14.77 -43.48 -15.83
CA GLU D 246 14.15 -43.30 -14.55
C GLU D 246 14.93 -43.34 -13.23
N GLU D 247 14.51 -42.36 -12.42
CA GLU D 247 15.07 -41.99 -11.11
C GLU D 247 16.51 -41.48 -11.22
N GLU D 248 16.84 -40.81 -12.33
CA GLU D 248 18.17 -40.25 -12.56
C GLU D 248 18.06 -38.73 -12.63
N ARG D 249 19.13 -38.06 -12.19
CA ARG D 249 19.18 -36.60 -12.14
C ARG D 249 20.50 -36.10 -12.71
N ASN D 250 20.40 -35.05 -13.54
CA ASN D 250 21.54 -34.31 -14.09
C ASN D 250 21.34 -32.83 -13.83
N ILE D 251 22.44 -32.09 -13.89
CA ILE D 251 22.45 -30.65 -13.66
C ILE D 251 22.63 -29.94 -15.00
N ALA D 252 21.62 -29.15 -15.38
CA ALA D 252 21.69 -28.34 -16.58
C ALA D 252 22.68 -27.18 -16.39
N GLU D 253 23.17 -26.67 -17.51
CA GLU D 253 24.00 -25.48 -17.49
C GLU D 253 23.18 -24.29 -17.01
N PHE D 254 23.83 -23.35 -16.33
CA PHE D 254 23.11 -22.16 -15.88
C PHE D 254 23.54 -20.93 -16.70
N MET D 255 22.59 -20.01 -16.87
CA MET D 255 22.75 -18.82 -17.71
C MET D 255 21.86 -17.70 -17.17
N ALA D 256 22.46 -16.62 -16.68
CA ALA D 256 21.75 -15.37 -16.50
C ALA D 256 21.46 -14.75 -17.86
N CYS D 257 20.43 -13.91 -17.93
CA CYS D 257 19.88 -13.60 -19.25
C CYS D 257 19.94 -12.13 -19.66
N GLY D 258 19.54 -11.21 -18.80
CA GLY D 258 19.50 -9.80 -19.15
C GLY D 258 20.86 -9.14 -19.07
N SER D 259 20.84 -7.82 -19.16
CA SER D 259 22.01 -7.01 -18.92
C SER D 259 22.09 -6.64 -17.45
#